data_5SV1
#
_entry.id   5SV1
#
_cell.length_a   104.942
_cell.length_b   196.748
_cell.length_c   210.599
_cell.angle_alpha   90.00
_cell.angle_beta   90.00
_cell.angle_gamma   90.00
#
_symmetry.space_group_name_H-M   'P 21 21 21'
#
loop_
_entity.id
_entity.type
_entity.pdbx_description
1 polymer 'Biopolymer transport protein ExbB'
2 polymer 'Biopolymer transport protein ExbD'
3 non-polymer 'MERCURY (II) ION'
#
loop_
_entity_poly.entity_id
_entity_poly.type
_entity_poly.pdbx_seq_one_letter_code
_entity_poly.pdbx_strand_id
1 'polypeptide(L)'
;MGNNLMQTDLSVWGMYQHADIVVKCVMIGLILASVVTWAIFFSKSVEFFNQKRRLKREQQLLAEARSLNQANDIAADFGS
KSLSLHLLNEAQNELELSEGSDDNEGI(MLY)ERTSFRLERRVAAVGRQMGRGNGYLATIGAISPFVGLFGTVWGIMNSF
IGIAQTQTTNLAVVAPGIAEALLATAIGLVAAIPAVVIYNVFARQIGGFKAMLGDVAAQVLLLQSRDLDLEASAAAHPVR
VAQKLRAG
;
A,B,C,D,E,F,G,H,I,J
2 'polypeptide(L)' MAMHLNENLDDNGEMHDINVTPFIDVMLVLLIIFMVAAPLATVDVKVNLGGGENLYFQ Y,Z
#
# COMPACT_ATOMS: atom_id res chain seq x y z
N SER A 11 -10.54 27.02 -5.52
CA SER A 11 -10.65 26.53 -4.15
C SER A 11 -9.78 25.29 -3.95
N VAL A 12 -9.00 25.29 -2.86
CA VAL A 12 -8.17 24.13 -2.53
C VAL A 12 -9.03 22.89 -2.43
N TRP A 13 -10.16 22.99 -1.72
CA TRP A 13 -11.10 21.87 -1.64
C TRP A 13 -11.64 21.53 -3.02
N GLY A 14 -11.90 22.54 -3.85
CA GLY A 14 -12.37 22.28 -5.19
C GLY A 14 -11.29 21.71 -6.08
N MET A 15 -10.07 22.25 -5.98
CA MET A 15 -8.95 21.66 -6.69
C MET A 15 -8.83 20.17 -6.39
N TYR A 16 -8.81 19.83 -5.11
CA TYR A 16 -8.76 18.43 -4.70
C TYR A 16 -9.95 17.65 -5.27
N GLN A 17 -11.16 18.20 -5.14
CA GLN A 17 -12.35 17.53 -5.64
C GLN A 17 -12.38 17.38 -7.15
N HIS A 18 -11.44 18.00 -7.85
CA HIS A 18 -11.36 17.89 -9.30
C HIS A 18 -10.46 16.76 -9.79
N ALA A 19 -9.80 16.03 -8.89
CA ALA A 19 -8.71 15.19 -9.36
C ALA A 19 -9.15 13.82 -9.83
N ASP A 20 -9.22 12.86 -8.92
CA ASP A 20 -9.45 11.45 -9.25
C ASP A 20 -9.17 10.66 -7.98
N ILE A 21 -9.50 9.38 -7.91
CA ILE A 21 -9.20 8.66 -6.67
C ILE A 21 -7.74 8.22 -6.62
N VAL A 22 -7.16 7.89 -7.78
CA VAL A 22 -5.75 7.51 -7.82
C VAL A 22 -4.84 8.69 -7.46
N VAL A 23 -5.06 9.84 -8.09
CA VAL A 23 -4.22 10.99 -7.76
C VAL A 23 -4.41 11.33 -6.29
N LYS A 24 -5.55 10.97 -5.72
CA LYS A 24 -5.77 11.21 -4.30
C LYS A 24 -4.81 10.38 -3.47
N CYS A 25 -4.71 9.07 -3.76
CA CYS A 25 -3.69 8.23 -3.12
C CYS A 25 -2.29 8.81 -3.30
N VAL A 26 -2.01 9.38 -4.46
CA VAL A 26 -0.68 9.95 -4.65
C VAL A 26 -0.44 11.09 -3.68
N MET A 27 -1.43 11.98 -3.52
CA MET A 27 -1.24 13.13 -2.65
C MET A 27 -1.21 12.74 -1.17
N ILE A 28 -2.15 11.92 -0.72
CA ILE A 28 -2.12 11.53 0.69
C ILE A 28 -0.87 10.70 0.97
N GLY A 29 -0.47 9.86 0.01
CA GLY A 29 0.75 9.09 0.17
C GLY A 29 1.97 9.97 0.33
N LEU A 30 2.11 10.98 -0.52
CA LEU A 30 3.26 11.87 -0.42
C LEU A 30 3.24 12.67 0.87
N ILE A 31 2.05 13.07 1.33
CA ILE A 31 1.97 13.80 2.59
C ILE A 31 2.39 12.92 3.76
N LEU A 32 1.95 11.65 3.77
CA LEU A 32 2.39 10.71 4.78
C LEU A 32 3.91 10.52 4.75
N ALA A 33 4.46 10.28 3.56
CA ALA A 33 5.91 10.12 3.43
C ALA A 33 6.66 11.32 3.98
N SER A 34 6.16 12.53 3.71
CA SER A 34 6.81 13.70 4.29
C SER A 34 6.71 13.68 5.80
N VAL A 35 5.57 13.23 6.33
CA VAL A 35 5.42 13.13 7.78
C VAL A 35 6.46 12.19 8.37
N VAL A 36 6.60 10.99 7.82
CA VAL A 36 7.57 10.04 8.36
C VAL A 36 9.00 10.58 8.26
N THR A 37 9.37 11.21 7.14
CA THR A 37 10.71 11.75 7.06
C THR A 37 10.95 12.74 8.20
N TRP A 38 9.97 13.59 8.49
CA TRP A 38 10.24 14.55 9.56
C TRP A 38 10.29 13.88 10.93
N ALA A 39 9.49 12.84 11.13
CA ALA A 39 9.60 12.08 12.38
C ALA A 39 11.00 11.49 12.55
N ILE A 40 11.47 10.77 11.52
CA ILE A 40 12.83 10.23 11.54
C ILE A 40 13.84 11.33 11.87
N PHE A 41 13.71 12.48 11.21
CA PHE A 41 14.66 13.56 11.42
C PHE A 41 14.73 13.93 12.89
N PHE A 42 13.57 14.15 13.51
CA PHE A 42 13.62 14.62 14.90
C PHE A 42 14.14 13.53 15.83
N SER A 43 13.61 12.30 15.73
CA SER A 43 14.01 11.25 16.65
C SER A 43 15.49 10.92 16.53
N LYS A 44 15.93 10.47 15.35
CA LYS A 44 17.33 10.12 15.20
C LYS A 44 18.23 11.33 15.34
N SER A 45 17.70 12.54 15.16
CA SER A 45 18.52 13.73 15.35
C SER A 45 18.83 13.96 16.83
N VAL A 46 17.82 13.92 17.69
CA VAL A 46 18.11 14.10 19.11
C VAL A 46 19.02 12.98 19.62
N GLU A 47 18.70 11.73 19.23
CA GLU A 47 19.54 10.61 19.66
C GLU A 47 20.99 10.84 19.24
N PHE A 48 21.19 11.23 17.99
CA PHE A 48 22.55 11.37 17.48
C PHE A 48 23.30 12.52 18.13
N PHE A 49 22.64 13.66 18.36
CA PHE A 49 23.34 14.74 19.05
C PHE A 49 23.75 14.32 20.45
N ASN A 50 22.86 13.66 21.19
CA ASN A 50 23.21 13.19 22.51
C ASN A 50 24.47 12.31 22.47
N GLN A 51 24.42 11.26 21.64
CA GLN A 51 25.55 10.33 21.60
C GLN A 51 26.84 11.03 21.14
N LYS A 52 26.74 11.97 20.21
CA LYS A 52 27.93 12.67 19.74
C LYS A 52 28.56 13.52 20.84
N ARG A 53 27.76 14.33 21.52
CA ARG A 53 28.32 15.15 22.59
C ARG A 53 28.96 14.28 23.67
N ARG A 54 28.29 13.18 24.02
CA ARG A 54 28.88 12.25 24.99
C ARG A 54 30.26 11.79 24.52
N LEU A 55 30.35 11.34 23.26
CA LEU A 55 31.62 10.83 22.76
C LEU A 55 32.71 11.91 22.76
N LYS A 56 32.36 13.14 22.38
CA LYS A 56 33.35 14.21 22.39
C LYS A 56 33.88 14.45 23.80
N ARG A 57 32.98 14.46 24.78
CA ARG A 57 33.42 14.57 26.17
C ARG A 57 34.42 13.45 26.50
N GLU A 58 34.06 12.21 26.18
CA GLU A 58 34.93 11.11 26.56
C GLU A 58 36.28 11.19 25.86
N GLN A 59 36.31 11.57 24.58
CA GLN A 59 37.61 11.67 23.91
C GLN A 59 38.46 12.75 24.56
N GLN A 60 37.85 13.89 24.86
CA GLN A 60 38.60 14.96 25.52
C GLN A 60 39.19 14.48 26.84
N LEU A 61 38.46 13.64 27.58
CA LEU A 61 39.03 13.11 28.82
C LEU A 61 40.15 12.11 28.57
N LEU A 62 39.91 11.13 27.69
CA LEU A 62 40.90 10.06 27.49
C LEU A 62 42.16 10.50 26.78
N ALA A 63 42.20 11.71 26.22
CA ALA A 63 43.43 12.13 25.54
C ALA A 63 44.61 12.31 26.49
N GLU A 64 44.37 12.42 27.79
CA GLU A 64 45.44 12.69 28.75
C GLU A 64 46.04 11.43 29.38
N ALA A 65 45.56 10.24 29.05
CA ALA A 65 46.01 9.01 29.73
C ALA A 65 47.37 8.60 29.20
N ARG A 66 48.40 8.66 30.05
CA ARG A 66 49.72 8.19 29.64
C ARG A 66 49.86 6.67 29.61
N SER A 67 48.89 5.88 30.06
CA SER A 67 49.04 4.44 30.01
C SER A 67 47.69 3.80 29.80
N LEU A 68 47.64 2.47 29.89
CA LEU A 68 46.37 1.76 29.83
C LEU A 68 45.69 1.65 31.19
N ASN A 69 46.47 1.51 32.25
CA ASN A 69 45.87 1.56 33.59
C ASN A 69 45.30 2.94 33.87
N GLN A 70 46.03 3.98 33.46
CA GLN A 70 45.53 5.34 33.60
C GLN A 70 44.28 5.56 32.78
N ALA A 71 44.18 4.93 31.61
CA ALA A 71 42.98 5.05 30.79
C ALA A 71 41.80 4.33 31.43
N ASN A 72 42.00 3.08 31.85
CA ASN A 72 40.92 2.36 32.53
C ASN A 72 40.48 3.10 33.79
N ASP A 73 41.38 3.86 34.40
CA ASP A 73 41.02 4.63 35.59
C ASP A 73 40.24 5.89 35.25
N ILE A 74 40.67 6.63 34.22
CA ILE A 74 39.98 7.85 33.83
C ILE A 74 38.58 7.53 33.32
N ALA A 75 38.41 6.37 32.72
CA ALA A 75 37.16 5.95 32.12
C ALA A 75 36.25 5.21 33.09
N ALA A 76 36.52 5.29 34.40
CA ALA A 76 35.81 4.47 35.38
C ALA A 76 34.29 4.54 35.16
N ASP A 77 33.72 5.73 35.20
CA ASP A 77 32.40 5.98 34.60
C ASP A 77 32.23 7.47 34.32
N PHE A 78 31.60 7.92 33.21
CA PHE A 78 31.38 7.25 31.91
C PHE A 78 30.18 6.32 31.93
N GLY A 79 29.64 6.11 33.12
CA GLY A 79 28.47 5.25 33.27
C GLY A 79 28.71 3.89 32.67
N SER A 80 27.76 3.43 31.84
CA SER A 80 27.79 2.07 31.31
C SER A 80 27.71 2.05 29.79
N LYS A 81 26.55 2.37 29.21
CA LYS A 81 26.32 2.21 27.79
C LYS A 81 27.32 2.97 26.94
N SER A 82 28.23 3.71 27.56
CA SER A 82 29.24 4.44 26.82
C SER A 82 30.01 3.53 25.87
N LEU A 83 30.46 4.11 24.75
CA LEU A 83 31.21 3.34 23.77
C LEU A 83 32.66 3.12 24.20
N SER A 84 33.31 4.15 24.75
CA SER A 84 34.71 4.01 25.14
C SER A 84 34.89 2.93 26.20
N LEU A 85 33.96 2.83 27.14
CA LEU A 85 34.05 1.74 28.10
C LEU A 85 33.92 0.40 27.42
N HIS A 86 33.15 0.31 26.34
CA HIS A 86 33.02 -0.94 25.61
C HIS A 86 34.31 -1.30 24.89
N LEU A 87 34.98 -0.31 24.30
CA LEU A 87 36.25 -0.58 23.63
C LEU A 87 37.32 -1.00 24.62
N LEU A 88 37.51 -0.21 25.68
CA LEU A 88 38.47 -0.58 26.71
C LEU A 88 38.17 -1.97 27.25
N ASN A 89 36.89 -2.29 27.45
CA ASN A 89 36.55 -3.62 27.92
C ASN A 89 36.89 -4.69 26.90
N GLU A 90 36.82 -4.39 25.61
CA GLU A 90 37.20 -5.41 24.64
C GLU A 90 38.70 -5.67 24.68
N ALA A 91 39.49 -4.60 24.77
CA ALA A 91 40.93 -4.78 24.90
C ALA A 91 41.26 -5.58 26.15
N GLN A 92 40.67 -5.21 27.28
CA GLN A 92 40.90 -5.93 28.52
C GLN A 92 40.53 -7.40 28.39
N ASN A 93 39.40 -7.68 27.74
CA ASN A 93 38.99 -9.07 27.57
C ASN A 93 39.99 -9.85 26.75
N GLU A 94 40.62 -9.20 25.76
CA GLU A 94 41.64 -9.89 24.99
C GLU A 94 42.94 -10.06 25.77
N LEU A 95 43.27 -9.14 26.67
CA LEU A 95 44.44 -9.39 27.52
C LEU A 95 44.18 -10.54 28.48
N GLU A 96 42.95 -10.64 28.99
CA GLU A 96 42.67 -11.70 29.96
C GLU A 96 42.57 -13.05 29.29
N LEU A 97 42.00 -13.12 28.08
CA LEU A 97 41.93 -14.43 27.43
C LEU A 97 43.31 -14.95 27.05
N SER A 98 44.27 -14.05 26.84
CA SER A 98 45.61 -14.41 26.39
C SER A 98 46.61 -14.59 27.53
N GLU A 99 46.18 -14.53 28.78
CA GLU A 99 47.11 -14.71 29.89
C GLU A 99 47.88 -16.00 29.71
N GLY A 100 49.20 -15.90 29.77
CA GLY A 100 50.07 -17.03 29.57
C GLY A 100 50.62 -17.16 28.18
N SER A 101 50.18 -16.32 27.24
CA SER A 101 50.76 -16.33 25.91
C SER A 101 52.02 -15.47 25.92
N ASP A 102 53.10 -16.02 25.37
CA ASP A 102 54.37 -15.31 25.29
C ASP A 102 54.49 -14.43 24.05
N ASP A 103 53.61 -14.59 23.06
CA ASP A 103 53.73 -13.85 21.81
C ASP A 103 52.87 -12.60 21.95
N ASN A 104 53.54 -11.44 22.09
CA ASN A 104 52.80 -10.19 22.17
C ASN A 104 52.31 -9.74 20.82
N GLU A 105 52.99 -10.13 19.75
CA GLU A 105 52.51 -9.80 18.42
C GLU A 105 51.07 -10.27 18.27
N GLY A 106 50.75 -11.43 18.84
CA GLY A 106 49.41 -11.96 18.79
C GLY A 106 48.37 -11.10 19.48
N ILE A 107 48.57 -10.83 20.76
CA ILE A 107 47.65 -10.01 21.53
C ILE A 107 47.28 -8.79 20.71
N GLU A 109 47.67 -7.93 17.44
CA GLU A 109 46.85 -8.28 16.29
C GLU A 109 45.40 -8.46 16.68
N ARG A 110 45.14 -9.42 17.57
CA ARG A 110 43.75 -9.76 17.89
C ARG A 110 42.98 -8.53 18.36
N THR A 111 43.62 -7.70 19.18
CA THR A 111 42.88 -6.56 19.71
C THR A 111 42.38 -5.69 18.55
N SER A 112 43.27 -5.32 17.63
CA SER A 112 42.82 -4.49 16.52
C SER A 112 41.67 -5.15 15.81
N PHE A 113 41.81 -6.42 15.45
CA PHE A 113 40.74 -7.09 14.73
C PHE A 113 39.40 -6.88 15.41
N ARG A 114 39.36 -7.03 16.74
CA ARG A 114 38.09 -6.79 17.41
C ARG A 114 37.72 -5.31 17.34
N LEU A 115 38.59 -4.43 17.84
CA LEU A 115 38.21 -3.04 18.00
C LEU A 115 37.75 -2.43 16.68
N GLU A 116 38.58 -2.55 15.64
CA GLU A 116 38.17 -2.11 14.30
C GLU A 116 36.77 -2.59 14.00
N ARG A 117 36.58 -3.90 13.99
CA ARG A 117 35.28 -4.46 13.63
C ARG A 117 34.17 -3.90 14.49
N ARG A 118 34.42 -3.69 15.79
CA ARG A 118 33.40 -3.12 16.67
C ARG A 118 32.92 -1.78 16.13
N VAL A 119 33.87 -0.90 15.78
CA VAL A 119 33.50 0.38 15.18
C VAL A 119 32.53 0.17 14.02
N ALA A 120 32.87 -0.73 13.10
CA ALA A 120 32.00 -0.97 11.96
C ALA A 120 30.58 -1.29 12.41
N ALA A 121 30.45 -2.16 13.41
CA ALA A 121 29.11 -2.53 13.89
C ALA A 121 28.36 -1.30 14.36
N VAL A 122 29.05 -0.39 15.06
CA VAL A 122 28.39 0.83 15.49
C VAL A 122 27.84 1.57 14.31
N GLY A 123 28.62 1.68 13.23
CA GLY A 123 28.12 2.28 12.01
C GLY A 123 26.84 1.63 11.51
N ARG A 124 26.82 0.30 11.48
CA ARG A 124 25.63 -0.38 10.96
C ARG A 124 24.43 -0.14 11.85
N GLN A 125 24.64 0.11 13.14
CA GLN A 125 23.53 0.44 14.02
C GLN A 125 23.12 1.90 13.87
N MET A 126 24.03 2.77 13.42
CA MET A 126 23.67 4.16 13.18
C MET A 126 22.89 4.32 11.90
N GLY A 127 23.24 3.57 10.87
CA GLY A 127 22.52 3.68 9.62
C GLY A 127 21.25 2.89 9.55
N ARG A 128 20.80 2.30 10.65
CA ARG A 128 19.58 1.51 10.63
C ARG A 128 18.39 2.46 10.65
N GLY A 129 17.59 2.42 9.58
CA GLY A 129 16.49 3.34 9.40
C GLY A 129 16.75 4.44 8.39
N ASN A 130 18.00 4.76 8.07
CA ASN A 130 18.29 5.71 7.01
C ASN A 130 17.89 5.21 5.64
N GLY A 131 17.81 3.88 5.46
CA GLY A 131 17.32 3.33 4.21
C GLY A 131 15.97 3.90 3.85
N TYR A 132 15.14 4.18 4.86
CA TYR A 132 13.83 4.77 4.62
C TYR A 132 13.98 6.11 3.91
N LEU A 133 14.79 7.01 4.48
CA LEU A 133 14.99 8.30 3.85
C LEU A 133 15.51 8.16 2.43
N ALA A 134 16.49 7.28 2.22
CA ALA A 134 17.04 7.14 0.88
C ALA A 134 15.96 6.71 -0.10
N THR A 135 15.13 5.74 0.28
CA THR A 135 14.13 5.25 -0.66
C THR A 135 13.01 6.27 -0.90
N ILE A 136 12.58 6.97 0.15
CA ILE A 136 11.53 7.97 -0.03
C ILE A 136 12.00 9.08 -0.94
N GLY A 137 13.19 9.61 -0.69
CA GLY A 137 13.75 10.59 -1.59
C GLY A 137 14.00 10.03 -2.97
N ALA A 138 14.10 8.71 -3.10
CA ALA A 138 14.35 8.10 -4.40
C ALA A 138 13.10 8.00 -5.25
N ILE A 139 11.97 7.54 -4.68
CA ILE A 139 10.79 7.34 -5.51
C ILE A 139 9.77 8.48 -5.40
N SER A 140 9.99 9.48 -4.53
CA SER A 140 8.96 10.51 -4.40
C SER A 140 8.71 11.27 -5.70
N PRO A 141 9.72 11.77 -6.43
CA PRO A 141 9.41 12.38 -7.73
C PRO A 141 8.78 11.40 -8.70
N PHE A 142 9.06 10.10 -8.57
CA PHE A 142 8.45 9.15 -9.48
C PHE A 142 6.99 8.94 -9.16
N VAL A 143 6.63 8.95 -7.88
CA VAL A 143 5.22 8.82 -7.51
C VAL A 143 4.45 10.08 -7.90
N GLY A 144 5.03 11.26 -7.65
CA GLY A 144 4.39 12.48 -8.13
C GLY A 144 4.20 12.46 -9.63
N LEU A 145 5.26 12.12 -10.37
CA LEU A 145 5.19 12.03 -11.82
C LEU A 145 4.10 11.07 -12.25
N PHE A 146 3.93 9.96 -11.54
CA PHE A 146 2.81 9.08 -11.86
C PHE A 146 1.48 9.77 -11.62
N GLY A 147 1.39 10.53 -10.54
CA GLY A 147 0.18 11.30 -10.30
C GLY A 147 -0.16 12.18 -11.49
N THR A 148 0.83 12.93 -11.97
CA THR A 148 0.57 13.86 -13.05
C THR A 148 0.22 13.16 -14.36
N VAL A 149 0.94 12.11 -14.71
CA VAL A 149 0.64 11.44 -15.98
C VAL A 149 -0.72 10.75 -15.93
N TRP A 150 -1.06 10.13 -14.81
CA TRP A 150 -2.40 9.54 -14.70
C TRP A 150 -3.48 10.64 -14.79
N GLY A 151 -3.24 11.78 -14.14
CA GLY A 151 -4.18 12.88 -14.20
C GLY A 151 -4.39 13.38 -15.61
N ILE A 152 -3.30 13.76 -16.28
CA ILE A 152 -3.42 14.29 -17.63
C ILE A 152 -3.99 13.25 -18.58
N MET A 153 -3.77 11.97 -18.30
CA MET A 153 -4.43 10.94 -19.09
C MET A 153 -5.94 11.02 -18.93
N ASN A 154 -6.41 11.22 -17.69
CA ASN A 154 -7.83 11.38 -17.48
C ASN A 154 -8.36 12.62 -18.19
N SER A 155 -7.56 13.69 -18.27
CA SER A 155 -8.01 14.87 -18.98
C SER A 155 -8.21 14.58 -20.46
N PHE A 156 -7.22 13.96 -21.09
CA PHE A 156 -7.38 13.69 -22.51
C PHE A 156 -8.50 12.72 -22.81
N ILE A 157 -8.75 11.73 -21.94
CA ILE A 157 -9.93 10.91 -22.17
C ILE A 157 -11.18 11.78 -22.09
N GLY A 158 -11.18 12.75 -21.17
CA GLY A 158 -12.32 13.66 -21.07
C GLY A 158 -12.55 14.45 -22.33
N ILE A 159 -11.47 14.95 -22.94
CA ILE A 159 -11.64 15.64 -24.20
C ILE A 159 -11.95 14.68 -25.32
N ALA A 160 -11.82 13.38 -25.09
CA ALA A 160 -12.15 12.43 -26.14
C ALA A 160 -13.63 12.11 -26.17
N GLN A 161 -14.28 11.95 -25.02
CA GLN A 161 -15.69 11.55 -25.11
C GLN A 161 -16.63 12.72 -25.44
N THR A 162 -16.30 13.94 -25.02
CA THR A 162 -17.05 15.12 -25.41
C THR A 162 -16.37 15.75 -26.63
N GLN A 163 -17.17 16.26 -27.56
CA GLN A 163 -16.65 16.61 -28.87
C GLN A 163 -16.68 18.12 -29.10
N THR A 164 -16.36 18.52 -30.33
CA THR A 164 -15.93 19.88 -30.70
C THR A 164 -14.60 20.13 -29.98
N THR A 165 -14.47 21.19 -29.19
CA THR A 165 -13.24 21.49 -28.45
C THR A 165 -13.51 21.34 -26.96
N ASN A 166 -12.52 21.71 -26.15
CA ASN A 166 -12.60 21.69 -24.69
C ASN A 166 -12.61 23.13 -24.23
N LEU A 167 -13.69 23.54 -23.57
CA LEU A 167 -13.77 24.95 -23.29
C LEU A 167 -12.91 25.31 -22.10
N ALA A 168 -13.43 25.11 -20.88
CA ALA A 168 -12.61 25.18 -19.69
C ALA A 168 -12.46 23.85 -18.96
N VAL A 169 -13.14 22.80 -19.42
CA VAL A 169 -13.54 21.70 -18.53
C VAL A 169 -12.38 21.18 -17.69
N VAL A 170 -11.36 20.58 -18.28
CA VAL A 170 -10.16 20.22 -17.50
C VAL A 170 -9.06 21.19 -17.90
N ALA A 171 -9.03 22.33 -17.23
CA ALA A 171 -7.89 23.00 -16.62
C ALA A 171 -7.65 22.43 -15.23
N PRO A 172 -8.69 22.36 -14.37
CA PRO A 172 -8.42 21.96 -12.98
C PRO A 172 -7.85 20.56 -12.86
N GLY A 173 -8.33 19.59 -13.66
CA GLY A 173 -7.72 18.27 -13.61
C GLY A 173 -6.24 18.34 -13.86
N ILE A 174 -5.84 19.11 -14.88
CA ILE A 174 -4.43 19.27 -15.19
C ILE A 174 -3.72 20.03 -14.07
N ALA A 175 -4.36 21.06 -13.52
CA ALA A 175 -3.78 21.78 -12.39
C ALA A 175 -3.53 20.87 -11.20
N GLU A 176 -4.37 19.85 -11.03
CA GLU A 176 -4.24 18.92 -9.92
C GLU A 176 -3.15 17.89 -10.18
N ALA A 177 -3.02 17.43 -11.42
CA ALA A 177 -1.86 16.61 -11.77
C ALA A 177 -0.56 17.38 -11.48
N LEU A 178 -0.47 18.61 -11.95
CA LEU A 178 0.74 19.38 -11.69
C LEU A 178 0.94 19.60 -10.20
N LEU A 179 -0.14 19.69 -9.43
CA LEU A 179 0.02 19.73 -7.98
C LEU A 179 0.55 18.39 -7.46
N ALA A 180 0.28 17.30 -8.16
CA ALA A 180 0.84 16.01 -7.76
C ALA A 180 2.34 16.01 -7.92
N THR A 181 2.86 16.50 -9.05
CA THR A 181 4.32 16.59 -9.17
C THR A 181 4.89 17.56 -8.15
N ALA A 182 4.25 18.70 -7.94
CA ALA A 182 4.73 19.67 -6.97
C ALA A 182 4.89 19.03 -5.59
N ILE A 183 3.85 18.32 -5.13
CA ILE A 183 3.96 17.64 -3.84
C ILE A 183 5.03 16.56 -3.89
N GLY A 184 5.13 15.86 -5.02
CA GLY A 184 6.17 14.85 -5.15
C GLY A 184 7.55 15.40 -4.89
N LEU A 185 7.88 16.54 -5.49
CA LEU A 185 9.18 17.14 -5.24
C LEU A 185 9.27 17.67 -3.82
N VAL A 186 8.16 18.18 -3.28
CA VAL A 186 8.21 18.72 -1.92
C VAL A 186 8.43 17.62 -0.89
N ALA A 187 7.97 16.40 -1.17
CA ALA A 187 8.27 15.25 -0.31
C ALA A 187 9.66 14.71 -0.57
N ALA A 188 10.14 14.80 -1.81
CA ALA A 188 11.40 14.18 -2.19
C ALA A 188 12.59 14.94 -1.64
N ILE A 189 12.59 16.27 -1.77
CA ILE A 189 13.79 17.04 -1.46
C ILE A 189 14.22 16.90 0.00
N PRO A 190 13.37 17.15 1.00
CA PRO A 190 13.83 17.03 2.39
C PRO A 190 14.36 15.65 2.73
N ALA A 191 13.79 14.59 2.16
CA ALA A 191 14.34 13.26 2.39
C ALA A 191 15.79 13.20 1.97
N VAL A 192 16.10 13.73 0.80
CA VAL A 192 17.45 13.60 0.28
C VAL A 192 18.43 14.46 1.08
N VAL A 193 18.04 15.69 1.40
CA VAL A 193 18.93 16.53 2.19
C VAL A 193 19.19 15.90 3.56
N ILE A 194 18.13 15.45 4.23
CA ILE A 194 18.32 14.83 5.54
C ILE A 194 19.25 13.64 5.44
N TYR A 195 19.07 12.80 4.42
CA TYR A 195 19.94 11.65 4.27
C TYR A 195 21.39 12.07 4.12
N ASN A 196 21.64 13.13 3.35
CA ASN A 196 23.04 13.54 3.17
C ASN A 196 23.64 14.08 4.47
N VAL A 197 22.88 14.85 5.25
CA VAL A 197 23.46 15.30 6.51
C VAL A 197 23.73 14.11 7.42
N PHE A 198 22.89 13.08 7.33
CA PHE A 198 23.11 11.90 8.15
C PHE A 198 24.35 11.12 7.70
N ALA A 199 24.60 11.05 6.40
CA ALA A 199 25.84 10.43 5.93
C ALA A 199 27.06 11.20 6.41
N ARG A 200 27.05 12.52 6.27
CA ARG A 200 28.20 13.31 6.71
C ARG A 200 28.44 13.12 8.20
N GLN A 201 27.38 13.26 9.01
CA GLN A 201 27.54 13.19 10.45
C GLN A 201 27.94 11.79 10.90
N ILE A 202 27.36 10.76 10.31
CA ILE A 202 27.78 9.39 10.62
C ILE A 202 29.24 9.19 10.24
N GLY A 203 29.67 9.75 9.12
CA GLY A 203 31.08 9.68 8.76
C GLY A 203 31.98 10.26 9.83
N GLY A 204 31.67 11.49 10.27
CA GLY A 204 32.44 12.09 11.34
C GLY A 204 32.38 11.30 12.63
N PHE A 205 31.25 10.64 12.89
CA PHE A 205 31.09 9.86 14.10
C PHE A 205 31.99 8.63 14.08
N LYS A 206 31.93 7.85 12.99
CA LYS A 206 32.85 6.74 12.81
C LYS A 206 34.28 7.23 12.92
N ALA A 207 34.55 8.46 12.46
CA ALA A 207 35.91 8.99 12.56
C ALA A 207 36.31 9.21 14.02
N MET A 208 35.45 9.84 14.81
CA MET A 208 35.78 10.07 16.22
C MET A 208 35.92 8.75 16.97
N LEU A 209 34.92 7.88 16.87
CA LEU A 209 35.01 6.57 17.50
C LEU A 209 36.28 5.86 17.05
N GLY A 210 36.59 5.93 15.77
CA GLY A 210 37.83 5.37 15.27
C GLY A 210 39.06 5.96 15.95
N ASP A 211 39.02 7.25 16.27
CA ASP A 211 40.15 7.85 16.97
C ASP A 211 40.27 7.34 18.40
N VAL A 212 39.15 7.17 19.10
CA VAL A 212 39.21 6.60 20.44
C VAL A 212 39.73 5.17 20.40
N ALA A 213 39.16 4.34 19.52
CA ALA A 213 39.68 3.00 19.37
C ALA A 213 41.17 3.01 19.08
N ALA A 214 41.61 3.93 18.23
CA ALA A 214 43.05 4.01 17.94
C ALA A 214 43.85 4.38 19.19
N GLN A 215 43.31 5.27 20.02
CA GLN A 215 44.02 5.60 21.26
C GLN A 215 44.18 4.37 22.14
N VAL A 216 43.11 3.58 22.29
CA VAL A 216 43.21 2.36 23.08
C VAL A 216 44.27 1.44 22.48
N LEU A 217 44.26 1.27 21.16
CA LEU A 217 45.24 0.40 20.52
C LEU A 217 46.67 0.87 20.79
N LEU A 218 46.92 2.17 20.65
CA LEU A 218 48.24 2.70 20.92
C LEU A 218 48.67 2.41 22.34
N LEU A 219 47.81 2.70 23.31
CA LEU A 219 48.16 2.45 24.71
C LEU A 219 48.51 0.98 24.93
N GLN A 220 47.72 0.07 24.38
CA GLN A 220 48.00 -1.35 24.57
C GLN A 220 49.35 -1.72 24.01
N SER A 221 49.63 -1.33 22.77
CA SER A 221 50.90 -1.67 22.15
C SER A 221 52.08 -1.12 22.93
N ARG A 222 52.05 0.17 23.28
CA ARG A 222 53.15 0.77 24.02
C ARG A 222 53.37 0.06 25.35
N ASP A 223 52.29 -0.24 26.07
CA ASP A 223 52.48 -0.86 27.38
C ASP A 223 53.02 -2.28 27.25
N LEU A 224 52.48 -3.08 26.34
CA LEU A 224 53.02 -4.43 26.19
C LEU A 224 54.49 -4.40 25.79
N ASP A 225 54.86 -3.46 24.92
CA ASP A 225 56.27 -3.40 24.52
C ASP A 225 57.16 -3.00 25.68
N LEU A 226 56.77 -2.00 26.46
CA LEU A 226 57.62 -1.60 27.58
C LEU A 226 57.69 -2.66 28.66
N GLU A 227 56.61 -3.41 28.87
CA GLU A 227 56.64 -4.47 29.86
C GLU A 227 57.54 -5.61 29.40
N ALA A 228 57.40 -6.03 28.15
CA ALA A 228 58.27 -7.10 27.64
C ALA A 228 59.74 -6.68 27.64
N SER A 229 60.01 -5.41 27.33
CA SER A 229 61.40 -4.96 27.34
C SER A 229 61.96 -4.81 28.74
N ALA A 230 61.12 -4.43 29.71
CA ALA A 230 61.64 -4.25 31.07
C ALA A 230 61.91 -5.59 31.74
N ALA A 231 61.19 -6.63 31.34
CA ALA A 231 61.45 -7.99 31.80
C ALA A 231 62.31 -8.79 30.84
N ALA A 232 62.89 -8.14 29.82
CA ALA A 232 63.87 -8.77 28.94
C ALA A 232 65.29 -8.40 29.32
N HIS A 233 65.46 -7.52 30.31
CA HIS A 233 66.68 -7.37 31.07
C HIS A 233 66.20 -6.99 32.46
N PRO A 234 66.84 -7.51 33.52
CA PRO A 234 66.41 -7.13 34.87
C PRO A 234 66.66 -5.66 35.18
N LEU B 10 -12.06 4.74 -24.75
CA LEU B 10 -12.71 3.65 -24.04
C LEU B 10 -12.12 3.60 -22.65
N SER B 11 -12.30 2.46 -21.98
CA SER B 11 -11.76 2.22 -20.66
C SER B 11 -10.34 1.63 -20.79
N VAL B 12 -9.75 1.27 -19.64
CA VAL B 12 -8.33 0.93 -19.64
C VAL B 12 -8.07 -0.33 -20.46
N TRP B 13 -8.92 -1.35 -20.34
CA TRP B 13 -8.67 -2.58 -21.08
C TRP B 13 -8.74 -2.33 -22.58
N GLY B 14 -9.80 -1.70 -23.05
CA GLY B 14 -9.88 -1.33 -24.45
C GLY B 14 -8.72 -0.44 -24.87
N MET B 15 -8.39 0.54 -24.03
CA MET B 15 -7.28 1.43 -24.33
C MET B 15 -5.99 0.64 -24.58
N TYR B 16 -5.79 -0.46 -23.83
CA TYR B 16 -4.69 -1.36 -24.18
C TYR B 16 -4.94 -1.98 -25.54
N GLN B 17 -6.09 -2.66 -25.69
CA GLN B 17 -6.33 -3.40 -26.92
C GLN B 17 -6.43 -2.48 -28.14
N HIS B 18 -6.68 -1.19 -27.93
CA HIS B 18 -6.88 -0.25 -29.02
C HIS B 18 -5.62 0.51 -29.39
N ALA B 19 -4.52 0.31 -28.67
CA ALA B 19 -3.32 1.11 -28.91
C ALA B 19 -2.50 0.52 -30.05
N ASP B 20 -1.38 1.17 -30.33
CA ASP B 20 -0.52 0.77 -31.43
C ASP B 20 0.17 -0.56 -31.09
N ILE B 21 0.98 -1.06 -32.01
CA ILE B 21 1.68 -2.30 -31.73
C ILE B 21 2.92 -2.06 -30.87
N VAL B 22 3.68 -0.99 -31.17
CA VAL B 22 4.87 -0.66 -30.40
C VAL B 22 4.50 -0.38 -28.95
N VAL B 23 3.50 0.49 -28.76
CA VAL B 23 3.06 0.82 -27.41
C VAL B 23 2.50 -0.40 -26.71
N LYS B 24 1.77 -1.25 -27.43
CA LYS B 24 1.35 -2.51 -26.84
C LYS B 24 2.54 -3.28 -26.29
N CYS B 25 3.64 -3.32 -27.06
CA CYS B 25 4.80 -4.08 -26.60
C CYS B 25 5.46 -3.44 -25.38
N VAL B 26 5.54 -2.11 -25.35
CA VAL B 26 6.10 -1.46 -24.16
C VAL B 26 5.27 -1.77 -22.94
N MET B 27 3.94 -1.75 -23.07
CA MET B 27 3.09 -2.02 -21.92
C MET B 27 3.24 -3.46 -21.46
N ILE B 28 3.16 -4.41 -22.39
CA ILE B 28 3.26 -5.81 -21.98
C ILE B 28 4.63 -6.09 -21.36
N GLY B 29 5.67 -5.49 -21.94
CA GLY B 29 7.00 -5.64 -21.35
C GLY B 29 7.05 -5.14 -19.93
N LEU B 30 6.51 -3.95 -19.69
CA LEU B 30 6.55 -3.38 -18.34
C LEU B 30 5.77 -4.22 -17.33
N ILE B 31 4.63 -4.77 -17.73
CA ILE B 31 3.94 -5.64 -16.79
C ILE B 31 4.78 -6.87 -16.49
N LEU B 32 5.45 -7.41 -17.52
CA LEU B 32 6.33 -8.55 -17.30
C LEU B 32 7.43 -8.22 -16.29
N ALA B 33 8.10 -7.07 -16.47
CA ALA B 33 9.12 -6.64 -15.51
C ALA B 33 8.55 -6.56 -14.10
N SER B 34 7.31 -6.09 -13.96
CA SER B 34 6.71 -6.06 -12.63
C SER B 34 6.52 -7.47 -12.08
N VAL B 35 6.08 -8.40 -12.93
CA VAL B 35 5.91 -9.79 -12.51
C VAL B 35 7.23 -10.37 -12.00
N VAL B 36 8.30 -10.18 -12.77
CA VAL B 36 9.61 -10.65 -12.35
C VAL B 36 9.99 -9.99 -11.03
N THR B 37 9.70 -8.70 -10.88
CA THR B 37 10.00 -7.99 -9.65
C THR B 37 9.38 -8.69 -8.45
N TRP B 38 8.11 -9.09 -8.56
CA TRP B 38 7.47 -9.71 -7.41
C TRP B 38 7.95 -11.14 -7.17
N ALA B 39 8.18 -11.91 -8.23
CA ALA B 39 8.68 -13.26 -8.02
C ALA B 39 10.02 -13.24 -7.29
N ILE B 40 10.96 -12.44 -7.79
CA ILE B 40 12.24 -12.24 -7.12
C ILE B 40 12.01 -11.87 -5.67
N PHE B 41 11.11 -10.91 -5.43
CA PHE B 41 10.87 -10.43 -4.06
C PHE B 41 10.51 -11.58 -3.14
N PHE B 42 9.54 -12.40 -3.54
CA PHE B 42 9.01 -13.40 -2.62
C PHE B 42 10.03 -14.50 -2.33
N SER B 43 10.64 -15.07 -3.38
CA SER B 43 11.55 -16.18 -3.14
C SER B 43 12.75 -15.72 -2.32
N LYS B 44 13.36 -14.61 -2.73
CA LYS B 44 14.49 -14.13 -1.93
C LYS B 44 14.05 -13.74 -0.52
N SER B 45 12.77 -13.41 -0.31
CA SER B 45 12.33 -13.08 1.03
C SER B 45 12.37 -14.28 1.95
N VAL B 46 11.76 -15.40 1.53
CA VAL B 46 11.77 -16.58 2.38
C VAL B 46 13.21 -17.03 2.64
N GLU B 47 14.02 -17.07 1.58
CA GLU B 47 15.42 -17.46 1.73
C GLU B 47 16.10 -16.62 2.80
N PHE B 48 16.18 -15.31 2.57
CA PHE B 48 16.97 -14.47 3.44
C PHE B 48 16.48 -14.49 4.88
N PHE B 49 15.17 -14.67 5.12
CA PHE B 49 14.77 -14.67 6.52
C PHE B 49 15.24 -15.95 7.22
N ASN B 50 15.02 -17.10 6.58
CA ASN B 50 15.51 -18.34 7.17
C ASN B 50 17.01 -18.25 7.47
N GLN B 51 17.79 -17.96 6.43
CA GLN B 51 19.24 -17.97 6.61
C GLN B 51 19.70 -16.92 7.61
N LYS B 52 19.05 -15.75 7.64
CA LYS B 52 19.53 -14.72 8.55
C LYS B 52 19.27 -15.10 10.00
N ARG B 53 18.10 -15.65 10.33
CA ARG B 53 17.94 -15.95 11.75
C ARG B 53 18.64 -17.25 12.14
N ARG B 54 18.78 -18.19 11.20
CA ARG B 54 19.66 -19.34 11.42
C ARG B 54 21.07 -18.88 11.79
N LEU B 55 21.63 -17.96 10.99
CA LEU B 55 22.97 -17.46 11.27
C LEU B 55 23.02 -16.71 12.59
N LYS B 56 21.94 -15.99 12.92
CA LYS B 56 21.92 -15.30 14.20
C LYS B 56 22.04 -16.30 15.34
N ARG B 57 21.33 -17.44 15.23
CA ARG B 57 21.50 -18.48 16.23
C ARG B 57 22.93 -18.95 16.29
N GLU B 58 23.48 -19.40 15.15
CA GLU B 58 24.84 -19.94 15.14
C GLU B 58 25.84 -18.97 15.76
N GLN B 59 25.67 -17.66 15.52
CA GLN B 59 26.54 -16.68 16.15
C GLN B 59 26.35 -16.65 17.66
N GLN B 60 25.09 -16.66 18.12
CA GLN B 60 24.85 -16.67 19.56
C GLN B 60 25.47 -17.89 20.24
N LEU B 61 25.38 -19.06 19.61
CA LEU B 61 25.96 -20.26 20.21
C LEU B 61 27.48 -20.20 20.19
N LEU B 62 28.08 -19.88 19.04
CA LEU B 62 29.54 -19.90 18.96
C LEU B 62 30.18 -18.79 19.79
N ALA B 63 29.39 -17.82 20.28
CA ALA B 63 30.01 -16.77 21.09
C ALA B 63 30.59 -17.31 22.39
N GLU B 64 30.20 -18.51 22.79
CA GLU B 64 30.67 -19.12 24.02
C GLU B 64 31.89 -20.00 23.80
N ALA B 65 32.42 -20.08 22.58
CA ALA B 65 33.36 -21.15 22.25
C ALA B 65 34.65 -20.99 23.04
N ARG B 66 35.33 -19.85 22.93
CA ARG B 66 36.44 -19.56 23.83
C ARG B 66 37.60 -20.55 23.63
N SER B 67 37.44 -21.47 22.68
CA SER B 67 38.37 -22.58 22.50
C SER B 67 38.77 -22.88 21.07
N LEU B 68 37.79 -23.19 20.22
CA LEU B 68 37.87 -23.69 18.84
C LEU B 68 37.82 -25.21 18.82
N ASN B 69 38.20 -25.88 19.90
CA ASN B 69 37.67 -27.23 20.09
C ASN B 69 36.20 -27.15 20.49
N GLN B 70 35.89 -26.24 21.42
CA GLN B 70 34.51 -26.00 21.78
C GLN B 70 33.72 -25.44 20.62
N ALA B 71 34.35 -24.69 19.72
CA ALA B 71 33.60 -24.19 18.58
C ALA B 71 33.17 -25.35 17.68
N ASN B 72 34.10 -26.25 17.34
CA ASN B 72 33.74 -27.44 16.57
C ASN B 72 32.73 -28.29 17.32
N ASP B 73 32.77 -28.26 18.64
CA ASP B 73 31.84 -29.06 19.42
C ASP B 73 30.45 -28.42 19.49
N ILE B 74 30.38 -27.10 19.66
CA ILE B 74 29.10 -26.41 19.67
C ILE B 74 28.46 -26.53 18.30
N ALA B 75 29.27 -26.46 17.26
CA ALA B 75 28.82 -26.52 15.88
C ALA B 75 28.80 -27.94 15.37
N ALA B 76 29.00 -28.93 16.25
CA ALA B 76 29.12 -30.31 15.81
C ALA B 76 27.95 -30.72 14.93
N ASP B 77 26.72 -30.41 15.32
CA ASP B 77 25.57 -30.51 14.42
C ASP B 77 24.91 -29.15 14.24
N PHE B 78 25.32 -28.40 13.22
CA PHE B 78 24.57 -27.25 12.75
C PHE B 78 23.86 -27.50 11.44
N GLY B 79 24.15 -28.62 10.79
CA GLY B 79 23.59 -28.97 9.50
C GLY B 79 24.66 -28.97 8.42
N SER B 80 24.44 -29.78 7.40
CA SER B 80 25.47 -29.92 6.37
C SER B 80 25.50 -28.69 5.47
N LYS B 81 24.47 -27.85 5.50
CA LYS B 81 24.51 -26.60 4.76
C LYS B 81 24.84 -25.42 5.63
N SER B 82 25.14 -25.64 6.91
CA SER B 82 25.39 -24.50 7.79
C SER B 82 26.65 -23.78 7.35
N LEU B 83 26.63 -22.46 7.53
CA LEU B 83 27.79 -21.68 7.13
C LEU B 83 28.89 -21.72 8.17
N SER B 84 28.54 -21.63 9.46
CA SER B 84 29.57 -21.65 10.50
C SER B 84 30.27 -23.01 10.53
N LEU B 85 29.54 -24.08 10.28
CA LEU B 85 30.16 -25.39 10.19
C LEU B 85 31.16 -25.45 9.04
N HIS B 86 30.88 -24.73 7.95
CA HIS B 86 31.82 -24.70 6.83
C HIS B 86 33.06 -23.90 7.18
N LEU B 87 32.90 -22.77 7.86
CA LEU B 87 34.08 -21.98 8.22
C LEU B 87 34.94 -22.73 9.22
N LEU B 88 34.33 -23.23 10.30
CA LEU B 88 35.08 -23.99 11.28
C LEU B 88 35.78 -25.16 10.61
N ASN B 89 35.11 -25.85 9.70
CA ASN B 89 35.77 -26.92 8.98
C ASN B 89 36.91 -26.42 8.12
N GLU B 90 36.82 -25.19 7.61
CA GLU B 90 37.93 -24.71 6.79
C GLU B 90 39.16 -24.42 7.63
N ALA B 91 38.97 -23.77 8.78
CA ALA B 91 40.11 -23.57 9.67
C ALA B 91 40.71 -24.91 10.08
N GLN B 92 39.86 -25.86 10.47
CA GLN B 92 40.36 -27.17 10.86
C GLN B 92 41.13 -27.82 9.71
N ASN B 93 40.62 -27.73 8.49
CA ASN B 93 41.32 -28.33 7.36
C ASN B 93 42.66 -27.68 7.13
N GLU B 94 42.77 -26.38 7.43
CA GLU B 94 44.08 -25.75 7.30
C GLU B 94 45.01 -26.17 8.42
N LEU B 95 44.47 -26.51 9.58
CA LEU B 95 45.31 -27.07 10.62
C LEU B 95 45.80 -28.46 10.25
N GLU B 96 44.95 -29.26 9.60
CA GLU B 96 45.33 -30.62 9.24
C GLU B 96 46.29 -30.65 8.06
N LEU B 97 46.08 -29.81 7.05
CA LEU B 97 47.02 -29.81 5.95
C LEU B 97 48.36 -29.23 6.37
N SER B 98 48.39 -28.40 7.40
CA SER B 98 49.61 -27.77 7.87
C SER B 98 50.30 -28.57 8.95
N GLU B 99 49.83 -29.78 9.25
CA GLU B 99 50.48 -30.59 10.28
C GLU B 99 51.96 -30.68 9.98
N GLY B 100 52.77 -30.35 10.98
CA GLY B 100 54.21 -30.35 10.82
C GLY B 100 54.83 -29.00 10.54
N SER B 101 54.05 -27.94 10.40
CA SER B 101 54.65 -26.63 10.20
C SER B 101 55.08 -26.06 11.53
N ASP B 102 56.30 -25.54 11.59
CA ASP B 102 56.74 -24.86 12.79
C ASP B 102 56.38 -23.38 12.79
N ASP B 103 55.99 -22.82 11.65
CA ASP B 103 55.72 -21.40 11.55
C ASP B 103 54.23 -21.24 11.73
N ASN B 104 53.83 -20.71 12.90
CA ASN B 104 52.43 -20.40 13.16
C ASN B 104 52.01 -19.16 12.41
N GLU B 105 52.88 -18.13 12.43
CA GLU B 105 52.64 -16.92 11.68
C GLU B 105 52.18 -17.24 10.27
N GLY B 106 52.64 -18.36 9.72
CA GLY B 106 52.13 -18.89 8.47
C GLY B 106 50.71 -19.41 8.53
N ILE B 107 50.46 -20.40 9.38
CA ILE B 107 49.14 -21.02 9.49
C ILE B 107 48.04 -19.97 9.60
N GLU B 109 48.02 -16.77 8.79
CA GLU B 109 47.89 -16.12 7.48
C GLU B 109 47.11 -17.00 6.55
N ARG B 110 47.61 -18.20 6.30
CA ARG B 110 46.93 -19.08 5.36
C ARG B 110 45.49 -19.31 5.77
N THR B 111 45.23 -19.38 7.07
CA THR B 111 43.84 -19.56 7.50
C THR B 111 43.01 -18.36 7.11
N SER B 112 43.45 -17.16 7.50
CA SER B 112 42.67 -15.95 7.25
C SER B 112 42.33 -15.82 5.77
N PHE B 113 43.35 -15.90 4.92
CA PHE B 113 43.16 -15.81 3.48
C PHE B 113 42.04 -16.74 3.02
N ARG B 114 41.97 -17.95 3.57
CA ARG B 114 40.90 -18.87 3.20
C ARG B 114 39.55 -18.32 3.62
N LEU B 115 39.39 -18.03 4.92
CA LEU B 115 38.07 -17.67 5.45
C LEU B 115 37.52 -16.44 4.76
N GLU B 116 38.27 -15.34 4.77
CA GLU B 116 37.80 -14.11 4.14
C GLU B 116 37.54 -14.28 2.65
N ARG B 117 37.99 -15.37 2.04
CA ARG B 117 37.68 -15.61 0.64
C ARG B 117 36.29 -16.22 0.47
N ARG B 118 35.82 -17.01 1.43
CA ARG B 118 34.52 -17.64 1.27
C ARG B 118 33.41 -16.66 1.56
N VAL B 119 33.58 -15.85 2.61
CA VAL B 119 32.54 -14.89 2.98
C VAL B 119 32.14 -14.06 1.77
N ALA B 120 33.12 -13.42 1.14
CA ALA B 120 32.84 -12.62 -0.03
C ALA B 120 32.09 -13.43 -1.08
N ALA B 121 32.55 -14.66 -1.34
CA ALA B 121 31.87 -15.49 -2.33
C ALA B 121 30.43 -15.69 -1.96
N VAL B 122 30.16 -16.03 -0.69
CA VAL B 122 28.78 -16.20 -0.29
C VAL B 122 28.03 -14.89 -0.50
N GLY B 123 28.67 -13.77 -0.13
CA GLY B 123 28.08 -12.48 -0.41
C GLY B 123 27.70 -12.32 -1.88
N ARG B 124 28.63 -12.65 -2.77
CA ARG B 124 28.39 -12.50 -4.20
C ARG B 124 27.29 -13.43 -4.68
N GLN B 125 27.05 -14.54 -4.00
CA GLN B 125 25.95 -15.42 -4.37
C GLN B 125 24.62 -14.90 -3.83
N MET B 126 24.65 -14.08 -2.78
CA MET B 126 23.42 -13.50 -2.26
C MET B 126 22.92 -12.41 -3.20
N GLY B 127 23.84 -11.64 -3.78
CA GLY B 127 23.50 -10.58 -4.70
C GLY B 127 23.31 -11.03 -6.13
N ARG B 128 23.10 -12.32 -6.35
CA ARG B 128 22.85 -12.84 -7.69
C ARG B 128 21.37 -12.68 -8.00
N GLY B 129 21.06 -11.88 -9.01
CA GLY B 129 19.71 -11.43 -9.28
C GLY B 129 19.46 -9.99 -8.92
N ASN B 130 20.31 -9.37 -8.09
CA ASN B 130 20.13 -7.96 -7.80
C ASN B 130 20.27 -7.09 -9.04
N GLY B 131 20.99 -7.57 -10.05
CA GLY B 131 21.08 -6.84 -11.30
C GLY B 131 19.71 -6.59 -11.92
N TYR B 132 18.83 -7.60 -11.87
CA TYR B 132 17.50 -7.42 -12.44
C TYR B 132 16.74 -6.33 -11.71
N LEU B 133 16.67 -6.39 -10.40
CA LEU B 133 15.93 -5.35 -9.67
C LEU B 133 16.49 -3.96 -9.93
N ALA B 134 17.82 -3.81 -9.87
CA ALA B 134 18.40 -2.49 -10.11
C ALA B 134 18.10 -1.99 -11.51
N THR B 135 18.25 -2.88 -12.51
CA THR B 135 18.09 -2.50 -13.90
C THR B 135 16.63 -2.18 -14.21
N ILE B 136 15.69 -2.96 -13.67
CA ILE B 136 14.28 -2.68 -13.90
C ILE B 136 13.88 -1.36 -13.27
N GLY B 137 14.31 -1.13 -12.03
CA GLY B 137 14.01 0.13 -11.38
C GLY B 137 14.64 1.34 -12.02
N ALA B 138 15.77 1.17 -12.72
CA ALA B 138 16.37 2.30 -13.42
C ALA B 138 15.73 2.54 -14.78
N ILE B 139 15.49 1.47 -15.51
CA ILE B 139 15.09 1.53 -16.92
C ILE B 139 13.58 1.74 -17.09
N SER B 140 12.74 1.05 -16.31
CA SER B 140 11.31 0.98 -16.60
C SER B 140 10.65 2.32 -16.90
N PRO B 141 10.87 3.40 -16.12
CA PRO B 141 10.29 4.68 -16.51
C PRO B 141 10.79 5.17 -17.86
N PHE B 142 12.02 4.83 -18.26
CA PHE B 142 12.58 5.27 -19.54
C PHE B 142 12.04 4.45 -20.71
N VAL B 143 11.85 3.15 -20.52
CA VAL B 143 11.25 2.38 -21.59
C VAL B 143 9.80 2.80 -21.78
N GLY B 144 9.10 3.05 -20.67
CA GLY B 144 7.77 3.64 -20.78
C GLY B 144 7.78 4.96 -21.51
N LEU B 145 8.72 5.83 -21.14
CA LEU B 145 8.85 7.14 -21.80
C LEU B 145 9.01 6.95 -23.30
N PHE B 146 9.75 5.94 -23.72
CA PHE B 146 9.82 5.60 -25.14
C PHE B 146 8.46 5.20 -25.68
N GLY B 147 7.69 4.44 -24.92
CA GLY B 147 6.36 4.07 -25.35
C GLY B 147 5.49 5.28 -25.68
N THR B 148 5.42 6.23 -24.75
CA THR B 148 4.55 7.37 -25.00
C THR B 148 5.11 8.25 -26.11
N VAL B 149 6.42 8.49 -26.12
CA VAL B 149 6.97 9.35 -27.16
C VAL B 149 6.74 8.76 -28.54
N TRP B 150 6.84 7.44 -28.67
CA TRP B 150 6.45 6.83 -29.94
C TRP B 150 4.97 7.03 -30.20
N GLY B 151 4.14 6.93 -29.17
CA GLY B 151 2.71 7.11 -29.35
C GLY B 151 2.33 8.48 -29.86
N ILE B 152 2.72 9.53 -29.13
CA ILE B 152 2.42 10.89 -29.56
C ILE B 152 3.13 11.22 -30.86
N MET B 153 4.26 10.56 -31.14
CA MET B 153 4.88 10.79 -32.44
C MET B 153 4.00 10.27 -33.57
N ASN B 154 3.47 9.06 -33.44
CA ASN B 154 2.54 8.59 -34.47
C ASN B 154 1.28 9.44 -34.51
N SER B 155 0.88 10.00 -33.37
CA SER B 155 -0.29 10.87 -33.37
C SER B 155 -0.02 12.14 -34.17
N PHE B 156 1.08 12.83 -33.91
CA PHE B 156 1.38 14.05 -34.66
C PHE B 156 1.65 13.77 -36.13
N ILE B 157 2.20 12.59 -36.44
CA ILE B 157 2.21 12.18 -37.84
C ILE B 157 0.79 12.08 -38.35
N GLY B 158 -0.13 11.62 -37.50
CA GLY B 158 -1.53 11.54 -37.89
C GLY B 158 -2.17 12.89 -38.15
N ILE B 159 -1.91 13.88 -37.29
CA ILE B 159 -2.58 15.15 -37.48
C ILE B 159 -2.03 15.94 -38.65
N ALA B 160 -0.84 15.62 -39.16
CA ALA B 160 -0.47 16.19 -40.44
C ALA B 160 -0.41 15.01 -41.39
N GLN B 161 -1.56 14.68 -41.96
CA GLN B 161 -1.70 13.74 -43.06
C GLN B 161 -2.81 14.28 -43.95
N THR B 162 -3.99 14.41 -43.37
CA THR B 162 -5.20 14.77 -44.08
C THR B 162 -5.43 16.25 -44.45
N GLN B 163 -5.15 17.26 -43.61
CA GLN B 163 -4.55 17.21 -42.29
C GLN B 163 -5.49 17.82 -41.25
N THR B 164 -5.66 17.16 -40.11
CA THR B 164 -6.75 17.50 -39.20
C THR B 164 -6.41 18.67 -38.28
N THR B 165 -7.39 18.99 -37.43
CA THR B 165 -7.38 20.02 -36.39
C THR B 165 -8.32 19.52 -35.30
N ASN B 166 -8.77 20.42 -34.43
CA ASN B 166 -9.84 20.06 -33.49
C ASN B 166 -9.38 18.95 -32.56
N LEU B 167 -8.60 19.32 -31.54
CA LEU B 167 -7.80 18.41 -30.72
C LEU B 167 -8.58 17.18 -30.24
N ALA B 168 -9.90 17.29 -30.07
CA ALA B 168 -10.65 16.15 -29.57
C ALA B 168 -10.59 14.94 -30.49
N VAL B 169 -10.07 15.08 -31.71
CA VAL B 169 -10.00 13.94 -32.61
C VAL B 169 -8.77 13.07 -32.34
N VAL B 170 -7.68 13.68 -31.84
CA VAL B 170 -6.46 12.93 -31.58
C VAL B 170 -6.32 12.46 -30.12
N ALA B 171 -7.20 12.90 -29.23
CA ALA B 171 -7.03 12.65 -27.80
C ALA B 171 -6.89 11.17 -27.40
N PRO B 172 -7.58 10.21 -28.04
CA PRO B 172 -7.33 8.81 -27.69
C PRO B 172 -5.88 8.39 -27.84
N GLY B 173 -5.19 8.88 -28.86
CA GLY B 173 -3.79 8.52 -29.03
C GLY B 173 -2.93 9.04 -27.90
N ILE B 174 -3.14 10.28 -27.48
CA ILE B 174 -2.36 10.84 -26.38
C ILE B 174 -2.66 10.10 -25.09
N ALA B 175 -3.92 9.74 -24.87
CA ALA B 175 -4.24 8.93 -23.69
C ALA B 175 -3.48 7.60 -23.74
N GLU B 176 -3.74 6.81 -24.78
CA GLU B 176 -3.13 5.49 -24.91
C GLU B 176 -1.60 5.54 -24.93
N ALA B 177 -1.01 6.71 -25.20
CA ALA B 177 0.43 6.85 -25.06
C ALA B 177 0.80 7.09 -23.60
N LEU B 178 0.13 8.01 -22.92
CA LEU B 178 0.47 8.28 -21.52
C LEU B 178 0.27 7.05 -20.64
N LEU B 179 -0.58 6.12 -21.07
CA LEU B 179 -0.74 4.88 -20.31
C LEU B 179 0.58 4.15 -20.19
N ALA B 180 1.42 4.22 -21.22
CA ALA B 180 2.71 3.54 -21.21
C ALA B 180 3.62 4.09 -20.14
N THR B 181 3.70 5.41 -20.00
CA THR B 181 4.50 5.96 -18.91
C THR B 181 3.92 5.55 -17.56
N ALA B 182 2.59 5.58 -17.43
CA ALA B 182 1.98 5.14 -16.18
C ALA B 182 2.41 3.71 -15.81
N ILE B 183 2.29 2.79 -16.75
CA ILE B 183 2.68 1.41 -16.50
C ILE B 183 4.17 1.31 -16.21
N GLY B 184 4.97 2.10 -16.91
CA GLY B 184 6.40 2.12 -16.63
C GLY B 184 6.69 2.47 -15.19
N LEU B 185 6.00 3.48 -14.66
CA LEU B 185 6.21 3.88 -13.28
C LEU B 185 5.66 2.84 -12.29
N VAL B 186 4.54 2.19 -12.63
CA VAL B 186 3.98 1.18 -11.73
C VAL B 186 4.89 -0.02 -11.66
N ALA B 187 5.58 -0.37 -12.75
CA ALA B 187 6.57 -1.42 -12.66
C ALA B 187 7.86 -0.93 -12.01
N ALA B 188 8.17 0.35 -12.16
CA ALA B 188 9.46 0.87 -11.74
C ALA B 188 9.55 0.99 -10.22
N ILE B 189 8.53 1.55 -9.58
CA ILE B 189 8.64 1.90 -8.15
C ILE B 189 8.92 0.67 -7.29
N PRO B 190 8.14 -0.41 -7.35
CA PRO B 190 8.43 -1.56 -6.49
C PRO B 190 9.82 -2.13 -6.70
N ALA B 191 10.34 -2.12 -7.92
CA ALA B 191 11.71 -2.55 -8.14
C ALA B 191 12.67 -1.75 -7.29
N VAL B 192 12.47 -0.44 -7.20
CA VAL B 192 13.42 0.39 -6.48
C VAL B 192 13.36 0.09 -4.99
N VAL B 193 12.16 -0.02 -4.44
CA VAL B 193 12.08 -0.32 -3.00
C VAL B 193 12.69 -1.67 -2.69
N ILE B 194 12.30 -2.70 -3.45
CA ILE B 194 12.79 -4.04 -3.18
C ILE B 194 14.31 -4.05 -3.27
N TYR B 195 14.87 -3.39 -4.28
CA TYR B 195 16.33 -3.33 -4.38
C TYR B 195 16.94 -2.68 -3.14
N ASN B 196 16.32 -1.63 -2.62
CA ASN B 196 16.94 -0.97 -1.47
C ASN B 196 16.94 -1.85 -0.23
N VAL B 197 15.83 -2.55 0.05
CA VAL B 197 15.88 -3.43 1.22
C VAL B 197 16.83 -4.58 0.97
N PHE B 198 16.96 -5.05 -0.26
CA PHE B 198 17.91 -6.14 -0.49
C PHE B 198 19.34 -5.67 -0.29
N ALA B 199 19.65 -4.44 -0.68
CA ALA B 199 20.99 -3.92 -0.41
C ALA B 199 21.26 -3.85 1.08
N ARG B 200 20.37 -3.22 1.83
CA ARG B 200 20.63 -3.06 3.27
C ARG B 200 20.66 -4.40 3.99
N GLN B 201 19.70 -5.28 3.71
CA GLN B 201 19.64 -6.57 4.38
C GLN B 201 20.81 -7.45 4.00
N ILE B 202 21.15 -7.50 2.71
CA ILE B 202 22.34 -8.25 2.30
C ILE B 202 23.57 -7.69 2.99
N GLY B 203 23.63 -6.37 3.16
CA GLY B 203 24.70 -5.78 3.94
C GLY B 203 24.78 -6.31 5.35
N GLY B 204 23.64 -6.31 6.06
CA GLY B 204 23.63 -6.84 7.41
C GLY B 204 23.98 -8.31 7.49
N PHE B 205 23.58 -9.09 6.50
CA PHE B 205 23.91 -10.50 6.47
C PHE B 205 25.40 -10.71 6.26
N LYS B 206 25.96 -10.07 5.25
CA LYS B 206 27.40 -10.14 5.05
C LYS B 206 28.13 -9.74 6.32
N ALA B 207 27.60 -8.77 7.05
CA ALA B 207 28.24 -8.37 8.30
C ALA B 207 28.16 -9.48 9.33
N MET B 208 27.00 -10.09 9.48
CA MET B 208 26.85 -11.15 10.48
C MET B 208 27.76 -12.33 10.15
N LEU B 209 27.74 -12.80 8.91
CA LEU B 209 28.66 -13.86 8.50
C LEU B 209 30.10 -13.47 8.78
N GLY B 210 30.46 -12.22 8.49
CA GLY B 210 31.78 -11.73 8.84
C GLY B 210 32.06 -11.83 10.33
N ASP B 211 31.06 -11.65 11.17
CA ASP B 211 31.26 -11.76 12.61
C ASP B 211 31.56 -13.19 13.01
N VAL B 212 30.85 -14.16 12.43
CA VAL B 212 31.14 -15.56 12.75
C VAL B 212 32.55 -15.92 12.30
N ALA B 213 32.91 -15.57 11.06
CA ALA B 213 34.26 -15.82 10.58
C ALA B 213 35.32 -15.21 11.48
N ALA B 214 35.10 -13.98 11.95
CA ALA B 214 36.07 -13.37 12.86
C ALA B 214 36.18 -14.17 14.16
N GLN B 215 35.06 -14.74 14.63
CA GLN B 215 35.17 -15.61 15.79
C GLN B 215 36.09 -16.79 15.50
N VAL B 216 35.89 -17.44 14.35
CA VAL B 216 36.74 -18.59 14.02
C VAL B 216 38.21 -18.19 14.00
N LEU B 217 38.55 -17.11 13.31
CA LEU B 217 39.94 -16.68 13.22
C LEU B 217 40.53 -16.34 14.58
N LEU B 218 39.79 -15.62 15.41
CA LEU B 218 40.29 -15.30 16.74
C LEU B 218 40.59 -16.57 17.54
N LEU B 219 39.63 -17.50 17.58
CA LEU B 219 39.85 -18.73 18.33
C LEU B 219 41.08 -19.46 17.85
N GLN B 220 41.23 -19.61 16.53
CA GLN B 220 42.38 -20.32 16.00
C GLN B 220 43.69 -19.63 16.38
N SER B 221 43.74 -18.30 16.23
CA SER B 221 44.96 -17.58 16.61
C SER B 221 45.29 -17.81 18.08
N ARG B 222 44.29 -17.67 18.94
CA ARG B 222 44.51 -17.85 20.37
C ARG B 222 45.01 -19.24 20.67
N ASP B 223 44.48 -20.26 19.99
CA ASP B 223 44.94 -21.61 20.26
C ASP B 223 46.39 -21.78 19.85
N LEU B 224 46.74 -21.29 18.66
CA LEU B 224 48.12 -21.45 18.22
C LEU B 224 49.09 -20.73 19.14
N ASP B 225 48.72 -19.54 19.61
CA ASP B 225 49.60 -18.82 20.54
C ASP B 225 49.71 -19.53 21.87
N LEU B 226 48.58 -19.97 22.43
CA LEU B 226 48.63 -20.60 23.73
C LEU B 226 49.32 -21.96 23.69
N GLU B 227 49.19 -22.71 22.60
CA GLU B 227 49.90 -23.97 22.48
C GLU B 227 51.39 -23.73 22.33
N ALA B 228 51.77 -22.82 21.42
CA ALA B 228 53.20 -22.56 21.21
C ALA B 228 53.86 -21.99 22.46
N SER B 229 53.18 -21.09 23.18
CA SER B 229 53.76 -20.54 24.39
C SER B 229 53.73 -21.54 25.53
N ALA B 230 52.72 -22.42 25.55
CA ALA B 230 52.59 -23.38 26.64
C ALA B 230 53.59 -24.51 26.54
N ALA B 231 53.98 -24.89 25.32
CA ALA B 231 55.01 -25.91 25.13
C ALA B 231 56.39 -25.32 24.91
N ALA B 232 56.54 -24.01 25.07
CA ALA B 232 57.84 -23.37 25.10
C ALA B 232 58.45 -23.38 26.49
N HIS B 233 57.62 -23.22 27.53
CA HIS B 233 58.03 -23.33 28.92
C HIS B 233 57.20 -24.43 29.56
N PRO B 234 57.62 -25.70 29.40
CA PRO B 234 56.89 -26.83 29.97
C PRO B 234 56.97 -26.87 31.49
N LEU C 10 2.57 6.69 -39.96
CA LEU C 10 3.41 6.31 -41.10
C LEU C 10 4.28 5.12 -40.70
N SER C 11 5.33 4.86 -41.49
CA SER C 11 6.27 3.77 -41.26
C SER C 11 7.67 4.34 -41.05
N VAL C 12 8.66 3.46 -40.94
CA VAL C 12 10.00 3.87 -40.55
C VAL C 12 10.75 4.47 -41.72
N TRP C 13 10.98 3.68 -42.78
CA TRP C 13 11.74 4.17 -43.94
C TRP C 13 11.16 5.48 -44.46
N GLY C 14 9.83 5.54 -44.57
CA GLY C 14 9.20 6.80 -44.91
C GLY C 14 9.59 7.91 -43.96
N MET C 15 9.39 7.68 -42.65
CA MET C 15 9.74 8.68 -41.64
C MET C 15 11.16 9.21 -41.83
N TYR C 16 12.07 8.37 -42.31
CA TYR C 16 13.42 8.83 -42.63
C TYR C 16 13.34 9.70 -43.88
N GLN C 17 13.03 9.10 -45.03
CA GLN C 17 13.05 9.85 -46.28
C GLN C 17 12.15 11.08 -46.22
N HIS C 18 11.22 11.12 -45.28
CA HIS C 18 10.25 12.20 -45.12
C HIS C 18 10.78 13.37 -44.28
N ALA C 19 11.98 13.29 -43.74
CA ALA C 19 12.42 14.23 -42.73
C ALA C 19 13.53 15.13 -43.24
N ASP C 20 14.03 15.97 -42.34
CA ASP C 20 15.01 17.01 -42.66
C ASP C 20 16.37 16.38 -42.96
N ILE C 21 17.37 17.22 -43.20
CA ILE C 21 18.74 16.72 -43.31
C ILE C 21 19.36 16.53 -41.93
N VAL C 22 19.09 17.45 -40.99
CA VAL C 22 19.67 17.34 -39.65
C VAL C 22 19.15 16.09 -38.96
N VAL C 23 17.83 15.92 -38.93
CA VAL C 23 17.26 14.74 -38.28
C VAL C 23 17.66 13.50 -39.05
N LYS C 24 17.97 13.64 -40.33
CA LYS C 24 18.53 12.53 -41.10
C LYS C 24 19.87 12.11 -40.54
N CYS C 25 20.72 13.08 -40.20
CA CYS C 25 22.03 12.77 -39.64
C CYS C 25 21.92 12.26 -38.20
N VAL C 26 20.99 12.80 -37.41
CA VAL C 26 20.76 12.27 -36.07
C VAL C 26 20.29 10.82 -36.13
N MET C 27 19.39 10.51 -37.06
CA MET C 27 18.91 9.13 -37.17
C MET C 27 20.03 8.21 -37.60
N ILE C 28 20.82 8.61 -38.61
CA ILE C 28 21.89 7.73 -39.05
C ILE C 28 22.96 7.58 -37.97
N GLY C 29 23.30 8.67 -37.27
CA GLY C 29 24.28 8.57 -36.20
C GLY C 29 23.83 7.67 -35.06
N LEU C 30 22.62 7.90 -34.55
CA LEU C 30 22.12 7.09 -33.44
C LEU C 30 21.91 5.64 -33.86
N ILE C 31 21.46 5.41 -35.09
CA ILE C 31 21.28 4.04 -35.56
C ILE C 31 22.63 3.33 -35.61
N LEU C 32 23.66 4.03 -36.08
CA LEU C 32 25.00 3.46 -36.06
C LEU C 32 25.44 3.13 -34.64
N ALA C 33 25.27 4.08 -33.71
CA ALA C 33 25.64 3.87 -32.31
C ALA C 33 24.94 2.65 -31.72
N SER C 34 23.68 2.44 -32.05
CA SER C 34 22.99 1.24 -31.59
C SER C 34 23.64 0.00 -32.19
N VAL C 35 24.02 0.07 -33.46
CA VAL C 35 24.65 -1.09 -34.11
C VAL C 35 25.94 -1.48 -33.40
N VAL C 36 26.83 -0.51 -33.15
CA VAL C 36 28.07 -0.85 -32.45
C VAL C 36 27.77 -1.38 -31.05
N THR C 37 26.80 -0.78 -30.36
CA THR C 37 26.47 -1.25 -29.01
C THR C 37 26.12 -2.73 -29.02
N TRP C 38 25.27 -3.15 -29.96
CA TRP C 38 24.85 -4.54 -29.93
C TRP C 38 25.95 -5.47 -30.43
N ALA C 39 26.75 -5.04 -31.40
CA ALA C 39 27.87 -5.88 -31.85
C ALA C 39 28.84 -6.15 -30.70
N ILE C 40 29.28 -5.08 -30.02
CA ILE C 40 30.10 -5.26 -28.82
C ILE C 40 29.46 -6.27 -27.89
N PHE C 41 28.15 -6.10 -27.66
CA PHE C 41 27.45 -6.99 -26.73
C PHE C 41 27.62 -8.45 -27.12
N PHE C 42 27.39 -8.76 -28.40
CA PHE C 42 27.38 -10.18 -28.80
C PHE C 42 28.76 -10.79 -28.77
N SER C 43 29.76 -10.13 -29.37
CA SER C 43 31.08 -10.75 -29.40
C SER C 43 31.64 -10.88 -27.99
N LYS C 44 31.58 -9.80 -27.20
CA LYS C 44 32.10 -9.90 -25.84
C LYS C 44 31.25 -10.81 -24.97
N SER C 45 30.00 -11.07 -25.36
CA SER C 45 29.17 -11.97 -24.57
C SER C 45 29.59 -13.42 -24.79
N VAL C 46 29.73 -13.84 -26.05
CA VAL C 46 30.18 -15.21 -26.28
C VAL C 46 31.58 -15.39 -25.71
N GLU C 47 32.46 -14.40 -25.91
CA GLU C 47 33.80 -14.50 -25.33
C GLU C 47 33.73 -14.66 -23.81
N PHE C 48 32.97 -13.80 -23.13
CA PHE C 48 32.93 -13.88 -21.67
C PHE C 48 32.36 -15.20 -21.19
N PHE C 49 31.34 -15.71 -21.88
CA PHE C 49 30.78 -17.02 -21.53
C PHE C 49 31.84 -18.10 -21.65
N ASN C 50 32.60 -18.08 -22.74
CA ASN C 50 33.69 -19.03 -22.91
C ASN C 50 34.70 -18.94 -21.77
N GLN C 51 35.21 -17.73 -21.50
CA GLN C 51 36.25 -17.56 -20.49
C GLN C 51 35.78 -18.05 -19.13
N LYS C 52 34.54 -17.76 -18.77
CA LYS C 52 34.05 -18.20 -17.48
C LYS C 52 33.91 -19.71 -17.45
N ARG C 53 33.33 -20.30 -18.51
CA ARG C 53 33.15 -21.75 -18.55
C ARG C 53 34.47 -22.47 -18.37
N ARG C 54 35.44 -22.18 -19.24
CA ARG C 54 36.70 -22.89 -19.20
C ARG C 54 37.42 -22.64 -17.88
N LEU C 55 37.45 -21.39 -17.41
CA LEU C 55 38.13 -21.11 -16.15
C LEU C 55 37.53 -21.89 -15.00
N LYS C 56 36.21 -21.99 -14.96
CA LYS C 56 35.56 -22.75 -13.90
C LYS C 56 35.94 -24.22 -13.98
N ARG C 57 36.04 -24.76 -15.20
CA ARG C 57 36.56 -26.12 -15.39
C ARG C 57 37.95 -26.26 -14.76
N GLU C 58 38.88 -25.40 -15.15
CA GLU C 58 40.24 -25.51 -14.64
C GLU C 58 40.28 -25.42 -13.12
N GLN C 59 39.44 -24.56 -12.54
CA GLN C 59 39.43 -24.47 -11.08
C GLN C 59 38.97 -25.79 -10.47
N GLN C 60 37.95 -26.42 -11.06
CA GLN C 60 37.52 -27.71 -10.56
C GLN C 60 38.65 -28.74 -10.59
N LEU C 61 39.46 -28.73 -11.66
CA LEU C 61 40.55 -29.69 -11.71
C LEU C 61 41.61 -29.37 -10.66
N LEU C 62 41.99 -28.11 -10.52
CA LEU C 62 43.02 -27.74 -9.55
C LEU C 62 42.55 -27.86 -8.12
N ALA C 63 41.25 -28.07 -7.89
CA ALA C 63 40.76 -28.21 -6.51
C ALA C 63 41.29 -29.45 -5.81
N GLU C 64 41.82 -30.43 -6.55
CA GLU C 64 42.30 -31.67 -5.95
C GLU C 64 43.74 -31.59 -5.53
N ALA C 65 44.38 -30.45 -5.75
CA ALA C 65 45.82 -30.31 -5.56
C ALA C 65 46.14 -30.16 -4.07
N ARG C 66 46.76 -31.18 -3.49
CA ARG C 66 47.34 -31.08 -2.16
C ARG C 66 48.75 -30.50 -2.17
N SER C 67 49.34 -30.29 -3.34
CA SER C 67 50.68 -29.76 -3.45
C SER C 67 50.81 -28.91 -4.71
N LEU C 68 51.72 -27.93 -4.66
CA LEU C 68 51.92 -27.09 -5.84
C LEU C 68 52.42 -27.90 -7.04
N ASN C 69 53.27 -28.91 -6.79
CA ASN C 69 53.69 -29.77 -7.89
C ASN C 69 52.50 -30.51 -8.48
N GLN C 70 51.58 -30.97 -7.63
CA GLN C 70 50.38 -31.61 -8.14
C GLN C 70 49.56 -30.63 -8.97
N ALA C 71 49.58 -29.35 -8.60
CA ALA C 71 48.88 -28.37 -9.41
C ALA C 71 49.53 -28.23 -10.78
N ASN C 72 50.86 -28.06 -10.81
CA ASN C 72 51.53 -27.96 -12.11
C ASN C 72 51.31 -29.20 -12.96
N ASP C 73 51.15 -30.36 -12.33
CA ASP C 73 50.93 -31.59 -13.08
C ASP C 73 49.49 -31.68 -13.58
N ILE C 74 48.54 -31.25 -12.75
CA ILE C 74 47.15 -31.22 -13.17
C ILE C 74 46.98 -30.18 -14.27
N ALA C 75 47.73 -29.10 -14.19
CA ALA C 75 47.64 -28.01 -15.14
C ALA C 75 48.60 -28.17 -16.31
N ALA C 76 49.26 -29.33 -16.41
CA ALA C 76 50.23 -29.54 -17.48
C ALA C 76 49.59 -29.33 -18.85
N ASP C 77 48.53 -30.10 -19.13
CA ASP C 77 47.76 -29.92 -20.35
C ASP C 77 46.48 -29.17 -19.98
N PHE C 78 46.51 -27.86 -20.18
CA PHE C 78 45.34 -26.99 -20.08
C PHE C 78 45.15 -26.23 -21.38
N GLY C 79 46.11 -25.40 -21.75
CA GLY C 79 46.01 -24.64 -22.97
C GLY C 79 47.16 -23.68 -23.06
N SER C 80 47.53 -23.27 -24.26
CA SER C 80 48.70 -22.43 -24.35
C SER C 80 48.35 -21.04 -23.85
N LYS C 81 47.09 -20.67 -23.99
CA LYS C 81 46.57 -19.38 -23.56
C LYS C 81 45.81 -19.44 -22.24
N SER C 82 45.79 -20.57 -21.55
CA SER C 82 45.03 -20.68 -20.31
C SER C 82 45.55 -19.69 -19.26
N LEU C 83 44.64 -19.22 -18.41
CA LEU C 83 44.98 -18.28 -17.35
C LEU C 83 45.60 -18.98 -16.14
N SER C 84 45.06 -20.13 -15.74
CA SER C 84 45.62 -20.83 -14.60
C SER C 84 47.06 -21.26 -14.85
N LEU C 85 47.37 -21.72 -16.06
CA LEU C 85 48.75 -22.05 -16.38
C LEU C 85 49.64 -20.82 -16.29
N HIS C 86 49.10 -19.64 -16.59
CA HIS C 86 49.90 -18.43 -16.46
C HIS C 86 50.16 -18.10 -15.01
N LEU C 87 49.18 -18.32 -14.13
CA LEU C 87 49.43 -18.06 -12.72
C LEU C 87 50.42 -19.05 -12.14
N LEU C 88 50.19 -20.35 -12.32
CA LEU C 88 51.13 -21.36 -11.83
C LEU C 88 52.53 -21.13 -12.39
N ASN C 89 52.61 -20.77 -13.68
CA ASN C 89 53.90 -20.46 -14.28
C ASN C 89 54.54 -19.23 -13.66
N GLU C 90 53.72 -18.28 -13.21
CA GLU C 90 54.27 -17.10 -12.55
C GLU C 90 54.82 -17.44 -11.18
N ALA C 91 54.12 -18.27 -10.43
CA ALA C 91 54.66 -18.74 -9.16
C ALA C 91 55.96 -19.50 -9.38
N GLN C 92 55.97 -20.40 -10.35
CA GLN C 92 57.19 -21.14 -10.66
C GLN C 92 58.33 -20.20 -10.97
N ASN C 93 58.06 -19.15 -11.75
CA ASN C 93 59.10 -18.21 -12.11
C ASN C 93 59.62 -17.43 -10.90
N GLU C 94 58.76 -17.11 -9.93
CA GLU C 94 59.25 -16.43 -8.73
C GLU C 94 60.00 -17.37 -7.80
N LEU C 95 59.64 -18.65 -7.79
CA LEU C 95 60.42 -19.61 -7.02
C LEU C 95 61.80 -19.80 -7.64
N GLU C 96 61.87 -19.79 -8.99
CA GLU C 96 63.13 -20.01 -9.65
C GLU C 96 64.04 -18.81 -9.52
N LEU C 97 63.49 -17.60 -9.64
CA LEU C 97 64.35 -16.43 -9.52
C LEU C 97 64.88 -16.28 -8.10
N SER C 98 64.15 -16.79 -7.11
CA SER C 98 64.50 -16.65 -5.70
C SER C 98 65.30 -17.83 -5.17
N GLU C 99 65.69 -18.77 -6.02
CA GLU C 99 66.36 -20.00 -5.60
C GLU C 99 67.58 -19.74 -4.73
N GLY C 100 67.59 -20.40 -3.58
CA GLY C 100 68.68 -20.24 -2.65
C GLY C 100 68.44 -19.20 -1.57
N SER C 101 67.31 -18.53 -1.58
CA SER C 101 67.05 -17.51 -0.58
C SER C 101 66.64 -18.15 0.74
N ASP C 102 67.21 -17.65 1.84
CA ASP C 102 66.80 -18.16 3.13
C ASP C 102 65.54 -17.52 3.65
N ASP C 103 65.09 -16.42 3.06
CA ASP C 103 63.91 -15.74 3.55
C ASP C 103 62.76 -16.25 2.69
N ASN C 104 61.93 -17.12 3.30
CA ASN C 104 60.71 -17.57 2.64
C ASN C 104 59.64 -16.50 2.77
N GLU C 105 59.55 -15.88 3.95
CA GLU C 105 58.67 -14.75 4.11
C GLU C 105 58.88 -13.75 2.99
N GLY C 106 60.11 -13.63 2.52
CA GLY C 106 60.34 -12.84 1.33
C GLY C 106 59.67 -13.42 0.10
N ILE C 107 59.99 -14.65 -0.28
CA ILE C 107 59.43 -15.24 -1.49
C ILE C 107 57.94 -15.06 -1.59
N GLU C 109 55.91 -12.89 -0.18
CA GLU C 109 55.60 -11.51 -0.52
C GLU C 109 55.71 -11.31 -2.04
N ARG C 110 56.91 -11.49 -2.60
CA ARG C 110 57.11 -11.21 -4.01
C ARG C 110 56.14 -11.99 -4.86
N THR C 111 55.80 -13.21 -4.43
CA THR C 111 54.88 -14.00 -5.22
C THR C 111 53.50 -13.39 -5.23
N SER C 112 52.94 -13.08 -4.04
CA SER C 112 51.61 -12.50 -4.00
C SER C 112 51.57 -11.24 -4.83
N PHE C 113 52.52 -10.35 -4.58
CA PHE C 113 52.65 -9.10 -5.33
C PHE C 113 52.53 -9.34 -6.83
N ARG C 114 53.21 -10.35 -7.35
CA ARG C 114 53.08 -10.58 -8.78
C ARG C 114 51.69 -11.09 -9.12
N LEU C 115 51.24 -12.16 -8.47
CA LEU C 115 49.99 -12.77 -8.86
C LEU C 115 48.84 -11.77 -8.82
N GLU C 116 48.69 -11.07 -7.70
CA GLU C 116 47.54 -10.19 -7.59
C GLU C 116 47.68 -8.92 -8.43
N ARG C 117 48.84 -8.70 -9.07
CA ARG C 117 48.86 -7.70 -10.13
C ARG C 117 48.30 -8.26 -11.42
N ARG C 118 48.66 -9.49 -11.77
CA ARG C 118 48.21 -10.09 -13.01
C ARG C 118 46.69 -10.05 -13.13
N VAL C 119 46.01 -10.47 -12.06
CA VAL C 119 44.55 -10.45 -12.05
C VAL C 119 44.05 -9.06 -12.42
N ALA C 120 44.55 -8.03 -11.73
CA ALA C 120 44.12 -6.67 -12.03
C ALA C 120 44.32 -6.37 -13.50
N ALA C 121 45.49 -6.70 -14.03
CA ALA C 121 45.76 -6.43 -15.44
C ALA C 121 44.76 -7.13 -16.32
N VAL C 122 44.45 -8.38 -16.01
CA VAL C 122 43.44 -9.08 -16.81
C VAL C 122 42.13 -8.33 -16.79
N GLY C 123 41.75 -7.80 -15.63
CA GLY C 123 40.57 -6.95 -15.56
C GLY C 123 40.62 -5.83 -16.56
N ARG C 124 41.73 -5.09 -16.62
CA ARG C 124 41.80 -3.97 -17.53
C ARG C 124 41.75 -4.42 -18.99
N GLN C 125 42.13 -5.68 -19.27
CA GLN C 125 42.00 -6.14 -20.65
C GLN C 125 40.56 -6.54 -20.95
N MET C 126 39.83 -6.98 -19.93
CA MET C 126 38.41 -7.32 -20.14
C MET C 126 37.62 -6.05 -20.37
N GLY C 127 37.96 -4.98 -19.66
CA GLY C 127 37.33 -3.70 -19.85
C GLY C 127 37.96 -2.93 -21.00
N ARG C 128 38.69 -3.64 -21.88
CA ARG C 128 39.30 -2.96 -23.02
C ARG C 128 38.25 -2.36 -23.95
N GLY C 129 37.04 -2.91 -23.94
CA GLY C 129 35.96 -2.47 -24.81
C GLY C 129 34.89 -1.61 -24.14
N ASN C 130 34.90 -1.59 -22.81
CA ASN C 130 33.90 -0.84 -22.05
C ASN C 130 33.90 0.66 -22.36
N GLY C 131 35.01 1.22 -22.85
CA GLY C 131 35.03 2.63 -23.18
C GLY C 131 33.97 3.02 -24.20
N TYR C 132 33.78 2.19 -25.23
CA TYR C 132 32.79 2.53 -26.26
C TYR C 132 31.38 2.55 -25.70
N LEU C 133 30.98 1.48 -25.01
CA LEU C 133 29.64 1.44 -24.43
C LEU C 133 29.41 2.61 -23.49
N ALA C 134 30.37 2.89 -22.62
CA ALA C 134 30.21 3.99 -21.69
C ALA C 134 30.01 5.30 -22.43
N THR C 135 30.82 5.54 -23.46
CA THR C 135 30.74 6.80 -24.18
C THR C 135 29.44 6.90 -24.99
N ILE C 136 28.99 5.80 -25.60
CA ILE C 136 27.75 5.81 -26.37
C ILE C 136 26.58 6.13 -25.45
N GLY C 137 26.53 5.47 -24.31
CA GLY C 137 25.50 5.81 -23.35
C GLY C 137 25.62 7.22 -22.81
N ALA C 138 26.82 7.79 -22.85
CA ALA C 138 26.97 9.14 -22.32
C ALA C 138 26.49 10.20 -23.30
N ILE C 139 26.81 10.04 -24.60
CA ILE C 139 26.47 11.06 -25.58
C ILE C 139 25.16 10.81 -26.33
N SER C 140 24.57 9.61 -26.23
CA SER C 140 23.32 9.39 -26.96
C SER C 140 22.20 10.31 -26.52
N PRO C 141 21.91 10.51 -25.23
CA PRO C 141 20.89 11.49 -24.87
C PRO C 141 21.20 12.91 -25.31
N PHE C 142 22.47 13.31 -25.42
CA PHE C 142 22.74 14.67 -25.87
C PHE C 142 22.50 14.81 -27.36
N VAL C 143 22.83 13.78 -28.14
CA VAL C 143 22.59 13.84 -29.57
C VAL C 143 21.09 13.79 -29.85
N GLY C 144 20.37 12.91 -29.15
CA GLY C 144 18.93 12.90 -29.26
C GLY C 144 18.30 14.23 -28.88
N LEU C 145 18.67 14.77 -27.72
CA LEU C 145 18.14 16.06 -27.29
C LEU C 145 18.43 17.16 -28.30
N PHE C 146 19.62 17.13 -28.90
CA PHE C 146 19.90 18.11 -29.95
C PHE C 146 18.93 17.92 -31.11
N GLY C 147 18.67 16.67 -31.49
CA GLY C 147 17.67 16.41 -32.52
C GLY C 147 16.31 16.99 -32.18
N THR C 148 15.82 16.74 -30.96
CA THR C 148 14.49 17.21 -30.62
C THR C 148 14.43 18.72 -30.57
N VAL C 149 15.47 19.36 -30.02
CA VAL C 149 15.47 20.82 -30.01
C VAL C 149 15.44 21.34 -31.43
N TRP C 150 16.13 20.64 -32.33
CA TRP C 150 16.04 20.98 -33.74
C TRP C 150 14.60 20.88 -34.23
N GLY C 151 13.89 19.84 -33.80
CA GLY C 151 12.50 19.68 -34.18
C GLY C 151 11.62 20.83 -33.73
N ILE C 152 11.63 21.12 -32.42
CA ILE C 152 10.76 22.19 -31.91
C ILE C 152 11.17 23.54 -32.50
N MET C 153 12.45 23.71 -32.79
CA MET C 153 12.86 24.92 -33.48
C MET C 153 12.27 24.99 -34.90
N ASN C 154 12.29 23.86 -35.62
CA ASN C 154 11.65 23.84 -36.93
C ASN C 154 10.16 24.12 -36.82
N SER C 155 9.54 23.74 -35.71
CA SER C 155 8.13 24.05 -35.49
C SER C 155 7.92 25.55 -35.38
N PHE C 156 8.72 26.23 -34.55
CA PHE C 156 8.54 27.67 -34.43
C PHE C 156 8.89 28.40 -35.71
N ILE C 157 9.82 27.89 -36.50
CA ILE C 157 9.99 28.46 -37.84
C ILE C 157 8.72 28.26 -38.65
N GLY C 158 8.05 27.11 -38.49
CA GLY C 158 6.80 26.90 -39.21
C GLY C 158 5.75 27.94 -38.83
N ILE C 159 5.63 28.24 -37.54
CA ILE C 159 4.70 29.26 -37.11
C ILE C 159 5.21 30.65 -37.48
N ALA C 160 6.49 30.77 -37.85
CA ALA C 160 6.98 32.09 -38.25
C ALA C 160 6.67 32.37 -39.72
N GLN C 161 6.90 31.40 -40.60
CA GLN C 161 6.44 31.50 -41.98
C GLN C 161 4.93 31.60 -42.07
N THR C 162 4.22 30.52 -41.70
CA THR C 162 2.78 30.48 -41.97
C THR C 162 2.01 31.58 -41.24
N GLN C 163 2.58 32.18 -40.21
CA GLN C 163 1.87 33.15 -39.37
C GLN C 163 0.50 32.62 -38.98
N THR C 164 0.41 31.31 -38.76
CA THR C 164 -0.85 30.59 -38.65
C THR C 164 -1.25 30.29 -37.20
N THR C 165 -0.42 29.53 -36.48
CA THR C 165 -0.63 29.02 -35.12
C THR C 165 -1.46 27.74 -35.14
N ASN C 166 -1.81 27.21 -36.31
CA ASN C 166 -2.60 25.99 -36.36
C ASN C 166 -1.78 24.82 -35.81
N LEU C 167 -2.43 23.65 -35.72
CA LEU C 167 -1.74 22.46 -35.23
C LEU C 167 -0.95 21.77 -36.33
N ALA C 168 -1.39 21.89 -37.57
CA ALA C 168 -0.81 21.14 -38.67
C ALA C 168 0.40 21.80 -39.30
N VAL C 169 0.65 23.08 -39.02
CA VAL C 169 1.93 23.65 -39.42
C VAL C 169 2.99 23.33 -38.39
N VAL C 170 2.63 23.19 -37.12
CA VAL C 170 3.58 22.83 -36.08
C VAL C 170 3.87 21.35 -36.09
N ALA C 171 2.91 20.54 -36.53
CA ALA C 171 3.00 19.09 -36.41
C ALA C 171 4.28 18.50 -36.98
N PRO C 172 4.76 18.87 -38.17
CA PRO C 172 5.99 18.21 -38.67
C PRO C 172 7.19 18.42 -37.79
N GLY C 173 7.38 19.63 -37.26
CA GLY C 173 8.53 19.88 -36.42
C GLY C 173 8.49 19.09 -35.14
N ILE C 174 7.34 19.08 -34.46
CA ILE C 174 7.21 18.34 -33.22
C ILE C 174 7.34 16.85 -33.45
N ALA C 175 6.74 16.34 -34.54
CA ALA C 175 6.91 14.93 -34.88
C ALA C 175 8.38 14.59 -35.10
N GLU C 176 9.11 15.45 -35.80
CA GLU C 176 10.54 15.20 -35.99
C GLU C 176 11.27 15.19 -34.65
N ALA C 177 10.95 16.14 -33.78
CA ALA C 177 11.57 16.18 -32.46
C ALA C 177 11.32 14.89 -31.69
N LEU C 178 10.06 14.47 -31.63
CA LEU C 178 9.77 13.23 -30.91
C LEU C 178 10.44 12.03 -31.56
N LEU C 179 10.67 12.08 -32.88
CA LEU C 179 11.44 11.02 -33.51
C LEU C 179 12.87 10.99 -32.99
N ALA C 180 13.51 12.16 -32.97
CA ALA C 180 14.85 12.27 -32.39
C ALA C 180 14.88 11.72 -30.98
N THR C 181 13.86 12.04 -30.17
CA THR C 181 13.82 11.50 -28.80
C THR C 181 13.66 9.99 -28.78
N ALA C 182 12.74 9.44 -29.57
CA ALA C 182 12.54 7.98 -29.56
C ALA C 182 13.82 7.23 -29.90
N ILE C 183 14.44 7.59 -31.03
CA ILE C 183 15.68 6.92 -31.40
C ILE C 183 16.77 7.21 -30.39
N GLY C 184 16.77 8.43 -29.84
CA GLY C 184 17.72 8.76 -28.79
C GLY C 184 17.64 7.81 -27.60
N LEU C 185 16.43 7.45 -27.19
CA LEU C 185 16.30 6.50 -26.09
C LEU C 185 16.73 5.11 -26.51
N VAL C 186 16.41 4.69 -27.73
CA VAL C 186 16.79 3.34 -28.13
C VAL C 186 18.30 3.21 -28.22
N ALA C 187 19.00 4.28 -28.56
CA ALA C 187 20.46 4.23 -28.51
C ALA C 187 21.00 4.40 -27.10
N ALA C 188 20.35 5.19 -26.25
CA ALA C 188 20.91 5.51 -24.94
C ALA C 188 20.76 4.38 -23.93
N ILE C 189 19.57 3.80 -23.81
CA ILE C 189 19.33 2.85 -22.73
C ILE C 189 20.18 1.59 -22.85
N PRO C 190 20.15 0.84 -23.97
CA PRO C 190 20.94 -0.39 -24.01
C PRO C 190 22.41 -0.17 -23.76
N ALA C 191 22.96 0.96 -24.18
CA ALA C 191 24.36 1.23 -23.84
C ALA C 191 24.57 1.23 -22.34
N VAL C 192 23.65 1.83 -21.59
CA VAL C 192 23.86 1.94 -20.15
C VAL C 192 23.63 0.60 -19.45
N VAL C 193 22.54 -0.10 -19.78
CA VAL C 193 22.34 -1.39 -19.12
C VAL C 193 23.46 -2.34 -19.48
N ILE C 194 23.81 -2.42 -20.77
CA ILE C 194 24.88 -3.31 -21.19
C ILE C 194 26.19 -2.93 -20.50
N TYR C 195 26.48 -1.64 -20.36
CA TYR C 195 27.69 -1.24 -19.65
C TYR C 195 27.67 -1.72 -18.22
N ASN C 196 26.54 -1.59 -17.52
CA ASN C 196 26.49 -2.02 -16.14
C ASN C 196 26.52 -3.54 -16.01
N VAL C 197 25.86 -4.25 -16.92
CA VAL C 197 25.92 -5.70 -16.87
C VAL C 197 27.34 -6.17 -17.14
N PHE C 198 28.07 -5.47 -18.01
CA PHE C 198 29.46 -5.84 -18.25
C PHE C 198 30.33 -5.52 -17.05
N ALA C 199 30.05 -4.44 -16.33
CA ALA C 199 30.76 -4.19 -15.09
C ALA C 199 30.52 -5.33 -14.10
N ARG C 200 29.26 -5.73 -13.94
CA ARG C 200 28.91 -6.80 -13.00
C ARG C 200 29.62 -8.10 -13.38
N GLN C 201 29.56 -8.49 -14.65
CA GLN C 201 30.19 -9.74 -15.08
C GLN C 201 31.71 -9.66 -14.98
N ILE C 202 32.30 -8.53 -15.37
CA ILE C 202 33.75 -8.38 -15.23
C ILE C 202 34.16 -8.48 -13.77
N GLY C 203 33.37 -7.90 -12.87
CA GLY C 203 33.65 -8.07 -11.45
C GLY C 203 33.69 -9.51 -11.03
N GLY C 204 32.66 -10.28 -11.42
CA GLY C 204 32.63 -11.69 -11.06
C GLY C 204 33.79 -12.48 -11.64
N PHE C 205 34.20 -12.14 -12.86
CA PHE C 205 35.31 -12.85 -13.48
C PHE C 205 36.63 -12.54 -12.78
N LYS C 206 36.94 -11.25 -12.59
CA LYS C 206 38.12 -10.87 -11.84
C LYS C 206 38.14 -11.51 -10.47
N ALA C 207 36.97 -11.65 -9.84
CA ALA C 207 36.91 -12.30 -8.53
C ALA C 207 37.26 -13.78 -8.63
N MET C 208 36.70 -14.49 -9.61
CA MET C 208 36.99 -15.92 -9.75
C MET C 208 38.48 -16.15 -9.98
N LEU C 209 39.05 -15.42 -10.94
CA LEU C 209 40.47 -15.52 -11.19
C LEU C 209 41.25 -15.25 -9.91
N GLY C 210 40.82 -14.24 -9.14
CA GLY C 210 41.44 -14.01 -7.84
C GLY C 210 41.39 -15.22 -6.93
N ASP C 211 40.30 -16.01 -7.01
CA ASP C 211 40.23 -17.20 -6.17
C ASP C 211 41.27 -18.23 -6.59
N VAL C 212 41.46 -18.43 -7.90
CA VAL C 212 42.52 -19.35 -8.31
C VAL C 212 43.88 -18.85 -7.85
N ALA C 213 44.13 -17.56 -8.02
CA ALA C 213 45.37 -16.99 -7.49
C ALA C 213 45.54 -17.30 -6.01
N ALA C 214 44.46 -17.24 -5.24
CA ALA C 214 44.54 -17.57 -3.83
C ALA C 214 44.93 -19.04 -3.62
N GLN C 215 44.41 -19.93 -4.45
CA GLN C 215 44.84 -21.32 -4.34
C GLN C 215 46.34 -21.45 -4.58
N VAL C 216 46.86 -20.79 -5.62
CA VAL C 216 48.29 -20.88 -5.88
C VAL C 216 49.08 -20.35 -4.69
N LEU C 217 48.70 -19.19 -4.18
CA LEU C 217 49.42 -18.58 -3.06
C LEU C 217 49.41 -19.48 -1.83
N LEU C 218 48.26 -20.08 -1.51
CA LEU C 218 48.19 -21.00 -0.39
C LEU C 218 49.14 -22.18 -0.59
N LEU C 219 49.06 -22.83 -1.75
CA LEU C 219 49.93 -23.98 -1.98
C LEU C 219 51.39 -23.61 -1.80
N GLN C 220 51.80 -22.48 -2.36
CA GLN C 220 53.19 -22.04 -2.24
C GLN C 220 53.57 -21.81 -0.78
N SER C 221 52.76 -21.03 -0.05
CA SER C 221 53.06 -20.71 1.34
C SER C 221 53.12 -21.98 2.19
N ARG C 222 52.14 -22.87 2.01
CA ARG C 222 52.12 -24.12 2.76
C ARG C 222 53.37 -24.94 2.48
N ASP C 223 53.74 -25.06 1.20
CA ASP C 223 54.89 -25.90 0.89
C ASP C 223 56.17 -25.30 1.44
N LEU C 224 56.37 -24.00 1.28
CA LEU C 224 57.58 -23.38 1.81
C LEU C 224 57.67 -23.55 3.32
N ASP C 225 56.54 -23.44 4.02
CA ASP C 225 56.55 -23.64 5.46
C ASP C 225 56.88 -25.08 5.81
N LEU C 226 56.29 -26.04 5.10
CA LEU C 226 56.54 -27.45 5.43
C LEU C 226 57.98 -27.84 5.14
N GLU C 227 58.58 -27.28 4.08
CA GLU C 227 59.98 -27.57 3.79
C GLU C 227 60.91 -26.93 4.81
N ALA C 228 60.74 -25.63 5.07
CA ALA C 228 61.62 -24.96 6.01
C ALA C 228 61.53 -25.59 7.39
N SER C 229 60.32 -25.99 7.80
CA SER C 229 60.19 -26.65 9.09
C SER C 229 60.68 -28.08 9.05
N ALA C 230 60.61 -28.73 7.89
CA ALA C 230 60.92 -30.17 7.83
C ALA C 230 62.40 -30.47 7.96
N ALA C 231 63.29 -29.60 7.47
CA ALA C 231 64.73 -29.80 7.67
C ALA C 231 65.17 -28.89 8.81
N ALA C 232 65.28 -29.47 10.01
CA ALA C 232 65.90 -28.76 11.12
C ALA C 232 66.88 -29.67 11.89
N HIS C 233 66.46 -30.75 12.58
CA HIS C 233 65.09 -31.24 12.74
C HIS C 233 64.57 -30.92 14.13
N ALA D 19 19.65 38.50 -30.87
CA ALA D 19 19.19 39.69 -30.18
C ALA D 19 19.50 39.63 -28.68
N ASP D 20 18.86 40.52 -27.94
CA ASP D 20 19.04 40.71 -26.49
C ASP D 20 20.53 40.91 -26.19
N ILE D 21 20.99 40.41 -25.05
CA ILE D 21 22.38 40.53 -24.63
C ILE D 21 22.86 39.18 -24.09
N VAL D 22 22.17 38.71 -23.03
CA VAL D 22 22.59 37.52 -22.30
C VAL D 22 22.76 36.33 -23.21
N VAL D 23 21.83 36.13 -24.15
CA VAL D 23 21.89 34.94 -25.00
C VAL D 23 23.17 34.90 -25.81
N LYS D 24 23.59 36.06 -26.32
CA LYS D 24 24.81 36.09 -27.13
C LYS D 24 26.05 35.87 -26.27
N CYS D 25 26.08 36.44 -25.07
CA CYS D 25 27.23 36.20 -24.18
C CYS D 25 27.29 34.74 -23.76
N VAL D 26 26.14 34.12 -23.52
CA VAL D 26 26.09 32.71 -23.19
C VAL D 26 26.64 31.87 -24.35
N MET D 27 26.23 32.21 -25.58
CA MET D 27 26.71 31.45 -26.73
C MET D 27 28.19 31.65 -26.98
N ILE D 28 28.68 32.89 -26.89
CA ILE D 28 30.11 33.11 -27.07
C ILE D 28 30.89 32.42 -25.96
N GLY D 29 30.33 32.40 -24.75
CA GLY D 29 30.95 31.64 -23.68
C GLY D 29 31.07 30.17 -24.06
N LEU D 30 30.00 29.61 -24.62
CA LEU D 30 30.04 28.21 -25.05
C LEU D 30 31.08 27.98 -26.13
N ILE D 31 31.20 28.93 -27.06
CA ILE D 31 32.18 28.79 -28.14
C ILE D 31 33.62 28.88 -27.59
N LEU D 32 33.86 29.79 -26.66
CA LEU D 32 35.15 29.82 -25.98
C LEU D 32 35.43 28.49 -25.30
N ALA D 33 34.44 27.96 -24.58
CA ALA D 33 34.59 26.65 -23.98
C ALA D 33 34.94 25.60 -25.02
N SER D 34 34.35 25.69 -26.22
CA SER D 34 34.73 24.75 -27.27
C SER D 34 36.18 24.93 -27.69
N VAL D 35 36.63 26.18 -27.77
CA VAL D 35 38.03 26.45 -28.10
C VAL D 35 38.95 25.80 -27.07
N VAL D 36 38.65 25.98 -25.78
CA VAL D 36 39.46 25.35 -24.75
C VAL D 36 39.42 23.83 -24.88
N THR D 37 38.26 23.27 -25.22
CA THR D 37 38.17 21.84 -25.45
C THR D 37 39.19 21.42 -26.51
N TRP D 38 39.28 22.16 -27.60
CA TRP D 38 40.20 21.72 -28.65
C TRP D 38 41.66 21.98 -28.29
N ALA D 39 41.94 23.07 -27.56
CA ALA D 39 43.31 23.29 -27.12
C ALA D 39 43.80 22.16 -26.22
N ILE D 40 43.02 21.84 -25.18
CA ILE D 40 43.35 20.68 -24.35
C ILE D 40 43.54 19.46 -25.22
N PHE D 41 42.64 19.26 -26.18
CA PHE D 41 42.72 18.08 -27.05
C PHE D 41 44.09 17.96 -27.69
N PHE D 42 44.57 19.05 -28.33
CA PHE D 42 45.83 18.93 -29.07
C PHE D 42 47.02 18.82 -28.12
N SER D 43 47.13 19.73 -27.15
CA SER D 43 48.33 19.71 -26.31
C SER D 43 48.43 18.42 -25.51
N LYS D 44 47.34 18.04 -24.85
CA LYS D 44 47.36 16.78 -24.12
C LYS D 44 47.59 15.60 -25.05
N SER D 45 47.09 15.66 -26.29
CA SER D 45 47.40 14.60 -27.24
C SER D 45 48.89 14.41 -27.39
N VAL D 46 49.61 15.51 -27.62
CA VAL D 46 51.06 15.41 -27.79
C VAL D 46 51.71 14.86 -26.53
N GLU D 47 51.33 15.38 -25.37
CA GLU D 47 51.92 14.90 -24.13
C GLU D 47 51.75 13.40 -23.94
N PHE D 48 50.50 12.92 -23.98
CA PHE D 48 50.25 11.52 -23.68
C PHE D 48 50.92 10.61 -24.69
N PHE D 49 50.95 10.99 -25.96
CA PHE D 49 51.61 10.12 -26.92
C PHE D 49 53.10 10.05 -26.68
N ASN D 50 53.74 11.20 -26.47
CA ASN D 50 55.18 11.18 -26.22
C ASN D 50 55.51 10.33 -25.00
N GLN D 51 54.93 10.67 -23.84
CA GLN D 51 55.30 9.94 -22.63
C GLN D 51 54.93 8.47 -22.72
N LYS D 52 53.81 8.14 -23.34
CA LYS D 52 53.44 6.73 -23.44
C LYS D 52 54.47 5.98 -24.28
N ARG D 53 54.96 6.60 -25.36
CA ARG D 53 55.99 5.95 -26.17
C ARG D 53 57.29 5.77 -25.39
N ARG D 54 57.78 6.85 -24.78
CA ARG D 54 58.99 6.78 -23.98
C ARG D 54 58.89 5.69 -22.92
N LEU D 55 57.77 5.63 -22.20
CA LEU D 55 57.64 4.61 -21.16
C LEU D 55 57.61 3.20 -21.74
N LYS D 56 56.93 3.00 -22.86
CA LYS D 56 56.91 1.68 -23.47
C LYS D 56 58.31 1.22 -23.82
N ARG D 57 59.10 2.10 -24.45
CA ARG D 57 60.47 1.73 -24.76
C ARG D 57 61.24 1.41 -23.48
N GLU D 58 61.19 2.30 -22.49
CA GLU D 58 61.95 2.09 -21.27
C GLU D 58 61.58 0.77 -20.59
N GLN D 59 60.30 0.40 -20.62
CA GLN D 59 59.93 -0.90 -20.03
C GLN D 59 60.51 -2.06 -20.85
N GLN D 60 60.41 -2.01 -22.18
CA GLN D 60 60.99 -3.10 -22.95
C GLN D 60 62.49 -3.23 -22.69
N LEU D 61 63.20 -2.11 -22.53
CA LEU D 61 64.62 -2.19 -22.25
C LEU D 61 64.90 -2.75 -20.87
N LEU D 62 64.17 -2.28 -19.85
CA LEU D 62 64.39 -2.80 -18.50
C LEU D 62 63.96 -4.26 -18.37
N ALA D 63 63.30 -4.83 -19.37
CA ALA D 63 62.98 -6.25 -19.32
C ALA D 63 64.22 -7.14 -19.31
N GLU D 64 65.40 -6.59 -19.56
CA GLU D 64 66.65 -7.33 -19.61
C GLU D 64 67.32 -7.39 -18.25
N ALA D 65 66.75 -6.76 -17.25
CA ALA D 65 67.40 -6.59 -15.96
C ALA D 65 67.34 -7.88 -15.15
N ARG D 66 68.51 -8.41 -14.79
CA ARG D 66 68.63 -9.46 -13.80
C ARG D 66 69.10 -8.98 -12.44
N SER D 67 69.34 -7.69 -12.28
CA SER D 67 69.78 -7.17 -11.00
C SER D 67 69.17 -5.79 -10.81
N LEU D 68 69.49 -5.15 -9.68
CA LEU D 68 69.12 -3.75 -9.58
C LEU D 68 70.21 -2.91 -10.21
N ASN D 69 71.46 -3.32 -10.07
CA ASN D 69 72.58 -2.62 -10.71
C ASN D 69 72.50 -2.68 -12.22
N GLN D 70 72.09 -3.81 -12.77
CA GLN D 70 71.95 -3.84 -14.21
C GLN D 70 70.83 -2.91 -14.65
N ALA D 71 69.77 -2.76 -13.84
CA ALA D 71 68.72 -1.82 -14.19
C ALA D 71 69.21 -0.37 -14.09
N ASN D 72 69.87 -0.01 -12.99
CA ASN D 72 70.44 1.34 -12.91
C ASN D 72 71.37 1.62 -14.07
N ASP D 73 72.00 0.58 -14.62
CA ASP D 73 72.90 0.74 -15.75
C ASP D 73 72.18 0.88 -17.07
N ILE D 74 71.13 0.09 -17.30
CA ILE D 74 70.45 0.19 -18.58
C ILE D 74 69.81 1.56 -18.71
N ALA D 75 69.33 2.12 -17.59
CA ALA D 75 68.61 3.38 -17.55
C ALA D 75 69.50 4.57 -17.26
N ALA D 76 70.81 4.42 -17.26
CA ALA D 76 71.68 5.54 -16.91
C ALA D 76 71.45 6.72 -17.85
N ASP D 77 71.32 6.46 -19.15
CA ASP D 77 71.20 7.51 -20.15
C ASP D 77 69.80 7.74 -20.67
N PHE D 78 68.79 7.12 -20.06
CA PHE D 78 67.41 7.23 -20.51
C PHE D 78 66.97 8.67 -20.70
N GLY D 79 67.70 9.58 -20.09
CA GLY D 79 67.45 11.01 -20.09
C GLY D 79 67.11 11.48 -18.69
N SER D 80 67.39 12.74 -18.42
CA SER D 80 67.27 13.18 -17.04
C SER D 80 65.82 13.30 -16.64
N LYS D 81 64.93 13.64 -17.57
CA LYS D 81 63.50 13.72 -17.26
C LYS D 81 62.80 12.37 -17.37
N SER D 82 63.54 11.29 -17.59
CA SER D 82 62.91 9.98 -17.67
C SER D 82 62.26 9.64 -16.34
N LEU D 83 61.18 8.87 -16.42
CA LEU D 83 60.47 8.45 -15.22
C LEU D 83 61.18 7.26 -14.57
N SER D 84 61.57 6.27 -15.38
CA SER D 84 62.21 5.08 -14.83
C SER D 84 63.54 5.40 -14.18
N LEU D 85 64.29 6.35 -14.73
CA LEU D 85 65.49 6.78 -14.02
C LEU D 85 65.14 7.42 -12.69
N HIS D 86 63.96 8.03 -12.57
CA HIS D 86 63.57 8.60 -11.28
C HIS D 86 63.22 7.52 -10.28
N LEU D 87 62.52 6.47 -10.71
CA LEU D 87 62.21 5.38 -9.78
C LEU D 87 63.50 4.66 -9.38
N LEU D 88 64.27 4.21 -10.37
CA LEU D 88 65.53 3.53 -10.09
C LEU D 88 66.44 4.40 -9.23
N ASN D 89 66.51 5.70 -9.53
CA ASN D 89 67.32 6.57 -8.69
C ASN D 89 66.76 6.69 -7.29
N GLU D 90 65.45 6.54 -7.12
CA GLU D 90 64.92 6.58 -5.76
C GLU D 90 65.28 5.33 -4.98
N ALA D 91 65.16 4.16 -5.61
CA ALA D 91 65.57 2.93 -4.94
C ALA D 91 67.05 2.99 -4.58
N GLN D 92 67.90 3.34 -5.55
CA GLN D 92 69.33 3.45 -5.28
C GLN D 92 69.60 4.45 -4.17
N ASN D 93 68.92 5.59 -4.18
CA ASN D 93 69.15 6.56 -3.11
C ASN D 93 68.72 6.01 -1.76
N GLU D 94 67.69 5.16 -1.74
CA GLU D 94 67.32 4.57 -0.45
C GLU D 94 68.35 3.54 -0.03
N LEU D 95 69.00 2.89 -0.98
CA LEU D 95 70.09 1.98 -0.65
C LEU D 95 71.31 2.74 -0.13
N GLU D 96 71.59 3.93 -0.67
CA GLU D 96 72.75 4.70 -0.22
C GLU D 96 72.50 5.33 1.14
N LEU D 97 71.31 5.85 1.38
CA LEU D 97 71.03 6.47 2.67
C LEU D 97 70.99 5.47 3.81
N SER D 98 70.71 4.19 3.51
CA SER D 98 70.61 3.14 4.50
C SER D 98 71.93 2.41 4.72
N GLU D 99 73.01 2.89 4.11
CA GLU D 99 74.30 2.22 4.25
C GLU D 99 74.66 2.05 5.72
N GLY D 100 74.98 0.81 6.08
CA GLY D 100 75.29 0.45 7.44
C GLY D 100 74.14 -0.17 8.21
N SER D 101 72.97 -0.29 7.61
CA SER D 101 71.83 -0.93 8.26
C SER D 101 71.91 -2.44 8.09
N ASP D 102 71.67 -3.17 9.18
CA ASP D 102 71.61 -4.61 9.13
C ASP D 102 70.25 -5.15 8.74
N ASP D 103 69.22 -4.32 8.76
CA ASP D 103 67.84 -4.76 8.54
C ASP D 103 67.49 -4.56 7.08
N ASN D 104 67.40 -5.66 6.32
CA ASN D 104 66.96 -5.54 4.94
C ASN D 104 65.45 -5.41 4.84
N GLU D 105 64.69 -5.91 5.82
CA GLU D 105 63.25 -5.75 5.76
C GLU D 105 62.87 -4.29 5.92
N GLY D 106 63.75 -3.49 6.52
CA GLY D 106 63.51 -2.07 6.61
C GLY D 106 63.62 -1.42 5.25
N ILE D 107 64.78 -1.53 4.62
CA ILE D 107 65.03 -0.89 3.34
C ILE D 107 63.86 -1.11 2.41
N GLU D 109 60.66 -1.87 2.83
CA GLU D 109 59.54 -1.01 3.21
C GLU D 109 59.74 0.41 2.72
N ARG D 110 60.80 1.08 3.20
CA ARG D 110 60.96 2.48 2.84
C ARG D 110 60.96 2.64 1.33
N THR D 111 61.61 1.73 0.62
CA THR D 111 61.66 1.86 -0.83
C THR D 111 60.26 1.80 -1.40
N SER D 112 59.49 0.80 -1.01
CA SER D 112 58.12 0.73 -1.50
C SER D 112 57.39 2.02 -1.21
N PHE D 113 57.44 2.48 0.05
CA PHE D 113 56.74 3.70 0.41
C PHE D 113 57.12 4.83 -0.53
N ARG D 114 58.43 4.99 -0.76
CA ARG D 114 58.89 6.04 -1.64
C ARG D 114 58.29 5.86 -3.01
N LEU D 115 58.47 4.69 -3.60
CA LEU D 115 57.97 4.51 -4.95
C LEU D 115 56.45 4.71 -4.99
N GLU D 116 55.75 4.30 -3.92
CA GLU D 116 54.29 4.40 -3.95
C GLU D 116 53.82 5.84 -3.98
N ARG D 117 54.61 6.76 -3.43
CA ARG D 117 54.28 8.17 -3.61
C ARG D 117 54.54 8.59 -5.05
N ARG D 118 55.72 8.27 -5.58
CA ARG D 118 56.12 8.71 -6.91
C ARG D 118 55.00 8.50 -7.89
N VAL D 119 54.61 7.24 -8.09
CA VAL D 119 53.58 6.89 -9.05
C VAL D 119 52.34 7.75 -8.85
N ALA D 120 51.82 7.78 -7.62
CA ALA D 120 50.64 8.57 -7.35
C ALA D 120 50.82 10.01 -7.79
N ALA D 121 51.95 10.63 -7.40
CA ALA D 121 52.16 12.02 -7.78
C ALA D 121 52.11 12.16 -9.29
N VAL D 122 52.80 11.29 -10.01
CA VAL D 122 52.78 11.40 -11.46
C VAL D 122 51.35 11.21 -11.97
N GLY D 123 50.62 10.25 -11.42
CA GLY D 123 49.22 10.12 -11.79
C GLY D 123 48.46 11.42 -11.60
N ARG D 124 48.63 12.04 -10.43
CA ARG D 124 47.89 13.26 -10.14
C ARG D 124 48.30 14.39 -11.08
N GLN D 125 49.52 14.32 -11.60
CA GLN D 125 49.96 15.37 -12.52
C GLN D 125 49.49 15.13 -13.94
N MET D 126 49.15 13.90 -14.31
CA MET D 126 48.64 13.70 -15.67
C MET D 126 47.19 14.13 -15.78
N GLY D 127 46.41 13.90 -14.73
CA GLY D 127 45.01 14.28 -14.73
C GLY D 127 44.73 15.71 -14.31
N ARG D 128 45.74 16.59 -14.37
CA ARG D 128 45.55 17.95 -13.90
C ARG D 128 44.50 18.68 -14.72
N GLY D 129 44.43 18.40 -16.02
CA GLY D 129 43.56 19.13 -16.90
C GLY D 129 42.19 18.53 -17.21
N ASN D 130 42.01 17.23 -16.96
CA ASN D 130 40.74 16.60 -17.28
C ASN D 130 39.55 17.22 -16.55
N GLY D 131 39.77 17.89 -15.42
CA GLY D 131 38.66 18.56 -14.76
C GLY D 131 37.94 19.55 -15.65
N TYR D 132 38.70 20.31 -16.45
CA TYR D 132 38.10 21.30 -17.33
C TYR D 132 37.18 20.65 -18.35
N LEU D 133 37.69 19.63 -19.07
CA LEU D 133 36.84 18.91 -20.02
C LEU D 133 35.62 18.34 -19.34
N ALA D 134 35.78 17.74 -18.17
CA ALA D 134 34.64 17.12 -17.51
C ALA D 134 33.57 18.16 -17.21
N THR D 135 33.94 19.29 -16.64
CA THR D 135 32.92 20.28 -16.28
C THR D 135 32.33 20.93 -17.52
N ILE D 136 33.13 21.18 -18.55
CA ILE D 136 32.58 21.79 -19.77
C ILE D 136 31.54 20.88 -20.39
N GLY D 137 31.86 19.60 -20.53
CA GLY D 137 30.89 18.67 -21.06
C GLY D 137 29.69 18.45 -20.16
N ALA D 138 29.85 18.65 -18.85
CA ALA D 138 28.72 18.44 -17.95
C ALA D 138 27.76 19.62 -17.94
N ILE D 139 28.29 20.84 -17.81
CA ILE D 139 27.46 22.01 -17.62
C ILE D 139 27.19 22.77 -18.91
N SER D 140 27.76 22.35 -20.04
CA SER D 140 27.47 23.05 -21.28
C SER D 140 25.99 23.00 -21.66
N PRO D 141 25.31 21.86 -21.67
CA PRO D 141 23.88 21.90 -21.99
C PRO D 141 23.07 22.70 -21.02
N PHE D 142 23.49 22.78 -19.76
CA PHE D 142 22.73 23.54 -18.78
C PHE D 142 22.96 25.03 -18.88
N VAL D 143 24.17 25.48 -19.19
CA VAL D 143 24.34 26.91 -19.42
C VAL D 143 23.60 27.31 -20.70
N GLY D 144 23.67 26.46 -21.74
CA GLY D 144 22.85 26.73 -22.92
C GLY D 144 21.37 26.82 -22.59
N LEU D 145 20.88 25.85 -21.82
CA LEU D 145 19.48 25.86 -21.40
C LEU D 145 19.15 27.15 -20.66
N PHE D 146 20.07 27.65 -19.82
CA PHE D 146 19.85 28.94 -19.20
C PHE D 146 19.71 30.04 -20.23
N GLY D 147 20.52 29.98 -21.29
CA GLY D 147 20.37 30.95 -22.36
C GLY D 147 18.98 30.96 -22.95
N THR D 148 18.48 29.79 -23.36
CA THR D 148 17.17 29.77 -24.00
C THR D 148 16.06 30.10 -23.01
N VAL D 149 16.14 29.61 -21.79
CA VAL D 149 15.09 29.91 -20.82
C VAL D 149 15.03 31.39 -20.54
N TRP D 150 16.18 32.05 -20.46
CA TRP D 150 16.18 33.51 -20.34
C TRP D 150 15.54 34.15 -21.56
N GLY D 151 15.84 33.63 -22.75
CA GLY D 151 15.24 34.17 -23.96
C GLY D 151 13.74 34.05 -24.00
N ILE D 152 13.22 32.82 -23.88
CA ILE D 152 11.77 32.62 -23.95
C ILE D 152 11.08 33.31 -22.81
N MET D 153 11.75 33.47 -21.68
CA MET D 153 11.18 34.28 -20.61
C MET D 153 11.05 35.73 -21.07
N ASN D 154 12.07 36.26 -21.75
CA ASN D 154 11.95 37.62 -22.28
C ASN D 154 10.82 37.74 -23.31
N SER D 155 10.61 36.69 -24.11
CA SER D 155 9.53 36.74 -25.11
C SER D 155 8.15 36.74 -24.45
N PHE D 156 7.89 35.80 -23.54
CA PHE D 156 6.57 35.79 -22.92
C PHE D 156 6.36 37.02 -22.05
N ILE D 157 7.42 37.56 -21.46
CA ILE D 157 7.30 38.87 -20.83
C ILE D 157 6.89 39.90 -21.87
N GLY D 158 7.37 39.75 -23.10
CA GLY D 158 6.96 40.65 -24.17
C GLY D 158 5.48 40.55 -24.48
N ILE D 159 4.95 39.33 -24.59
CA ILE D 159 3.53 39.17 -24.87
C ILE D 159 2.65 39.54 -23.69
N ALA D 160 3.23 39.70 -22.49
CA ALA D 160 2.42 40.11 -21.36
C ALA D 160 2.22 41.63 -21.27
N GLN D 161 2.81 42.40 -22.17
CA GLN D 161 2.50 43.82 -22.27
C GLN D 161 1.51 44.06 -23.40
N THR D 162 1.05 45.31 -23.50
CA THR D 162 0.03 45.74 -24.47
C THR D 162 -1.11 44.72 -24.43
N GLN D 163 -1.59 44.24 -25.58
CA GLN D 163 -2.51 43.11 -25.62
C GLN D 163 -2.17 42.30 -26.86
N THR D 164 -2.09 40.98 -26.73
CA THR D 164 -1.54 40.16 -27.80
C THR D 164 -2.28 38.83 -27.89
N THR D 165 -1.90 38.04 -28.91
CA THR D 165 -2.40 36.71 -29.24
C THR D 165 -1.57 36.26 -30.45
N ASN D 166 -1.78 35.05 -30.97
CA ASN D 166 -1.16 34.63 -32.22
C ASN D 166 0.37 34.62 -32.14
N LEU D 167 0.94 33.59 -31.51
CA LEU D 167 2.36 33.53 -31.14
C LEU D 167 3.31 33.72 -32.32
N ALA D 168 2.80 33.72 -33.56
CA ALA D 168 3.68 33.92 -34.72
C ALA D 168 4.53 35.18 -34.61
N VAL D 169 4.16 36.11 -33.73
CA VAL D 169 4.93 37.34 -33.58
C VAL D 169 6.22 37.08 -32.82
N VAL D 170 6.18 36.23 -31.79
CA VAL D 170 7.34 35.97 -30.93
C VAL D 170 8.10 34.72 -31.32
N ALA D 171 7.64 33.97 -32.32
CA ALA D 171 8.29 32.70 -32.67
C ALA D 171 9.78 32.84 -32.97
N PRO D 172 10.24 33.80 -33.79
CA PRO D 172 11.68 33.90 -34.05
C PRO D 172 12.52 34.04 -32.80
N GLY D 173 12.09 34.89 -31.86
CA GLY D 173 12.83 35.01 -30.61
C GLY D 173 12.99 33.67 -29.91
N ILE D 174 11.92 32.89 -29.88
CA ILE D 174 11.97 31.58 -29.22
C ILE D 174 12.94 30.64 -29.94
N ALA D 175 12.91 30.62 -31.28
CA ALA D 175 13.88 29.80 -32.00
C ALA D 175 15.31 30.24 -31.68
N GLU D 176 15.56 31.55 -31.75
CA GLU D 176 16.85 32.10 -31.37
C GLU D 176 17.26 31.64 -29.98
N ALA D 177 16.29 31.47 -29.07
CA ALA D 177 16.59 30.92 -27.77
C ALA D 177 17.02 29.46 -27.87
N LEU D 178 16.27 28.66 -28.62
CA LEU D 178 16.59 27.24 -28.74
C LEU D 178 17.97 27.00 -29.33
N LEU D 179 18.47 27.94 -30.13
CA LEU D 179 19.85 27.79 -30.59
C LEU D 179 20.84 27.78 -29.45
N ALA D 180 20.59 28.53 -28.37
CA ALA D 180 21.52 28.51 -27.25
C ALA D 180 21.70 27.10 -26.73
N THR D 181 20.61 26.36 -26.54
CA THR D 181 20.75 24.97 -26.15
C THR D 181 21.47 24.16 -27.22
N ALA D 182 21.15 24.40 -28.49
CA ALA D 182 21.85 23.66 -29.55
C ALA D 182 23.36 23.82 -29.42
N ILE D 183 23.82 25.05 -29.22
CA ILE D 183 25.24 25.31 -29.05
C ILE D 183 25.75 24.69 -27.77
N GLY D 184 24.95 24.72 -26.70
CA GLY D 184 25.36 24.06 -25.48
C GLY D 184 25.65 22.57 -25.68
N LEU D 185 24.77 21.88 -26.38
CA LEU D 185 24.97 20.45 -26.62
C LEU D 185 26.15 20.22 -27.57
N VAL D 186 26.29 21.07 -28.58
CA VAL D 186 27.38 20.89 -29.52
C VAL D 186 28.73 21.19 -28.87
N ALA D 187 28.75 22.09 -27.89
CA ALA D 187 29.98 22.30 -27.15
C ALA D 187 30.22 21.15 -26.18
N ALA D 188 29.16 20.52 -25.71
CA ALA D 188 29.29 19.47 -24.72
C ALA D 188 29.85 18.19 -25.31
N ILE D 189 29.41 17.80 -26.51
CA ILE D 189 29.79 16.49 -27.04
C ILE D 189 31.29 16.28 -27.18
N PRO D 190 32.04 17.13 -27.90
CA PRO D 190 33.48 16.86 -27.99
C PRO D 190 34.16 16.86 -26.63
N ALA D 191 33.72 17.71 -25.71
CA ALA D 191 34.31 17.69 -24.37
C ALA D 191 34.13 16.33 -23.72
N VAL D 192 32.96 15.73 -23.88
CA VAL D 192 32.70 14.45 -23.22
C VAL D 192 33.49 13.33 -23.87
N VAL D 193 33.49 13.25 -25.20
CA VAL D 193 34.25 12.19 -25.85
C VAL D 193 35.73 12.31 -25.54
N ILE D 194 36.26 13.53 -25.66
CA ILE D 194 37.66 13.75 -25.34
C ILE D 194 37.96 13.37 -23.91
N TYR D 195 37.07 13.73 -22.97
CA TYR D 195 37.31 13.34 -21.58
C TYR D 195 37.39 11.84 -21.43
N ASN D 196 36.52 11.09 -22.10
CA ASN D 196 36.57 9.65 -21.92
C ASN D 196 37.84 9.06 -22.50
N VAL D 197 38.27 9.57 -23.65
CA VAL D 197 39.51 9.06 -24.25
C VAL D 197 40.70 9.38 -23.36
N PHE D 198 40.72 10.56 -22.76
CA PHE D 198 41.85 10.89 -21.91
C PHE D 198 41.82 10.09 -20.61
N ALA D 199 40.63 9.78 -20.10
CA ALA D 199 40.57 8.88 -18.95
C ALA D 199 41.16 7.53 -19.30
N ARG D 200 40.80 6.97 -20.44
CA ARG D 200 41.36 5.68 -20.81
C ARG D 200 42.88 5.75 -20.92
N GLN D 201 43.39 6.79 -21.58
CA GLN D 201 44.84 6.86 -21.77
C GLN D 201 45.55 7.02 -20.44
N ILE D 202 45.05 7.88 -19.56
CA ILE D 202 45.68 7.98 -18.24
C ILE D 202 45.60 6.64 -17.51
N GLY D 203 44.52 5.90 -17.70
CA GLY D 203 44.45 4.56 -17.11
C GLY D 203 45.60 3.68 -17.56
N GLY D 204 45.79 3.57 -18.87
CA GLY D 204 46.89 2.76 -19.38
C GLY D 204 48.25 3.26 -18.93
N PHE D 205 48.40 4.59 -18.83
CA PHE D 205 49.66 5.16 -18.40
C PHE D 205 49.96 4.84 -16.95
N LYS D 206 49.03 5.12 -16.04
CA LYS D 206 49.21 4.74 -14.65
C LYS D 206 49.52 3.26 -14.55
N ALA D 207 48.94 2.45 -15.42
CA ALA D 207 49.24 1.02 -15.41
C ALA D 207 50.71 0.77 -15.77
N MET D 208 51.19 1.41 -16.84
CA MET D 208 52.59 1.20 -17.24
C MET D 208 53.54 1.67 -16.16
N LEU D 209 53.37 2.90 -15.69
CA LEU D 209 54.23 3.43 -14.63
C LEU D 209 54.24 2.50 -13.44
N GLY D 210 53.07 2.01 -13.05
CA GLY D 210 53.01 1.02 -11.99
C GLY D 210 53.80 -0.24 -12.29
N ASP D 211 53.82 -0.65 -13.55
CA ASP D 211 54.57 -1.85 -13.89
C ASP D 211 56.07 -1.62 -13.73
N VAL D 212 56.58 -0.48 -14.19
CA VAL D 212 58.00 -0.20 -14.03
C VAL D 212 58.37 -0.13 -12.56
N ALA D 213 57.58 0.59 -11.76
CA ALA D 213 57.83 0.61 -10.33
C ALA D 213 57.82 -0.79 -9.75
N ALA D 214 56.90 -1.65 -10.18
CA ALA D 214 56.86 -3.01 -9.65
C ALA D 214 58.13 -3.77 -9.97
N GLN D 215 58.67 -3.60 -11.17
CA GLN D 215 59.94 -4.24 -11.50
C GLN D 215 61.07 -3.75 -10.60
N VAL D 216 61.17 -2.44 -10.37
CA VAL D 216 62.23 -1.98 -9.48
C VAL D 216 62.07 -2.61 -8.11
N LEU D 217 60.86 -2.64 -7.58
CA LEU D 217 60.67 -3.23 -6.26
C LEU D 217 61.05 -4.70 -6.23
N LEU D 218 60.64 -5.49 -7.22
CA LEU D 218 61.03 -6.89 -7.23
C LEU D 218 62.55 -7.03 -7.22
N LEU D 219 63.23 -6.38 -8.16
CA LEU D 219 64.68 -6.54 -8.25
C LEU D 219 65.34 -6.18 -6.92
N GLN D 220 64.94 -5.09 -6.31
CA GLN D 220 65.52 -4.72 -5.02
C GLN D 220 65.26 -5.78 -3.96
N SER D 221 64.01 -6.24 -3.85
CA SER D 221 63.70 -7.24 -2.84
C SER D 221 64.52 -8.51 -3.04
N ARG D 222 64.54 -9.01 -4.27
CA ARG D 222 65.26 -10.25 -4.57
C ARG D 222 66.75 -10.11 -4.31
N ASP D 223 67.36 -9.00 -4.70
CA ASP D 223 68.78 -8.84 -4.45
C ASP D 223 69.09 -8.71 -2.98
N LEU D 224 68.28 -7.96 -2.24
CA LEU D 224 68.52 -7.88 -0.81
C LEU D 224 68.35 -9.24 -0.14
N ASP D 225 67.42 -10.05 -0.61
CA ASP D 225 67.26 -11.38 -0.04
C ASP D 225 68.44 -12.29 -0.36
N LEU D 226 68.88 -12.32 -1.60
CA LEU D 226 69.97 -13.22 -1.96
C LEU D 226 71.28 -12.77 -1.34
N GLU D 227 71.51 -11.47 -1.22
CA GLU D 227 72.71 -10.99 -0.56
C GLU D 227 72.66 -11.27 0.93
N ALA D 228 71.53 -10.96 1.57
CA ALA D 228 71.40 -11.20 3.01
C ALA D 228 71.49 -12.69 3.34
N SER D 229 70.94 -13.55 2.49
CA SER D 229 71.04 -14.98 2.70
C SER D 229 72.45 -15.48 2.43
N ALA D 230 73.19 -14.81 1.55
CA ALA D 230 74.56 -15.22 1.28
C ALA D 230 75.49 -14.87 2.43
N ALA D 231 75.23 -13.79 3.15
CA ALA D 231 76.06 -13.41 4.28
C ALA D 231 75.54 -13.95 5.62
N ALA D 232 74.54 -14.84 5.59
CA ALA D 232 74.17 -15.59 6.79
C ALA D 232 75.01 -16.85 6.92
N HIS D 233 75.46 -17.39 5.80
CA HIS D 233 76.31 -18.57 5.80
C HIS D 233 77.77 -18.16 5.90
N VAL E 12 12.04 43.29 -11.79
CA VAL E 12 11.90 44.52 -11.03
C VAL E 12 11.30 44.23 -9.66
N TRP E 13 11.49 45.16 -8.73
CA TRP E 13 11.02 44.94 -7.36
C TRP E 13 9.50 44.81 -7.31
N GLY E 14 8.79 45.58 -8.14
CA GLY E 14 7.36 45.39 -8.27
C GLY E 14 6.99 44.27 -9.21
N MET E 15 7.83 44.01 -10.21
CA MET E 15 7.53 42.98 -11.20
C MET E 15 7.69 41.59 -10.61
N TYR E 16 8.83 41.33 -9.96
CA TYR E 16 9.07 39.99 -9.42
C TYR E 16 8.20 39.71 -8.20
N GLN E 17 7.83 40.74 -7.45
CA GLN E 17 6.94 40.59 -6.32
C GLN E 17 5.48 40.43 -6.73
N HIS E 18 5.18 40.52 -8.01
CA HIS E 18 3.80 40.48 -8.48
C HIS E 18 3.30 39.04 -8.56
N ALA E 19 2.24 38.77 -7.82
CA ALA E 19 1.38 37.60 -7.97
C ALA E 19 2.12 36.28 -7.75
N ASP E 20 2.62 36.11 -6.52
CA ASP E 20 2.53 34.87 -5.75
C ASP E 20 3.37 34.93 -4.48
N ILE E 21 3.13 33.99 -3.58
CA ILE E 21 3.90 33.85 -2.34
C ILE E 21 4.94 32.75 -2.52
N VAL E 22 4.48 31.53 -2.84
CA VAL E 22 5.39 30.39 -2.93
C VAL E 22 6.50 30.65 -3.96
N VAL E 23 6.13 31.14 -5.16
CA VAL E 23 7.16 31.32 -6.18
C VAL E 23 8.15 32.39 -5.76
N LYS E 24 7.69 33.45 -5.08
CA LYS E 24 8.63 34.43 -4.55
C LYS E 24 9.55 33.80 -3.51
N CYS E 25 9.04 32.80 -2.79
CA CYS E 25 9.84 32.16 -1.75
C CYS E 25 10.89 31.23 -2.36
N VAL E 26 10.55 30.48 -3.41
CA VAL E 26 11.59 29.71 -4.09
C VAL E 26 12.63 30.65 -4.68
N MET E 27 12.20 31.82 -5.16
CA MET E 27 13.16 32.76 -5.75
C MET E 27 14.15 33.24 -4.69
N ILE E 28 13.64 33.68 -3.54
CA ILE E 28 14.55 34.15 -2.49
C ILE E 28 15.41 33.03 -1.97
N GLY E 29 14.85 31.82 -1.86
CA GLY E 29 15.65 30.68 -1.42
C GLY E 29 16.80 30.38 -2.34
N LEU E 30 16.54 30.27 -3.64
CA LEU E 30 17.61 29.95 -4.58
C LEU E 30 18.67 31.05 -4.62
N ILE E 31 18.24 32.33 -4.59
CA ILE E 31 19.26 33.37 -4.61
C ILE E 31 20.09 33.33 -3.34
N LEU E 32 19.47 33.04 -2.20
CA LEU E 32 20.24 32.83 -0.98
C LEU E 32 21.26 31.71 -1.15
N ALA E 33 20.83 30.58 -1.73
CA ALA E 33 21.76 29.49 -1.98
C ALA E 33 22.95 29.94 -2.80
N SER E 34 22.72 30.77 -3.83
CA SER E 34 23.85 31.25 -4.61
C SER E 34 24.76 32.11 -3.75
N VAL E 35 24.19 32.93 -2.87
CA VAL E 35 25.00 33.73 -1.95
C VAL E 35 25.87 32.83 -1.09
N VAL E 36 25.28 31.75 -0.54
CA VAL E 36 26.06 30.85 0.31
C VAL E 36 27.21 30.23 -0.47
N THR E 37 26.95 29.77 -1.69
CA THR E 37 28.02 29.17 -2.49
C THR E 37 29.17 30.16 -2.69
N TRP E 38 28.86 31.40 -3.02
CA TRP E 38 29.94 32.35 -3.31
C TRP E 38 30.67 32.83 -2.05
N ALA E 39 29.97 33.00 -0.93
CA ALA E 39 30.64 33.34 0.32
C ALA E 39 31.61 32.24 0.72
N ILE E 40 31.13 30.99 0.74
CA ILE E 40 32.00 29.84 0.95
C ILE E 40 33.21 29.93 0.03
N PHE E 41 32.96 30.23 -1.23
CA PHE E 41 34.01 30.29 -2.25
C PHE E 41 35.13 31.23 -1.84
N PHE E 42 34.79 32.47 -1.47
CA PHE E 42 35.86 33.42 -1.19
C PHE E 42 36.59 33.07 0.11
N SER E 43 35.85 32.78 1.19
CA SER E 43 36.52 32.54 2.47
C SER E 43 37.44 31.32 2.39
N LYS E 44 36.88 30.17 2.00
CA LYS E 44 37.72 28.99 1.88
C LYS E 44 38.77 29.13 0.80
N SER E 45 38.59 30.07 -0.14
CA SER E 45 39.64 30.29 -1.13
C SER E 45 40.87 30.92 -0.49
N VAL E 46 40.70 32.02 0.25
CA VAL E 46 41.88 32.62 0.86
C VAL E 46 42.53 31.64 1.83
N GLU E 47 41.72 30.94 2.63
CA GLU E 47 42.29 29.95 3.53
C GLU E 47 43.13 28.91 2.78
N PHE E 48 42.57 28.34 1.71
CA PHE E 48 43.25 27.28 0.98
C PHE E 48 44.57 27.77 0.39
N PHE E 49 44.56 28.94 -0.25
CA PHE E 49 45.81 29.41 -0.85
C PHE E 49 46.87 29.65 0.20
N ASN E 50 46.50 30.29 1.32
CA ASN E 50 47.49 30.52 2.37
C ASN E 50 48.10 29.20 2.84
N GLN E 51 47.26 28.25 3.27
CA GLN E 51 47.80 27.02 3.82
C GLN E 51 48.62 26.24 2.80
N LYS E 52 48.19 26.22 1.54
CA LYS E 52 48.97 25.46 0.56
C LYS E 52 50.33 26.11 0.33
N ARG E 53 50.38 27.43 0.18
CA ARG E 53 51.66 28.12 0.05
C ARG E 53 52.60 27.74 1.18
N ARG E 54 52.10 27.86 2.41
CA ARG E 54 52.92 27.54 3.58
C ARG E 54 53.44 26.10 3.51
N LEU E 55 52.56 25.14 3.18
CA LEU E 55 52.96 23.74 3.16
C LEU E 55 54.03 23.47 2.12
N LYS E 56 53.87 24.01 0.90
CA LYS E 56 54.88 23.77 -0.13
C LYS E 56 56.23 24.35 0.29
N ARG E 57 56.21 25.54 0.91
CA ARG E 57 57.46 26.06 1.46
C ARG E 57 58.07 25.08 2.45
N GLU E 58 57.27 24.57 3.39
CA GLU E 58 57.84 23.71 4.43
C GLU E 58 58.39 22.42 3.84
N GLN E 59 57.71 21.83 2.86
CA GLN E 59 58.23 20.60 2.25
C GLN E 59 59.53 20.87 1.51
N GLN E 60 59.61 21.96 0.75
CA GLN E 60 60.84 22.29 0.06
C GLN E 60 61.99 22.46 1.06
N LEU E 61 61.70 23.05 2.22
CA LEU E 61 62.75 23.22 3.23
C LEU E 61 63.18 21.87 3.81
N LEU E 62 62.21 21.03 4.18
CA LEU E 62 62.53 19.75 4.80
C LEU E 62 63.14 18.74 3.85
N ALA E 63 63.15 18.99 2.54
CA ALA E 63 63.73 17.99 1.65
C ALA E 63 65.23 17.79 1.85
N GLU E 64 65.93 18.70 2.52
CA GLU E 64 67.37 18.62 2.69
C GLU E 64 67.82 17.95 3.98
N ALA E 65 66.91 17.53 4.85
CA ALA E 65 67.29 17.00 6.16
C ALA E 65 67.79 15.56 6.00
N ARG E 66 69.06 15.34 6.30
CA ARG E 66 69.61 13.98 6.30
C ARG E 66 69.19 13.14 7.49
N SER E 67 68.52 13.70 8.49
CA SER E 67 68.12 12.89 9.63
C SER E 67 66.82 13.45 10.19
N LEU E 68 66.45 13.01 11.38
CA LEU E 68 65.28 13.58 12.04
C LEU E 68 65.62 14.83 12.85
N ASN E 69 66.81 14.87 13.46
CA ASN E 69 67.22 16.07 14.17
C ASN E 69 67.36 17.26 13.22
N GLN E 70 67.92 17.02 12.03
CA GLN E 70 68.01 18.10 11.06
C GLN E 70 66.63 18.58 10.69
N ALA E 71 65.65 17.68 10.68
CA ALA E 71 64.29 18.08 10.38
C ALA E 71 63.73 18.96 11.50
N ASN E 72 63.92 18.55 12.76
CA ASN E 72 63.48 19.40 13.87
C ASN E 72 64.15 20.77 13.84
N ASP E 73 65.36 20.87 13.30
CA ASP E 73 66.01 22.18 13.20
C ASP E 73 65.44 23.01 12.06
N ILE E 74 65.18 22.38 10.91
CA ILE E 74 64.58 23.13 9.82
C ILE E 74 63.19 23.62 10.21
N ALA E 75 62.46 22.84 10.99
CA ALA E 75 61.11 23.16 11.42
C ALA E 75 61.06 23.88 12.75
N ALA E 76 62.21 24.31 13.29
CA ALA E 76 62.22 24.95 14.61
C ALA E 76 61.34 26.20 14.63
N ASP E 77 61.47 27.04 13.61
CA ASP E 77 60.77 28.33 13.53
C ASP E 77 59.50 28.29 12.70
N PHE E 78 59.08 27.10 12.22
CA PHE E 78 57.91 27.02 11.35
C PHE E 78 56.67 27.66 11.95
N GLY E 79 56.57 27.76 13.27
CA GLY E 79 55.38 28.36 13.84
C GLY E 79 54.54 27.34 14.59
N SER E 80 53.77 27.82 15.58
CA SER E 80 53.05 26.91 16.45
C SER E 80 51.82 26.30 15.76
N LYS E 81 51.20 27.02 14.81
CA LYS E 81 50.04 26.51 14.10
C LYS E 81 50.41 25.74 12.84
N SER E 82 51.70 25.61 12.53
CA SER E 82 52.13 24.90 11.33
C SER E 82 51.83 23.41 11.44
N LEU E 83 51.59 22.79 10.29
CA LEU E 83 51.28 21.36 10.30
C LEU E 83 52.53 20.50 10.44
N SER E 84 53.60 20.82 9.72
CA SER E 84 54.79 19.98 9.79
C SER E 84 55.38 19.94 11.20
N LEU E 85 55.35 21.05 11.93
CA LEU E 85 55.78 21.00 13.31
C LEU E 85 54.86 20.09 14.13
N HIS E 86 53.60 19.99 13.75
CA HIS E 86 52.70 19.08 14.46
C HIS E 86 53.07 17.62 14.18
N LEU E 87 53.40 17.30 12.93
CA LEU E 87 53.79 15.94 12.59
C LEU E 87 55.12 15.56 13.24
N LEU E 88 56.13 16.40 13.07
CA LEU E 88 57.42 16.15 13.71
C LEU E 88 57.27 16.03 15.22
N ASN E 89 56.45 16.89 15.83
CA ASN E 89 56.23 16.78 17.27
C ASN E 89 55.54 15.47 17.62
N GLU E 90 54.69 14.96 16.72
CA GLU E 90 54.05 13.68 17.00
C GLU E 90 55.07 12.54 16.96
N ALA E 91 55.93 12.55 15.95
CA ALA E 91 56.97 11.53 15.90
C ALA E 91 57.87 11.58 17.13
N GLN E 92 58.39 12.77 17.47
CA GLN E 92 59.26 12.87 18.63
C GLN E 92 58.55 12.42 19.90
N ASN E 93 57.28 12.79 20.07
CA ASN E 93 56.56 12.38 21.27
C ASN E 93 56.37 10.87 21.30
N GLU E 94 56.24 10.23 20.14
CA GLU E 94 56.17 8.76 20.16
C GLU E 94 57.52 8.16 20.50
N LEU E 95 58.61 8.84 20.15
CA LEU E 95 59.90 8.35 20.60
C LEU E 95 60.06 8.51 22.11
N GLU E 96 59.55 9.60 22.70
CA GLU E 96 59.72 9.74 24.15
C GLU E 96 58.81 8.79 24.93
N LEU E 97 57.59 8.57 24.46
CA LEU E 97 56.73 7.65 25.21
C LEU E 97 57.22 6.20 25.12
N SER E 98 57.98 5.85 24.08
CA SER E 98 58.49 4.50 23.89
C SER E 98 59.89 4.32 24.43
N GLU E 99 60.42 5.31 25.13
CA GLU E 99 61.78 5.27 25.65
C GLU E 99 62.00 4.00 26.45
N GLY E 100 63.05 3.27 26.09
CA GLY E 100 63.37 2.05 26.80
C GLY E 100 62.85 0.78 26.19
N SER E 101 62.11 0.86 25.09
CA SER E 101 61.59 -0.34 24.44
C SER E 101 62.68 -0.98 23.60
N ASP E 102 62.78 -2.30 23.68
CA ASP E 102 63.75 -3.02 22.86
C ASP E 102 63.21 -3.30 21.47
N ASP E 103 61.91 -3.13 21.26
CA ASP E 103 61.27 -3.46 19.99
C ASP E 103 61.12 -2.19 19.16
N ASN E 104 61.97 -2.05 18.15
CA ASN E 104 61.84 -0.95 17.21
C ASN E 104 60.76 -1.23 16.20
N GLU E 105 60.65 -2.49 15.76
CA GLU E 105 59.64 -2.87 14.79
C GLU E 105 58.28 -2.34 15.20
N GLY E 106 58.04 -2.24 16.51
CA GLY E 106 56.87 -1.61 17.07
C GLY E 106 56.79 -0.11 16.92
N ILE E 107 57.81 0.60 17.41
CA ILE E 107 57.85 2.07 17.40
C ILE E 107 57.37 2.61 16.09
N GLU E 109 55.62 1.30 13.64
CA GLU E 109 54.18 1.10 13.55
C GLU E 109 53.41 2.20 14.27
N ARG E 110 53.63 2.34 15.57
CA ARG E 110 52.85 3.31 16.34
C ARG E 110 52.97 4.70 15.73
N THR E 111 54.13 5.05 15.19
CA THR E 111 54.25 6.38 14.61
C THR E 111 53.34 6.52 13.40
N SER E 112 53.41 5.60 12.44
CA SER E 112 52.60 5.75 11.22
C SER E 112 51.12 5.88 11.57
N PHE E 113 50.60 4.96 12.38
CA PHE E 113 49.20 5.01 12.77
C PHE E 113 48.81 6.39 13.26
N ARG E 114 49.67 7.01 14.06
CA ARG E 114 49.38 8.37 14.51
C ARG E 114 49.34 9.31 13.32
N LEU E 115 50.46 9.37 12.59
CA LEU E 115 50.63 10.39 11.56
C LEU E 115 49.52 10.31 10.52
N GLU E 116 49.34 9.14 9.92
CA GLU E 116 48.33 9.03 8.87
C GLU E 116 46.97 9.49 9.39
N ARG E 117 46.61 9.09 10.60
CA ARG E 117 45.30 9.54 11.09
C ARG E 117 45.22 11.05 11.20
N ARG E 118 46.29 11.70 11.71
CA ARG E 118 46.31 13.15 11.71
C ARG E 118 45.96 13.68 10.32
N VAL E 119 46.64 13.16 9.30
CA VAL E 119 46.33 13.60 7.94
C VAL E 119 44.86 13.38 7.65
N ALA E 120 44.35 12.17 7.90
CA ALA E 120 42.94 11.90 7.67
C ALA E 120 42.08 12.94 8.37
N ALA E 121 42.39 13.25 9.63
CA ALA E 121 41.60 14.23 10.36
C ALA E 121 41.63 15.57 9.65
N VAL E 122 42.80 16.02 9.24
CA VAL E 122 42.88 17.28 8.50
C VAL E 122 42.05 17.19 7.23
N GLY E 123 42.07 16.03 6.56
CA GLY E 123 41.19 15.84 5.42
C GLY E 123 39.74 16.14 5.76
N ARG E 124 39.24 15.56 6.86
CA ARG E 124 37.86 15.83 7.25
C ARG E 124 37.66 17.26 7.68
N GLN E 125 38.72 17.93 8.13
CA GLN E 125 38.63 19.34 8.47
C GLN E 125 38.64 20.20 7.24
N MET E 126 39.14 19.69 6.10
CA MET E 126 39.10 20.43 4.85
C MET E 126 37.71 20.42 4.23
N GLY E 127 37.02 19.29 4.31
CA GLY E 127 35.71 19.13 3.71
C GLY E 127 34.54 19.66 4.50
N ARG E 128 34.79 20.33 5.62
CA ARG E 128 33.70 20.95 6.36
C ARG E 128 33.16 22.12 5.55
N GLY E 129 31.86 22.08 5.28
CA GLY E 129 31.21 23.04 4.42
C GLY E 129 31.08 22.61 2.98
N ASN E 130 31.91 21.68 2.51
CA ASN E 130 31.74 21.16 1.16
C ASN E 130 30.40 20.44 1.01
N GLY E 131 29.85 19.93 2.11
CA GLY E 131 28.52 19.36 2.07
C GLY E 131 27.49 20.37 1.58
N TYR E 132 27.62 21.63 2.00
CA TYR E 132 26.68 22.66 1.56
C TYR E 132 26.74 22.84 0.06
N LEU E 133 27.93 23.03 -0.50
CA LEU E 133 28.05 23.17 -1.94
C LEU E 133 27.47 21.97 -2.66
N ALA E 134 27.77 20.76 -2.17
CA ALA E 134 27.26 19.56 -2.81
C ALA E 134 25.73 19.53 -2.81
N THR E 135 25.12 19.86 -1.67
CA THR E 135 23.67 19.81 -1.59
C THR E 135 23.03 20.89 -2.44
N ILE E 136 23.61 22.10 -2.43
CA ILE E 136 23.03 23.21 -3.18
C ILE E 136 23.05 22.90 -4.67
N GLY E 137 24.20 22.46 -5.18
CA GLY E 137 24.26 22.03 -6.56
C GLY E 137 23.42 20.82 -6.85
N ALA E 138 23.09 20.02 -5.84
CA ALA E 138 22.31 18.82 -6.06
C ALA E 138 20.82 19.12 -6.21
N ILE E 139 20.25 19.89 -5.28
CA ILE E 139 18.81 20.11 -5.29
C ILE E 139 18.39 21.39 -6.02
N SER E 140 19.33 22.27 -6.38
CA SER E 140 18.91 23.52 -7.03
C SER E 140 18.10 23.29 -8.31
N PRO E 141 18.51 22.42 -9.24
CA PRO E 141 17.61 22.20 -10.40
C PRO E 141 16.27 21.59 -10.00
N PHE E 142 16.20 20.83 -8.91
CA PHE E 142 14.92 20.26 -8.52
C PHE E 142 14.02 21.29 -7.84
N VAL E 143 14.60 22.19 -7.04
CA VAL E 143 13.79 23.26 -6.45
C VAL E 143 13.32 24.21 -7.54
N GLY E 144 14.20 24.53 -8.48
CA GLY E 144 13.78 25.28 -9.65
C GLY E 144 12.65 24.59 -10.41
N LEU E 145 12.80 23.29 -10.65
CA LEU E 145 11.76 22.53 -11.34
C LEU E 145 10.43 22.62 -10.60
N PHE E 146 10.45 22.56 -9.26
CA PHE E 146 9.23 22.78 -8.51
C PHE E 146 8.67 24.18 -8.75
N GLY E 147 9.57 25.17 -8.83
CA GLY E 147 9.14 26.51 -9.16
C GLY E 147 8.38 26.57 -10.47
N THR E 148 8.92 25.96 -11.52
CA THR E 148 8.26 26.02 -12.81
C THR E 148 6.95 25.24 -12.81
N VAL E 149 6.92 24.07 -12.16
CA VAL E 149 5.69 23.30 -12.12
C VAL E 149 4.61 24.07 -11.37
N TRP E 150 4.99 24.73 -10.28
CA TRP E 150 4.04 25.60 -9.60
C TRP E 150 3.57 26.73 -10.50
N GLY E 151 4.49 27.30 -11.27
CA GLY E 151 4.11 28.38 -12.16
C GLY E 151 3.09 27.98 -13.20
N ILE E 152 3.40 26.98 -14.04
CA ILE E 152 2.42 26.63 -15.06
C ILE E 152 1.16 26.06 -14.43
N MET E 153 1.26 25.50 -13.22
CA MET E 153 0.03 25.14 -12.53
C MET E 153 -0.82 26.38 -12.26
N ASN E 154 -0.18 27.45 -11.79
CA ASN E 154 -0.90 28.70 -11.57
C ASN E 154 -1.46 29.25 -12.89
N SER E 155 -0.80 28.95 -14.01
CA SER E 155 -1.34 29.35 -15.30
C SER E 155 -2.64 28.62 -15.59
N PHE E 156 -2.66 27.29 -15.41
CA PHE E 156 -3.90 26.57 -15.68
C PHE E 156 -5.01 26.98 -14.72
N ILE E 157 -4.66 27.33 -13.49
CA ILE E 157 -5.64 27.91 -12.59
C ILE E 157 -6.18 29.21 -13.17
N GLY E 158 -5.28 29.99 -13.79
CA GLY E 158 -5.68 31.24 -14.41
C GLY E 158 -6.66 31.06 -15.56
N ILE E 159 -6.40 30.08 -16.43
CA ILE E 159 -7.36 29.86 -17.51
C ILE E 159 -8.62 29.20 -17.00
N ALA E 160 -8.62 28.67 -15.78
CA ALA E 160 -9.85 28.07 -15.26
C ALA E 160 -10.77 29.14 -14.67
N GLN E 161 -10.20 30.11 -13.97
CA GLN E 161 -11.02 31.21 -13.49
C GLN E 161 -11.74 31.95 -14.61
N THR E 162 -11.00 32.68 -15.43
CA THR E 162 -11.63 33.56 -16.41
C THR E 162 -12.26 32.82 -17.58
N GLN E 163 -11.79 31.61 -17.90
CA GLN E 163 -12.28 30.83 -19.03
C GLN E 163 -12.09 31.55 -20.36
N THR E 164 -11.16 32.49 -20.42
CA THR E 164 -10.88 33.26 -21.63
C THR E 164 -9.88 32.55 -22.53
N THR E 165 -9.47 31.33 -22.17
CA THR E 165 -8.54 30.51 -22.95
C THR E 165 -7.25 31.30 -23.11
N ASN E 166 -6.79 31.57 -24.34
CA ASN E 166 -5.46 32.10 -24.61
C ASN E 166 -5.48 33.63 -24.82
N LEU E 167 -4.35 34.24 -25.18
CA LEU E 167 -3.01 33.81 -24.79
C LEU E 167 -2.38 34.75 -23.75
N ALA E 168 -3.08 35.83 -23.42
CA ALA E 168 -2.52 36.82 -22.51
C ALA E 168 -2.69 36.42 -21.05
N VAL E 169 -3.53 35.44 -20.76
CA VAL E 169 -3.77 35.00 -19.38
C VAL E 169 -2.71 34.00 -18.93
N VAL E 170 -2.32 33.06 -19.80
CA VAL E 170 -1.28 32.08 -19.46
C VAL E 170 0.06 32.74 -19.22
N ALA E 171 0.23 33.97 -19.71
CA ALA E 171 1.55 34.59 -19.78
C ALA E 171 2.22 34.80 -18.43
N PRO E 172 1.56 35.37 -17.41
CA PRO E 172 2.27 35.52 -16.13
C PRO E 172 2.73 34.20 -15.54
N GLY E 173 1.90 33.16 -15.64
CA GLY E 173 2.31 31.86 -15.14
C GLY E 173 3.53 31.33 -15.87
N ILE E 174 3.53 31.42 -17.20
CA ILE E 174 4.69 30.94 -17.94
C ILE E 174 5.92 31.76 -17.61
N ALA E 175 5.74 33.07 -17.43
CA ALA E 175 6.85 33.92 -17.04
C ALA E 175 7.46 33.47 -15.72
N GLU E 176 6.64 33.31 -14.68
CA GLU E 176 7.22 32.91 -13.39
C GLU E 176 7.80 31.50 -13.45
N ALA E 177 7.30 30.66 -14.36
CA ALA E 177 7.91 29.33 -14.50
C ALA E 177 9.31 29.43 -15.09
N LEU E 178 9.45 30.12 -16.22
CA LEU E 178 10.79 30.22 -16.80
C LEU E 178 11.73 31.00 -15.90
N LEU E 179 11.22 31.93 -15.09
CA LEU E 179 12.09 32.55 -14.09
C LEU E 179 12.53 31.52 -13.06
N ALA E 180 11.63 30.60 -12.70
CA ALA E 180 12.01 29.57 -11.74
C ALA E 180 13.13 28.70 -12.29
N THR E 181 12.99 28.24 -13.53
CA THR E 181 14.08 27.43 -14.11
C THR E 181 15.37 28.24 -14.21
N ALA E 182 15.28 29.48 -14.66
CA ALA E 182 16.49 30.31 -14.79
C ALA E 182 17.20 30.44 -13.45
N ILE E 183 16.48 30.77 -12.38
CA ILE E 183 17.13 30.91 -11.08
C ILE E 183 17.67 29.56 -10.61
N GLY E 184 16.94 28.49 -10.89
CA GLY E 184 17.43 27.17 -10.53
C GLY E 184 18.78 26.86 -11.14
N LEU E 185 18.95 27.16 -12.43
CA LEU E 185 20.23 26.91 -13.07
C LEU E 185 21.32 27.83 -12.55
N VAL E 186 20.98 29.10 -12.30
CA VAL E 186 22.01 30.04 -11.84
C VAL E 186 22.48 29.69 -10.44
N ALA E 187 21.62 29.13 -9.61
CA ALA E 187 22.10 28.65 -8.32
C ALA E 187 22.80 27.30 -8.45
N ALA E 188 22.36 26.46 -9.39
CA ALA E 188 22.84 25.09 -9.46
C ALA E 188 24.25 24.99 -10.02
N ILE E 189 24.52 25.64 -11.16
CA ILE E 189 25.78 25.41 -11.87
C ILE E 189 27.00 25.85 -11.07
N PRO E 190 27.11 27.09 -10.59
CA PRO E 190 28.32 27.45 -9.83
C PRO E 190 28.56 26.58 -8.61
N ALA E 191 27.49 26.13 -7.95
CA ALA E 191 27.66 25.24 -6.81
C ALA E 191 28.37 23.94 -7.20
N VAL E 192 27.94 23.32 -8.30
CA VAL E 192 28.55 22.04 -8.67
C VAL E 192 29.97 22.25 -9.15
N VAL E 193 30.21 23.29 -9.96
CA VAL E 193 31.56 23.52 -10.45
C VAL E 193 32.50 23.77 -9.28
N ILE E 194 32.11 24.66 -8.37
CA ILE E 194 32.96 24.94 -7.22
C ILE E 194 33.19 23.67 -6.40
N TYR E 195 32.15 22.86 -6.22
CA TYR E 195 32.34 21.62 -5.48
C TYR E 195 33.36 20.73 -6.15
N ASN E 196 33.34 20.66 -7.49
CA ASN E 196 34.28 19.76 -8.15
C ASN E 196 35.71 20.28 -8.00
N VAL E 197 35.91 21.58 -8.11
CA VAL E 197 37.26 22.08 -7.89
C VAL E 197 37.69 21.84 -6.45
N PHE E 198 36.74 21.86 -5.51
CA PHE E 198 37.10 21.55 -4.13
C PHE E 198 37.46 20.08 -3.93
N ALA E 199 36.82 19.16 -4.67
CA ALA E 199 37.25 17.78 -4.65
C ALA E 199 38.66 17.64 -5.18
N ARG E 200 38.96 18.27 -6.33
CA ARG E 200 40.31 18.18 -6.88
C ARG E 200 41.34 18.74 -5.90
N GLN E 201 41.09 19.94 -5.40
CA GLN E 201 42.07 20.58 -4.53
C GLN E 201 42.20 19.87 -3.19
N ILE E 202 41.09 19.44 -2.59
CA ILE E 202 41.20 18.69 -1.34
C ILE E 202 41.96 17.38 -1.56
N GLY E 203 41.73 16.73 -2.70
CA GLY E 203 42.54 15.56 -3.02
C GLY E 203 44.02 15.87 -3.09
N GLY E 204 44.39 16.89 -3.87
CA GLY E 204 45.80 17.24 -4.01
C GLY E 204 46.44 17.70 -2.71
N PHE E 205 45.72 18.46 -1.90
CA PHE E 205 46.29 18.93 -0.63
C PHE E 205 46.44 17.78 0.35
N LYS E 206 45.40 16.97 0.50
CA LYS E 206 45.54 15.76 1.32
C LYS E 206 46.74 14.95 0.87
N ALA E 207 46.99 14.91 -0.45
CA ALA E 207 48.15 14.19 -0.96
C ALA E 207 49.45 14.85 -0.52
N MET E 208 49.56 16.16 -0.67
CA MET E 208 50.79 16.86 -0.28
C MET E 208 51.08 16.67 1.20
N LEU E 209 50.06 16.85 2.05
CA LEU E 209 50.25 16.55 3.46
C LEU E 209 50.75 15.13 3.65
N GLY E 210 50.17 14.18 2.91
CA GLY E 210 50.68 12.83 2.97
C GLY E 210 52.15 12.74 2.62
N ASP E 211 52.61 13.57 1.68
CA ASP E 211 54.02 13.52 1.31
C ASP E 211 54.91 13.99 2.44
N VAL E 212 54.55 15.10 3.11
CA VAL E 212 55.38 15.54 4.23
C VAL E 212 55.38 14.50 5.35
N ALA E 213 54.19 13.99 5.68
CA ALA E 213 54.14 12.92 6.68
C ALA E 213 55.05 11.76 6.29
N ALA E 214 55.02 11.35 5.02
CA ALA E 214 55.86 10.24 4.58
C ALA E 214 57.33 10.55 4.77
N GLN E 215 57.73 11.81 4.54
CA GLN E 215 59.11 12.18 4.82
C GLN E 215 59.44 11.95 6.29
N VAL E 216 58.56 12.38 7.20
CA VAL E 216 58.84 12.17 8.62
C VAL E 216 58.96 10.68 8.94
N LEU E 217 58.02 9.87 8.46
CA LEU E 217 58.07 8.44 8.76
C LEU E 217 59.37 7.83 8.27
N LEU E 218 59.77 8.17 7.05
CA LEU E 218 61.01 7.62 6.52
C LEU E 218 62.18 7.98 7.41
N LEU E 219 62.34 9.26 7.75
CA LEU E 219 63.47 9.66 8.57
C LEU E 219 63.49 8.91 9.90
N GLN E 220 62.34 8.80 10.56
CA GLN E 220 62.32 8.10 11.84
C GLN E 220 62.75 6.66 11.69
N SER E 221 62.16 5.94 10.73
CA SER E 221 62.51 4.54 10.53
C SER E 221 64.00 4.38 10.25
N ARG E 222 64.51 5.11 9.28
CA ARG E 222 65.92 4.99 8.91
C ARG E 222 66.84 5.26 10.08
N ASP E 223 66.54 6.28 10.88
CA ASP E 223 67.39 6.54 12.03
C ASP E 223 67.29 5.44 13.07
N LEU E 224 66.09 4.90 13.30
CA LEU E 224 66.01 3.81 14.26
C LEU E 224 66.84 2.63 13.79
N ASP E 225 66.81 2.31 12.49
CA ASP E 225 67.59 1.20 12.00
C ASP E 225 69.08 1.48 12.13
N LEU E 226 69.52 2.68 11.78
CA LEU E 226 70.94 2.97 11.87
C LEU E 226 71.41 3.01 13.31
N GLU E 227 70.56 3.41 14.25
CA GLU E 227 70.96 3.38 15.65
C GLU E 227 71.07 1.96 16.17
N ALA E 228 70.02 1.15 15.95
CA ALA E 228 70.03 -0.22 16.45
C ALA E 228 71.15 -1.03 15.82
N SER E 229 71.37 -0.85 14.51
CA SER E 229 72.46 -1.54 13.85
C SER E 229 73.80 -0.95 14.20
N ALA E 230 73.85 0.34 14.57
CA ALA E 230 75.13 0.98 14.82
C ALA E 230 75.75 0.52 16.13
N ALA E 231 74.96 0.27 17.18
CA ALA E 231 75.54 -0.39 18.34
C ALA E 231 75.08 -1.84 18.27
N ALA E 232 75.84 -2.62 17.49
CA ALA E 232 75.78 -4.07 17.48
C ALA E 232 77.18 -4.56 17.13
N HIS E 233 77.55 -4.35 15.86
CA HIS E 233 78.88 -4.74 15.38
C HIS E 233 79.99 -3.82 15.92
N PRO E 234 79.91 -2.48 15.78
CA PRO E 234 81.03 -1.66 16.26
C PRO E 234 81.20 -1.71 17.78
N ASP F 9 -10.37 -42.59 38.31
CA ASP F 9 -10.83 -41.82 37.17
C ASP F 9 -12.33 -41.54 37.27
N LEU F 10 -12.96 -41.26 36.13
CA LEU F 10 -14.34 -40.80 36.09
C LEU F 10 -14.79 -40.70 34.64
N SER F 11 -16.09 -40.54 34.46
CA SER F 11 -16.77 -40.58 33.17
C SER F 11 -17.87 -39.52 33.20
N VAL F 12 -18.79 -39.60 32.24
CA VAL F 12 -19.79 -38.55 32.03
C VAL F 12 -20.42 -38.11 33.34
N TRP F 13 -20.60 -39.04 34.27
CA TRP F 13 -21.15 -38.70 35.58
C TRP F 13 -20.15 -37.89 36.38
N GLY F 14 -19.01 -38.48 36.70
CA GLY F 14 -17.98 -37.76 37.41
C GLY F 14 -17.45 -36.56 36.64
N MET F 15 -17.53 -36.59 35.31
CA MET F 15 -17.23 -35.38 34.54
C MET F 15 -18.21 -34.29 34.92
N TYR F 16 -19.50 -34.61 34.95
CA TYR F 16 -20.49 -33.64 35.40
C TYR F 16 -20.20 -33.17 36.83
N GLN F 17 -19.71 -34.07 37.69
CA GLN F 17 -19.41 -33.68 39.05
C GLN F 17 -18.07 -32.97 39.19
N HIS F 18 -17.30 -32.87 38.11
CA HIS F 18 -16.08 -32.07 38.16
C HIS F 18 -16.34 -30.59 37.93
N ALA F 19 -17.41 -30.23 37.22
CA ALA F 19 -17.74 -28.83 37.04
C ALA F 19 -18.39 -28.28 38.30
N ASP F 20 -18.24 -26.97 38.49
CA ASP F 20 -18.86 -26.36 39.65
C ASP F 20 -20.36 -26.22 39.43
N ILE F 21 -21.02 -25.53 40.38
CA ILE F 21 -22.46 -25.34 40.31
C ILE F 21 -22.86 -24.58 39.06
N VAL F 22 -22.41 -23.33 38.95
CA VAL F 22 -22.86 -22.43 37.89
C VAL F 22 -22.84 -23.13 36.54
N VAL F 23 -21.75 -23.84 36.23
CA VAL F 23 -21.69 -24.51 34.94
C VAL F 23 -22.79 -25.54 34.81
N LYS F 24 -23.20 -26.15 35.91
CA LYS F 24 -24.31 -27.10 35.82
C LYS F 24 -25.60 -26.40 35.40
N CYS F 25 -25.85 -25.18 35.91
CA CYS F 25 -26.97 -24.38 35.40
C CYS F 25 -26.84 -24.13 33.92
N VAL F 26 -25.62 -23.85 33.45
CA VAL F 26 -25.46 -23.61 32.03
C VAL F 26 -25.82 -24.84 31.21
N MET F 27 -25.39 -26.01 31.67
CA MET F 27 -25.65 -27.24 30.90
C MET F 27 -27.13 -27.63 30.92
N ILE F 28 -27.75 -27.63 32.10
CA ILE F 28 -29.18 -27.98 32.14
C ILE F 28 -30.00 -26.94 31.38
N GLY F 29 -29.62 -25.67 31.51
CA GLY F 29 -30.31 -24.62 30.78
C GLY F 29 -30.26 -24.85 29.28
N LEU F 30 -29.09 -25.16 28.76
CA LEU F 30 -28.96 -25.39 27.32
C LEU F 30 -29.79 -26.58 26.87
N ILE F 31 -29.84 -27.66 27.67
CA ILE F 31 -30.65 -28.81 27.26
C ILE F 31 -32.14 -28.47 27.29
N LEU F 32 -32.60 -27.75 28.32
CA LEU F 32 -34.01 -27.34 28.33
C LEU F 32 -34.33 -26.48 27.11
N ALA F 33 -33.51 -25.47 26.84
CA ALA F 33 -33.72 -24.62 25.66
C ALA F 33 -33.79 -25.45 24.39
N SER F 34 -32.92 -26.46 24.26
CA SER F 34 -33.00 -27.32 23.10
C SER F 34 -34.32 -28.06 23.04
N VAL F 35 -34.81 -28.49 24.21
CA VAL F 35 -36.10 -29.18 24.25
C VAL F 35 -37.21 -28.27 23.74
N VAL F 36 -37.27 -27.03 24.23
CA VAL F 36 -38.33 -26.14 23.75
C VAL F 36 -38.20 -25.88 22.26
N THR F 37 -36.98 -25.69 21.74
CA THR F 37 -36.86 -25.49 20.30
C THR F 37 -37.43 -26.67 19.54
N TRP F 38 -37.18 -27.90 19.99
CA TRP F 38 -37.72 -29.02 19.23
C TRP F 38 -39.23 -29.14 19.40
N ALA F 39 -39.74 -28.77 20.57
CA ALA F 39 -41.19 -28.70 20.74
C ALA F 39 -41.80 -27.72 19.75
N ILE F 40 -41.24 -26.51 19.66
CA ILE F 40 -41.65 -25.54 18.66
C ILE F 40 -41.62 -26.18 17.27
N PHE F 41 -40.52 -26.86 16.94
CA PHE F 41 -40.37 -27.40 15.59
C PHE F 41 -41.52 -28.32 15.24
N PHE F 42 -41.78 -29.32 16.08
CA PHE F 42 -42.83 -30.27 15.72
C PHE F 42 -44.21 -29.64 15.81
N SER F 43 -44.45 -28.89 16.88
CA SER F 43 -45.75 -28.27 17.13
C SER F 43 -46.14 -27.34 15.98
N LYS F 44 -45.40 -26.24 15.81
CA LYS F 44 -45.72 -25.33 14.71
C LYS F 44 -45.53 -25.98 13.35
N SER F 45 -44.71 -27.03 13.24
CA SER F 45 -44.44 -27.60 11.93
C SER F 45 -45.63 -28.36 11.37
N VAL F 46 -46.25 -29.24 12.17
CA VAL F 46 -47.41 -29.96 11.66
C VAL F 46 -48.51 -28.97 11.28
N GLU F 47 -48.74 -27.97 12.12
CA GLU F 47 -49.73 -26.93 11.83
C GLU F 47 -49.44 -26.26 10.50
N PHE F 48 -48.20 -25.82 10.31
CA PHE F 48 -47.80 -25.16 9.07
C PHE F 48 -48.06 -26.05 7.86
N PHE F 49 -47.66 -27.33 7.95
CA PHE F 49 -47.83 -28.22 6.81
C PHE F 49 -49.31 -28.37 6.44
N ASN F 50 -50.16 -28.58 7.45
CA ASN F 50 -51.60 -28.68 7.19
C ASN F 50 -52.11 -27.44 6.47
N GLN F 51 -51.87 -26.26 7.05
CA GLN F 51 -52.42 -25.04 6.48
C GLN F 51 -51.91 -24.83 5.05
N LYS F 52 -50.66 -25.18 4.79
CA LYS F 52 -50.10 -25.03 3.44
C LYS F 52 -50.81 -25.93 2.44
N ARG F 53 -50.93 -27.23 2.75
CA ARG F 53 -51.56 -28.12 1.78
C ARG F 53 -53.01 -27.71 1.51
N ARG F 54 -53.74 -27.34 2.56
CA ARG F 54 -55.10 -26.85 2.38
C ARG F 54 -55.14 -25.66 1.43
N LEU F 55 -54.28 -24.67 1.67
CA LEU F 55 -54.31 -23.48 0.83
C LEU F 55 -53.96 -23.80 -0.62
N LYS F 56 -52.97 -24.66 -0.85
CA LYS F 56 -52.64 -24.99 -2.24
C LYS F 56 -53.82 -25.67 -2.92
N ARG F 57 -54.58 -26.47 -2.18
CA ARG F 57 -55.82 -26.97 -2.77
C ARG F 57 -56.72 -25.81 -3.17
N GLU F 58 -56.97 -24.88 -2.25
CA GLU F 58 -57.93 -23.82 -2.55
C GLU F 58 -57.48 -22.98 -3.75
N GLN F 59 -56.19 -22.67 -3.85
CA GLN F 59 -55.73 -21.91 -5.02
C GLN F 59 -55.92 -22.72 -6.29
N GLN F 60 -55.61 -24.02 -6.25
CA GLN F 60 -55.81 -24.85 -7.42
C GLN F 60 -57.27 -24.80 -7.89
N LEU F 61 -58.21 -24.76 -6.94
CA LEU F 61 -59.61 -24.67 -7.34
C LEU F 61 -59.99 -23.28 -7.88
N LEU F 62 -59.64 -22.22 -7.15
CA LEU F 62 -60.06 -20.88 -7.53
C LEU F 62 -59.36 -20.33 -8.76
N ALA F 63 -58.31 -20.96 -9.27
CA ALA F 63 -57.64 -20.40 -10.44
C ALA F 63 -58.51 -20.39 -11.69
N GLU F 64 -59.60 -21.15 -11.71
CA GLU F 64 -60.45 -21.25 -12.89
C GLU F 64 -61.64 -20.29 -12.91
N ALA F 65 -61.87 -19.51 -11.87
CA ALA F 65 -63.10 -18.75 -11.79
C ALA F 65 -62.98 -17.52 -12.69
N ARG F 66 -63.75 -17.51 -13.79
CA ARG F 66 -63.82 -16.32 -14.63
C ARG F 66 -64.68 -15.20 -14.05
N SER F 67 -65.38 -15.41 -12.93
CA SER F 67 -66.22 -14.38 -12.37
C SER F 67 -66.26 -14.50 -10.85
N LEU F 68 -66.34 -13.36 -10.18
CA LEU F 68 -66.43 -13.36 -8.71
C LEU F 68 -67.51 -14.30 -8.18
N ASN F 69 -68.66 -14.35 -8.86
CA ASN F 69 -69.70 -15.29 -8.44
C ASN F 69 -69.28 -16.73 -8.67
N GLN F 70 -68.62 -17.02 -9.79
CA GLN F 70 -68.15 -18.38 -10.00
C GLN F 70 -67.16 -18.79 -8.93
N ALA F 71 -66.36 -17.84 -8.43
CA ALA F 71 -65.45 -18.14 -7.34
C ALA F 71 -66.23 -18.41 -6.06
N ASN F 72 -67.18 -17.54 -5.72
CA ASN F 72 -67.99 -17.79 -4.53
C ASN F 72 -68.73 -19.12 -4.61
N ASP F 73 -69.03 -19.60 -5.81
CA ASP F 73 -69.66 -20.90 -5.95
C ASP F 73 -68.65 -22.03 -5.75
N ILE F 74 -67.45 -21.87 -6.32
CA ILE F 74 -66.42 -22.89 -6.14
C ILE F 74 -65.97 -22.98 -4.69
N ALA F 75 -65.86 -21.84 -4.02
CA ALA F 75 -65.40 -21.77 -2.64
C ALA F 75 -66.55 -21.76 -1.62
N ALA F 76 -67.78 -22.01 -2.06
CA ALA F 76 -68.93 -21.87 -1.17
C ALA F 76 -68.78 -22.72 0.09
N ASP F 77 -68.25 -23.94 -0.03
CA ASP F 77 -68.05 -24.81 1.13
C ASP F 77 -66.56 -25.05 1.34
N PHE F 78 -65.94 -24.18 2.13
CA PHE F 78 -64.56 -24.39 2.56
C PHE F 78 -64.39 -24.52 4.06
N GLY F 79 -65.37 -24.13 4.85
CA GLY F 79 -65.24 -24.22 6.30
C GLY F 79 -65.10 -22.86 6.95
N SER F 80 -65.52 -22.77 8.23
CA SER F 80 -65.54 -21.52 8.97
C SER F 80 -64.14 -21.13 9.44
N LYS F 81 -63.14 -21.91 9.05
CA LYS F 81 -61.72 -21.67 9.30
C LYS F 81 -61.05 -21.03 8.09
N SER F 82 -61.28 -21.61 6.91
CA SER F 82 -60.46 -21.43 5.73
C SER F 82 -60.19 -19.96 5.41
N LEU F 83 -59.03 -19.73 4.80
CA LEU F 83 -58.57 -18.38 4.50
C LEU F 83 -59.23 -17.77 3.27
N SER F 84 -59.37 -18.53 2.18
CA SER F 84 -59.97 -17.95 0.98
C SER F 84 -61.39 -17.51 1.23
N LEU F 85 -62.13 -18.27 2.03
CA LEU F 85 -63.46 -17.84 2.42
C LEU F 85 -63.40 -16.54 3.21
N HIS F 86 -62.34 -16.34 3.98
CA HIS F 86 -62.21 -15.08 4.72
C HIS F 86 -61.91 -13.91 3.80
N LEU F 87 -61.07 -14.10 2.80
CA LEU F 87 -60.79 -13.01 1.87
C LEU F 87 -62.02 -12.67 1.05
N LEU F 88 -62.64 -13.67 0.42
CA LEU F 88 -63.86 -13.41 -0.32
C LEU F 88 -64.90 -12.74 0.57
N ASN F 89 -65.03 -13.19 1.81
CA ASN F 89 -65.99 -12.57 2.70
C ASN F 89 -65.62 -11.14 3.05
N GLU F 90 -64.34 -10.80 3.11
CA GLU F 90 -63.97 -9.41 3.39
C GLU F 90 -64.29 -8.53 2.19
N ALA F 91 -63.97 -8.99 0.99
CA ALA F 91 -64.33 -8.25 -0.21
C ALA F 91 -65.83 -8.06 -0.29
N GLN F 92 -66.58 -9.15 -0.11
CA GLN F 92 -68.03 -9.11 -0.15
C GLN F 92 -68.57 -8.13 0.89
N ASN F 93 -67.98 -8.14 2.08
CA ASN F 93 -68.41 -7.21 3.11
C ASN F 93 -68.19 -5.78 2.65
N GLU F 94 -67.13 -5.55 1.87
CA GLU F 94 -66.91 -4.22 1.33
C GLU F 94 -67.87 -3.88 0.20
N LEU F 95 -68.32 -4.86 -0.57
CA LEU F 95 -69.36 -4.55 -1.55
C LEU F 95 -70.67 -4.21 -0.86
N GLU F 96 -70.99 -4.89 0.24
CA GLU F 96 -72.25 -4.61 0.91
C GLU F 96 -72.20 -3.28 1.65
N LEU F 97 -71.08 -2.96 2.28
CA LEU F 97 -71.04 -1.70 3.02
C LEU F 97 -71.12 -0.48 2.11
N SER F 98 -70.68 -0.62 0.86
CA SER F 98 -70.66 0.48 -0.10
C SER F 98 -71.87 0.53 -1.02
N GLU F 99 -72.85 -0.34 -0.82
CA GLU F 99 -74.01 -0.37 -1.72
C GLU F 99 -74.68 1.00 -1.81
N GLY F 100 -74.95 1.43 -3.03
CA GLY F 100 -75.52 2.73 -3.29
C GLY F 100 -74.48 3.77 -3.67
N SER F 101 -73.20 3.41 -3.67
CA SER F 101 -72.15 4.29 -4.12
C SER F 101 -71.98 4.23 -5.63
N ASP F 102 -71.82 5.40 -6.25
CA ASP F 102 -71.56 5.49 -7.68
C ASP F 102 -70.10 5.31 -8.02
N ASP F 103 -69.21 5.37 -7.03
CA ASP F 103 -67.78 5.35 -7.27
C ASP F 103 -67.24 3.94 -7.18
N ASN F 104 -66.90 3.38 -8.35
CA ASN F 104 -66.24 2.08 -8.37
C ASN F 104 -64.76 2.23 -8.06
N GLU F 105 -64.13 3.30 -8.56
CA GLU F 105 -62.75 3.57 -8.22
C GLU F 105 -62.55 3.60 -6.71
N GLY F 106 -63.57 4.00 -5.97
CA GLY F 106 -63.51 3.96 -4.51
C GLY F 106 -63.53 2.57 -3.95
N ILE F 107 -64.60 1.82 -4.22
CA ILE F 107 -64.75 0.46 -3.71
C ILE F 107 -63.48 -0.32 -3.84
N GLU F 109 -60.33 0.55 -4.26
CA GLU F 109 -59.33 1.01 -3.31
C GLU F 109 -59.56 0.34 -1.99
N ARG F 110 -60.72 0.56 -1.38
CA ARG F 110 -60.95 0.04 -0.03
C ARG F 110 -60.74 -1.46 0.03
N THR F 111 -61.20 -2.20 -0.98
CA THR F 111 -61.05 -3.65 -0.88
C THR F 111 -59.60 -4.01 -0.79
N SER F 112 -58.77 -3.48 -1.70
CA SER F 112 -57.35 -3.77 -1.64
C SER F 112 -56.81 -3.42 -0.26
N PHE F 113 -57.10 -2.22 0.21
CA PHE F 113 -56.59 -1.81 1.51
C PHE F 113 -56.87 -2.87 2.55
N ARG F 114 -58.09 -3.39 2.58
CA ARG F 114 -58.38 -4.43 3.55
C ARG F 114 -57.66 -5.72 3.20
N LEU F 115 -57.84 -6.24 1.98
CA LEU F 115 -57.32 -7.55 1.69
C LEU F 115 -55.82 -7.62 1.93
N GLU F 116 -55.06 -6.74 1.28
CA GLU F 116 -53.62 -6.70 1.52
C GLU F 116 -53.33 -6.64 3.00
N ARG F 117 -53.98 -5.72 3.72
CA ARG F 117 -53.69 -5.58 5.13
C ARG F 117 -54.01 -6.87 5.88
N ARG F 118 -55.13 -7.52 5.55
CA ARG F 118 -55.45 -8.79 6.21
C ARG F 118 -54.33 -9.79 6.01
N VAL F 119 -53.78 -9.87 4.79
CA VAL F 119 -52.65 -10.75 4.54
C VAL F 119 -51.54 -10.49 5.54
N ALA F 120 -51.17 -9.22 5.73
CA ALA F 120 -50.12 -8.90 6.69
C ALA F 120 -50.42 -9.53 8.05
N ALA F 121 -51.65 -9.40 8.54
CA ALA F 121 -51.99 -9.95 9.84
C ALA F 121 -51.73 -11.44 9.91
N VAL F 122 -52.07 -12.17 8.85
CA VAL F 122 -51.81 -13.62 8.85
C VAL F 122 -50.33 -13.90 9.06
N GLY F 123 -49.46 -13.13 8.41
CA GLY F 123 -48.03 -13.27 8.67
C GLY F 123 -47.71 -13.17 10.15
N ARG F 124 -48.29 -12.16 10.81
CA ARG F 124 -48.01 -11.95 12.22
C ARG F 124 -48.49 -13.11 13.08
N GLN F 125 -49.50 -13.85 12.60
CA GLN F 125 -49.97 -15.02 13.33
C GLN F 125 -49.12 -16.26 13.07
N MET F 126 -48.40 -16.32 11.95
CA MET F 126 -47.53 -17.45 11.67
C MET F 126 -46.23 -17.40 12.45
N GLY F 127 -45.67 -16.21 12.64
CA GLY F 127 -44.43 -16.11 13.36
C GLY F 127 -44.52 -16.05 14.86
N ARG F 128 -45.70 -16.19 15.45
CA ARG F 128 -45.79 -16.12 16.90
C ARG F 128 -45.05 -17.30 17.53
N GLY F 129 -44.18 -17.00 18.48
CA GLY F 129 -43.36 -18.00 19.13
C GLY F 129 -42.03 -18.25 18.45
N ASN F 130 -41.89 -17.89 17.18
CA ASN F 130 -40.58 -18.00 16.52
C ASN F 130 -39.55 -17.08 17.15
N GLY F 131 -39.99 -16.03 17.83
CA GLY F 131 -39.06 -15.21 18.60
C GLY F 131 -38.24 -16.06 19.55
N TYR F 132 -38.85 -17.11 20.09
CA TYR F 132 -38.13 -18.02 20.96
C TYR F 132 -36.97 -18.68 20.23
N LEU F 133 -37.24 -19.24 19.04
CA LEU F 133 -36.18 -19.84 18.26
C LEU F 133 -35.08 -18.83 17.97
N ALA F 134 -35.44 -17.62 17.59
CA ALA F 134 -34.44 -16.61 17.26
C ALA F 134 -33.57 -16.26 18.46
N THR F 135 -34.20 -16.04 19.62
CA THR F 135 -33.44 -15.65 20.80
C THR F 135 -32.58 -16.79 21.33
N ILE F 136 -33.12 -18.02 21.30
CA ILE F 136 -32.37 -19.18 21.75
C ILE F 136 -31.15 -19.39 20.89
N GLY F 137 -31.34 -19.35 19.57
CA GLY F 137 -30.21 -19.47 18.66
C GLY F 137 -29.24 -18.30 18.77
N ALA F 138 -29.71 -17.16 19.26
CA ALA F 138 -28.82 -16.01 19.38
C ALA F 138 -27.94 -16.11 20.63
N ILE F 139 -28.55 -16.41 21.78
CA ILE F 139 -27.81 -16.37 23.04
C ILE F 139 -27.28 -17.73 23.50
N SER F 140 -27.61 -18.82 22.80
CA SER F 140 -27.07 -20.11 23.22
C SER F 140 -25.55 -20.14 23.21
N PRO F 141 -24.85 -19.72 22.14
CA PRO F 141 -23.38 -19.69 22.22
C PRO F 141 -22.85 -18.76 23.28
N PHE F 142 -23.56 -17.70 23.62
CA PHE F 142 -23.05 -16.79 24.65
C PHE F 142 -23.18 -17.41 26.04
N VAL F 143 -24.25 -18.14 26.29
CA VAL F 143 -24.37 -18.86 27.57
C VAL F 143 -23.35 -19.99 27.66
N GLY F 144 -23.16 -20.74 26.59
CA GLY F 144 -22.09 -21.73 26.60
C GLY F 144 -20.74 -21.10 26.89
N LEU F 145 -20.43 -20.00 26.21
CA LEU F 145 -19.18 -19.29 26.45
C LEU F 145 -19.05 -18.86 27.91
N PHE F 146 -20.14 -18.40 28.54
CA PHE F 146 -20.04 -18.08 29.96
C PHE F 146 -19.73 -19.32 30.78
N GLY F 147 -20.31 -20.45 30.42
CA GLY F 147 -19.95 -21.69 31.09
C GLY F 147 -18.46 -21.94 31.05
N THR F 148 -17.86 -21.85 29.86
CA THR F 148 -16.44 -22.14 29.75
C THR F 148 -15.57 -21.13 30.45
N VAL F 149 -15.87 -19.84 30.32
CA VAL F 149 -15.02 -18.84 30.96
C VAL F 149 -15.13 -18.95 32.48
N TRP F 150 -16.32 -19.20 33.00
CA TRP F 150 -16.46 -19.40 34.44
C TRP F 150 -15.70 -20.65 34.90
N GLY F 151 -15.79 -21.73 34.14
CA GLY F 151 -15.07 -22.95 34.48
C GLY F 151 -13.57 -22.73 34.51
N ILE F 152 -13.00 -22.26 33.40
CA ILE F 152 -11.56 -22.07 33.34
C ILE F 152 -11.11 -21.06 34.38
N MET F 153 -11.98 -20.11 34.74
CA MET F 153 -11.67 -19.22 35.83
C MET F 153 -11.52 -19.99 37.14
N ASN F 154 -12.43 -20.94 37.39
CA ASN F 154 -12.30 -21.77 38.58
C ASN F 154 -11.04 -22.63 38.54
N SER F 155 -10.62 -23.08 37.36
CA SER F 155 -9.40 -23.86 37.27
C SER F 155 -8.18 -23.02 37.62
N PHE F 156 -8.06 -21.84 37.03
CA PHE F 156 -6.91 -21.01 37.36
C PHE F 156 -6.96 -20.55 38.81
N ILE F 157 -8.15 -20.40 39.38
CA ILE F 157 -8.20 -20.17 40.82
C ILE F 157 -7.65 -21.39 41.55
N GLY F 158 -7.96 -22.59 41.04
CA GLY F 158 -7.48 -23.81 41.68
C GLY F 158 -5.96 -23.93 41.67
N ILE F 159 -5.35 -23.65 40.53
CA ILE F 159 -3.89 -23.68 40.47
C ILE F 159 -3.30 -22.47 41.17
N ALA F 160 -4.12 -21.46 41.43
CA ALA F 160 -3.63 -20.30 42.15
C ALA F 160 -3.75 -20.49 43.65
N GLN F 161 -4.48 -21.53 44.08
CA GLN F 161 -4.66 -21.77 45.50
C GLN F 161 -3.35 -21.94 46.23
N THR F 162 -2.29 -22.38 45.54
CA THR F 162 -1.10 -23.12 46.01
C THR F 162 -1.01 -24.60 45.69
N GLN F 163 -1.94 -25.17 44.93
CA GLN F 163 -1.80 -26.60 44.60
C GLN F 163 -0.41 -26.97 44.08
N THR F 164 -0.11 -26.67 42.81
CA THR F 164 1.19 -26.91 42.17
C THR F 164 1.04 -26.69 40.68
N THR F 165 2.17 -26.80 39.96
CA THR F 165 2.24 -26.63 38.51
C THR F 165 1.75 -27.87 37.76
N ASN F 166 1.06 -28.77 38.47
CA ASN F 166 0.74 -30.12 38.04
C ASN F 166 -0.46 -30.20 37.10
N LEU F 167 -1.08 -29.07 36.71
CA LEU F 167 -2.08 -29.15 35.64
C LEU F 167 -3.17 -30.16 35.98
N ALA F 168 -3.00 -31.38 35.47
CA ALA F 168 -4.03 -32.41 35.29
C ALA F 168 -4.91 -32.62 36.51
N VAL F 169 -4.52 -32.07 37.65
CA VAL F 169 -5.45 -32.04 38.79
C VAL F 169 -6.70 -31.26 38.44
N VAL F 170 -6.55 -30.02 37.96
CA VAL F 170 -7.70 -29.20 37.55
C VAL F 170 -8.05 -29.36 36.09
N ALA F 171 -7.36 -30.23 35.36
CA ALA F 171 -7.64 -30.40 33.94
C ALA F 171 -9.03 -30.94 33.66
N PRO F 172 -9.55 -31.96 34.36
CA PRO F 172 -10.94 -32.36 34.10
C PRO F 172 -11.92 -31.19 34.21
N GLY F 173 -11.75 -30.34 35.23
CA GLY F 173 -12.58 -29.15 35.32
C GLY F 173 -12.56 -28.34 34.04
N ILE F 174 -11.37 -28.16 33.47
CA ILE F 174 -11.24 -27.41 32.23
C ILE F 174 -11.93 -28.14 31.09
N ALA F 175 -11.79 -29.46 31.03
CA ALA F 175 -12.48 -30.24 30.00
C ALA F 175 -13.98 -30.02 30.07
N GLU F 176 -14.53 -29.92 31.28
CA GLU F 176 -15.95 -29.65 31.42
C GLU F 176 -16.30 -28.23 30.96
N ALA F 177 -15.50 -27.25 31.37
CA ALA F 177 -15.68 -25.89 30.88
C ALA F 177 -15.83 -25.89 29.36
N LEU F 178 -14.93 -26.57 28.65
CA LEU F 178 -15.04 -26.63 27.19
C LEU F 178 -16.33 -27.31 26.77
N LEU F 179 -16.70 -28.40 27.44
CA LEU F 179 -17.96 -29.06 27.09
C LEU F 179 -19.12 -28.08 27.13
N ALA F 180 -19.06 -27.08 28.01
CA ALA F 180 -20.14 -26.10 28.07
C ALA F 180 -20.32 -25.39 26.72
N THR F 181 -19.22 -24.94 26.12
CA THR F 181 -19.32 -24.32 24.81
C THR F 181 -19.84 -25.31 23.78
N ALA F 182 -19.39 -26.57 23.85
CA ALA F 182 -19.89 -27.57 22.91
C ALA F 182 -21.41 -27.65 22.95
N ILE F 183 -21.98 -27.71 24.15
CA ILE F 183 -23.43 -27.76 24.26
C ILE F 183 -24.05 -26.46 23.78
N GLY F 184 -23.41 -25.32 24.09
CA GLY F 184 -23.94 -24.06 23.61
C GLY F 184 -24.13 -24.05 22.10
N LEU F 185 -23.13 -24.52 21.36
CA LEU F 185 -23.30 -24.59 19.93
C LEU F 185 -24.35 -25.62 19.56
N VAL F 186 -24.49 -26.68 20.36
CA VAL F 186 -25.48 -27.70 20.02
C VAL F 186 -26.90 -27.16 20.18
N ALA F 187 -27.13 -26.25 21.13
CA ALA F 187 -28.45 -25.61 21.24
C ALA F 187 -28.64 -24.52 20.21
N ALA F 188 -27.56 -23.84 19.82
CA ALA F 188 -27.69 -22.69 18.93
C ALA F 188 -27.99 -23.12 17.51
N ILE F 189 -27.24 -24.10 16.99
CA ILE F 189 -27.32 -24.40 15.57
C ILE F 189 -28.74 -24.79 15.13
N PRO F 190 -29.40 -25.77 15.74
CA PRO F 190 -30.75 -26.09 15.29
C PRO F 190 -31.72 -24.94 15.42
N ALA F 191 -31.58 -24.11 16.46
CA ALA F 191 -32.45 -22.95 16.60
C ALA F 191 -32.33 -22.03 15.40
N VAL F 192 -31.10 -21.74 14.98
CA VAL F 192 -30.90 -20.81 13.89
C VAL F 192 -31.37 -21.43 12.58
N VAL F 193 -31.04 -22.70 12.35
CA VAL F 193 -31.47 -23.35 11.13
C VAL F 193 -32.99 -23.38 11.05
N ILE F 194 -33.65 -23.85 12.11
CA ILE F 194 -35.10 -23.92 12.11
C ILE F 194 -35.71 -22.55 11.90
N TYR F 195 -35.18 -21.53 12.55
CA TYR F 195 -35.70 -20.18 12.38
C TYR F 195 -35.62 -19.75 10.92
N ASN F 196 -34.51 -20.06 10.26
CA ASN F 196 -34.38 -19.65 8.86
C ASN F 196 -35.33 -20.43 7.95
N VAL F 197 -35.50 -21.73 8.18
CA VAL F 197 -36.46 -22.46 7.34
C VAL F 197 -37.87 -21.95 7.59
N PHE F 198 -38.15 -21.49 8.81
CA PHE F 198 -39.47 -20.94 9.09
C PHE F 198 -39.66 -19.58 8.41
N ALA F 199 -38.63 -18.75 8.34
CA ALA F 199 -38.75 -17.50 7.59
C ALA F 199 -38.99 -17.77 6.11
N ARG F 200 -38.20 -18.66 5.50
CA ARG F 200 -38.36 -18.96 4.09
C ARG F 200 -39.73 -19.56 3.80
N GLN F 201 -40.13 -20.54 4.62
CA GLN F 201 -41.41 -21.22 4.39
C GLN F 201 -42.58 -20.27 4.61
N ILE F 202 -42.49 -19.42 5.64
CA ILE F 202 -43.51 -18.39 5.84
C ILE F 202 -43.55 -17.47 4.62
N GLY F 203 -42.38 -17.16 4.05
CA GLY F 203 -42.36 -16.39 2.83
C GLY F 203 -43.17 -17.02 1.71
N GLY F 204 -42.92 -18.31 1.44
CA GLY F 204 -43.71 -18.99 0.43
C GLY F 204 -45.19 -19.03 0.75
N PHE F 205 -45.52 -19.12 2.05
CA PHE F 205 -46.92 -19.14 2.47
C PHE F 205 -47.58 -17.80 2.18
N LYS F 206 -46.96 -16.71 2.63
CA LYS F 206 -47.44 -15.38 2.27
C LYS F 206 -47.55 -15.23 0.77
N ALA F 207 -46.67 -15.86 0.00
CA ALA F 207 -46.76 -15.77 -1.45
C ALA F 207 -48.02 -16.43 -1.97
N MET F 208 -48.33 -17.64 -1.51
CA MET F 208 -49.56 -18.28 -1.96
C MET F 208 -50.78 -17.47 -1.57
N LEU F 209 -50.86 -17.08 -0.30
CA LEU F 209 -51.97 -16.23 0.13
C LEU F 209 -52.04 -14.97 -0.74
N GLY F 210 -50.89 -14.38 -1.04
CA GLY F 210 -50.86 -13.23 -1.94
C GLY F 210 -51.44 -13.51 -3.31
N ASP F 211 -51.22 -14.71 -3.85
CA ASP F 211 -51.81 -15.04 -5.14
C ASP F 211 -53.32 -15.17 -5.06
N VAL F 212 -53.85 -15.80 -4.02
CA VAL F 212 -55.30 -15.87 -3.90
C VAL F 212 -55.92 -14.49 -3.69
N ALA F 213 -55.38 -13.71 -2.75
CA ALA F 213 -55.86 -12.35 -2.56
C ALA F 213 -55.81 -11.57 -3.87
N ALA F 214 -54.73 -11.72 -4.62
CA ALA F 214 -54.64 -11.03 -5.90
C ALA F 214 -55.72 -11.50 -6.86
N GLN F 215 -56.06 -12.79 -6.83
CA GLN F 215 -57.15 -13.27 -7.68
C GLN F 215 -58.48 -12.60 -7.34
N VAL F 216 -58.80 -12.54 -6.04
CA VAL F 216 -60.05 -11.87 -5.67
C VAL F 216 -60.04 -10.43 -6.14
N LEU F 217 -58.95 -9.71 -5.89
CA LEU F 217 -58.89 -8.31 -6.29
C LEU F 217 -59.11 -8.14 -7.78
N LEU F 218 -58.44 -8.96 -8.59
CA LEU F 218 -58.60 -8.88 -10.04
C LEU F 218 -60.06 -9.13 -10.45
N LEU F 219 -60.66 -10.21 -9.95
CA LEU F 219 -62.06 -10.51 -10.31
C LEU F 219 -63.00 -9.36 -9.94
N GLN F 220 -62.83 -8.80 -8.75
CA GLN F 220 -63.68 -7.70 -8.34
C GLN F 220 -63.56 -6.53 -9.30
N SER F 221 -62.32 -6.14 -9.62
CA SER F 221 -62.11 -5.01 -10.52
C SER F 221 -62.77 -5.26 -11.88
N ARG F 222 -62.48 -6.41 -12.48
CA ARG F 222 -63.05 -6.70 -13.80
C ARG F 222 -64.57 -6.72 -13.78
N ASP F 223 -65.17 -7.33 -12.76
CA ASP F 223 -66.63 -7.41 -12.73
C ASP F 223 -67.25 -6.03 -12.55
N LEU F 224 -66.70 -5.20 -11.68
CA LEU F 224 -67.25 -3.86 -11.54
C LEU F 224 -67.15 -3.09 -12.85
N ASP F 225 -66.05 -3.26 -13.57
CA ASP F 225 -65.92 -2.57 -14.86
C ASP F 225 -66.94 -3.06 -15.87
N LEU F 226 -67.12 -4.38 -15.98
CA LEU F 226 -68.07 -4.90 -16.96
C LEU F 226 -69.51 -4.51 -16.60
N GLU F 227 -69.82 -4.42 -15.31
CA GLU F 227 -71.14 -4.00 -14.89
C GLU F 227 -71.38 -2.54 -15.25
N ALA F 228 -70.41 -1.68 -14.96
CA ALA F 228 -70.56 -0.27 -15.33
C ALA F 228 -70.74 -0.11 -16.83
N SER F 229 -70.03 -0.92 -17.63
CA SER F 229 -70.20 -0.80 -19.06
C SER F 229 -71.54 -1.35 -19.54
N ALA F 230 -72.07 -2.38 -18.87
CA ALA F 230 -73.35 -2.93 -19.32
C ALA F 230 -74.52 -2.03 -18.94
N ALA F 231 -74.40 -1.28 -17.85
CA ALA F 231 -75.46 -0.36 -17.47
C ALA F 231 -75.26 1.07 -17.96
N ALA F 232 -74.09 1.41 -18.50
CA ALA F 232 -73.92 2.72 -19.12
C ALA F 232 -74.02 2.71 -20.63
N HIS F 233 -74.13 1.54 -21.26
CA HIS F 233 -74.41 1.45 -22.70
C HIS F 233 -75.28 0.23 -22.95
N PRO F 234 -76.57 0.29 -22.58
CA PRO F 234 -77.46 -0.86 -22.72
C PRO F 234 -77.65 -1.32 -24.16
N LEU G 10 -8.43 -16.22 45.36
CA LEU G 10 -9.28 -15.73 46.43
C LEU G 10 -10.73 -15.73 46.01
N SER G 11 -11.57 -15.08 46.80
CA SER G 11 -13.00 -15.08 46.51
C SER G 11 -13.34 -13.98 45.51
N VAL G 12 -14.61 -13.95 45.10
CA VAL G 12 -14.99 -13.11 43.97
C VAL G 12 -14.91 -11.64 44.32
N TRP G 13 -15.20 -11.27 45.55
CA TRP G 13 -15.04 -9.87 45.97
C TRP G 13 -13.57 -9.49 46.02
N GLY G 14 -12.77 -10.29 46.72
CA GLY G 14 -11.33 -10.08 46.70
C GLY G 14 -10.76 -10.12 45.29
N MET G 15 -11.28 -11.03 44.47
CA MET G 15 -10.82 -11.10 43.08
C MET G 15 -11.15 -9.82 42.34
N TYR G 16 -12.25 -9.15 42.68
CA TYR G 16 -12.48 -7.83 42.12
C TYR G 16 -11.45 -6.83 42.63
N GLN G 17 -11.20 -6.83 43.94
CA GLN G 17 -10.41 -5.74 44.49
C GLN G 17 -8.90 -5.91 44.28
N HIS G 18 -8.42 -7.09 43.90
CA HIS G 18 -7.00 -7.27 43.65
C HIS G 18 -6.62 -7.18 42.18
N ALA G 19 -7.56 -6.89 41.28
CA ALA G 19 -7.22 -6.73 39.88
C ALA G 19 -6.74 -5.30 39.61
N ASP G 20 -6.34 -5.04 38.38
CA ASP G 20 -5.72 -3.76 38.03
C ASP G 20 -6.82 -2.71 37.90
N ILE G 21 -6.43 -1.50 37.47
CA ILE G 21 -7.40 -0.41 37.37
C ILE G 21 -8.29 -0.61 36.14
N VAL G 22 -7.69 -0.94 35.01
CA VAL G 22 -8.44 -1.05 33.76
C VAL G 22 -9.52 -2.13 33.90
N VAL G 23 -9.15 -3.30 34.41
CA VAL G 23 -10.11 -4.37 34.58
C VAL G 23 -11.19 -3.98 35.56
N LYS G 24 -10.84 -3.26 36.62
CA LYS G 24 -11.86 -2.74 37.52
C LYS G 24 -12.87 -1.90 36.76
N CYS G 25 -12.38 -1.00 35.90
CA CYS G 25 -13.30 -0.11 35.19
C CYS G 25 -14.20 -0.88 34.24
N VAL G 26 -13.65 -1.90 33.56
CA VAL G 26 -14.49 -2.72 32.69
C VAL G 26 -15.58 -3.41 33.50
N MET G 27 -15.23 -3.90 34.68
CA MET G 27 -16.23 -4.61 35.48
C MET G 27 -17.33 -3.67 35.96
N ILE G 28 -16.96 -2.52 36.52
CA ILE G 28 -17.97 -1.60 37.01
C ILE G 28 -18.85 -1.10 35.87
N GLY G 29 -18.24 -0.85 34.72
CA GLY G 29 -19.03 -0.46 33.56
C GLY G 29 -20.06 -1.52 33.19
N LEU G 30 -19.63 -2.78 33.14
CA LEU G 30 -20.55 -3.84 32.77
C LEU G 30 -21.69 -3.99 33.77
N ILE G 31 -21.41 -3.85 35.06
CA ILE G 31 -22.52 -3.93 36.01
C ILE G 31 -23.47 -2.76 35.82
N LEU G 32 -22.95 -1.56 35.57
CA LEU G 32 -23.82 -0.43 35.28
C LEU G 32 -24.72 -0.72 34.07
N ALA G 33 -24.13 -1.24 32.99
CA ALA G 33 -24.91 -1.60 31.82
C ALA G 33 -26.03 -2.58 32.18
N SER G 34 -25.75 -3.55 33.07
CA SER G 34 -26.81 -4.46 33.48
C SER G 34 -27.87 -3.74 34.29
N VAL G 35 -27.47 -2.81 35.16
CA VAL G 35 -28.44 -2.04 35.95
C VAL G 35 -29.38 -1.28 35.03
N VAL G 36 -28.81 -0.60 34.04
CA VAL G 36 -29.63 0.12 33.05
C VAL G 36 -30.52 -0.86 32.29
N THR G 37 -29.99 -2.04 31.96
CA THR G 37 -30.79 -3.05 31.28
C THR G 37 -32.05 -3.38 32.07
N TRP G 38 -31.92 -3.56 33.38
CA TRP G 38 -33.08 -3.94 34.17
C TRP G 38 -34.01 -2.75 34.41
N ALA G 39 -33.48 -1.55 34.61
CA ALA G 39 -34.35 -0.39 34.76
C ALA G 39 -35.21 -0.20 33.52
N ILE G 40 -34.57 -0.15 32.36
CA ILE G 40 -35.29 -0.09 31.09
C ILE G 40 -36.33 -1.20 31.01
N PHE G 41 -35.93 -2.42 31.37
CA PHE G 41 -36.83 -3.57 31.27
C PHE G 41 -38.13 -3.31 32.02
N PHE G 42 -38.01 -2.89 33.28
CA PHE G 42 -39.20 -2.79 34.12
C PHE G 42 -40.11 -1.64 33.66
N SER G 43 -39.53 -0.46 33.46
CA SER G 43 -40.35 0.69 33.11
C SER G 43 -41.05 0.47 31.76
N LYS G 44 -40.29 0.09 30.74
CA LYS G 44 -40.94 -0.12 29.46
C LYS G 44 -41.95 -1.26 29.51
N SER G 45 -41.76 -2.24 30.40
CA SER G 45 -42.77 -3.29 30.53
C SER G 45 -44.10 -2.71 30.98
N VAL G 46 -44.10 -1.92 32.05
CA VAL G 46 -45.38 -1.36 32.51
C VAL G 46 -46.01 -0.49 31.43
N GLU G 47 -45.22 0.38 30.81
CA GLU G 47 -45.73 1.26 29.76
C GLU G 47 -46.42 0.46 28.66
N PHE G 48 -45.68 -0.46 28.05
CA PHE G 48 -46.20 -1.18 26.89
C PHE G 48 -47.43 -1.99 27.27
N PHE G 49 -47.48 -2.56 28.47
CA PHE G 49 -48.64 -3.38 28.77
C PHE G 49 -49.89 -2.53 28.88
N ASN G 50 -49.79 -1.39 29.59
CA ASN G 50 -50.94 -0.49 29.66
C ASN G 50 -51.41 -0.09 28.27
N GLN G 51 -50.51 0.46 27.45
CA GLN G 51 -50.92 0.99 26.16
C GLN G 51 -51.45 -0.10 25.23
N LYS G 52 -50.85 -1.29 25.26
CA LYS G 52 -51.35 -2.34 24.38
C LYS G 52 -52.72 -2.82 24.82
N ARG G 53 -52.95 -2.91 26.12
CA ARG G 53 -54.28 -3.28 26.61
C ARG G 53 -55.31 -2.26 26.15
N ARG G 54 -55.07 -0.99 26.48
CA ARG G 54 -55.95 0.10 26.13
C ARG G 54 -56.27 0.11 24.62
N LEU G 55 -55.24 0.00 23.80
CA LEU G 55 -55.44 0.01 22.35
C LEU G 55 -56.27 -1.17 21.90
N LYS G 56 -56.05 -2.35 22.49
CA LYS G 56 -56.88 -3.50 22.14
C LYS G 56 -58.33 -3.23 22.46
N ARG G 57 -58.59 -2.63 23.62
CA ARG G 57 -59.93 -2.17 23.97
C ARG G 57 -60.50 -1.30 22.87
N GLU G 58 -59.76 -0.24 22.52
CA GLU G 58 -60.28 0.73 21.57
C GLU G 58 -60.56 0.09 20.22
N GLN G 59 -59.71 -0.83 19.77
CA GLN G 59 -60.00 -1.51 18.52
C GLN G 59 -61.28 -2.33 18.63
N GLN G 60 -61.47 -3.03 19.75
CA GLN G 60 -62.69 -3.81 19.91
C GLN G 60 -63.93 -2.92 19.84
N LEU G 61 -63.88 -1.74 20.48
CA LEU G 61 -65.05 -0.86 20.49
C LEU G 61 -65.28 -0.23 19.13
N LEU G 62 -64.25 0.35 18.52
CA LEU G 62 -64.44 1.02 17.25
C LEU G 62 -64.77 0.04 16.13
N ALA G 63 -64.60 -1.26 16.37
CA ALA G 63 -64.91 -2.23 15.33
C ALA G 63 -66.39 -2.26 14.99
N GLU G 64 -67.25 -1.71 15.85
CA GLU G 64 -68.68 -1.72 15.61
C GLU G 64 -69.16 -0.50 14.85
N ALA G 65 -68.26 0.44 14.53
CA ALA G 65 -68.63 1.70 13.91
C ALA G 65 -68.88 1.43 12.43
N ARG G 66 -70.13 1.59 12.01
CA ARG G 66 -70.50 1.58 10.61
C ARG G 66 -70.22 2.90 9.89
N SER G 67 -69.70 3.90 10.60
CA SER G 67 -70.14 5.27 10.37
C SER G 67 -69.07 6.35 10.30
N LEU G 68 -68.22 6.43 11.33
CA LEU G 68 -67.22 7.46 11.60
C LEU G 68 -67.89 8.57 12.39
N ASN G 69 -69.20 8.76 12.21
CA ASN G 69 -69.95 9.46 13.24
C ASN G 69 -70.10 8.56 14.45
N GLN G 70 -70.37 7.27 14.21
CA GLN G 70 -70.36 6.29 15.28
C GLN G 70 -68.97 6.14 15.86
N ALA G 71 -67.93 6.34 15.05
CA ALA G 71 -66.58 6.25 15.59
C ALA G 71 -66.30 7.38 16.59
N ASN G 72 -66.58 8.64 16.22
CA ASN G 72 -66.42 9.73 17.18
C ASN G 72 -67.35 9.60 18.37
N ASP G 73 -68.52 9.01 18.18
CA ASP G 73 -69.46 8.89 19.29
C ASP G 73 -69.03 7.76 20.23
N ILE G 74 -68.56 6.65 19.67
CA ILE G 74 -68.04 5.56 20.48
C ILE G 74 -66.75 5.98 21.17
N ALA G 75 -65.91 6.73 20.50
CA ALA G 75 -64.60 7.10 21.00
C ALA G 75 -64.58 8.42 21.75
N ALA G 76 -65.73 9.02 22.00
CA ALA G 76 -65.71 10.33 22.67
C ALA G 76 -65.04 10.23 24.05
N ASP G 77 -65.36 9.18 24.83
CA ASP G 77 -64.93 9.10 26.21
C ASP G 77 -63.64 8.31 26.41
N PHE G 78 -62.91 8.02 25.32
CA PHE G 78 -61.70 7.20 25.42
C PHE G 78 -60.58 7.85 26.24
N GLY G 79 -60.56 9.17 26.31
CA GLY G 79 -59.53 9.88 27.06
C GLY G 79 -58.66 10.73 26.15
N SER G 80 -58.08 11.80 26.72
CA SER G 80 -57.40 12.79 25.91
C SER G 80 -56.04 12.31 25.43
N LYS G 81 -55.45 11.32 26.07
CA LYS G 81 -54.18 10.80 25.57
C LYS G 81 -54.38 9.59 24.68
N SER G 82 -55.61 9.20 24.40
CA SER G 82 -55.85 8.00 23.63
C SER G 82 -55.34 8.19 22.21
N LEU G 83 -54.87 7.09 21.64
CA LEU G 83 -54.36 7.16 20.28
C LEU G 83 -55.49 7.15 19.27
N SER G 84 -56.51 6.31 19.48
CA SER G 84 -57.62 6.26 18.52
C SER G 84 -58.41 7.56 18.53
N LEU G 85 -58.59 8.18 19.69
CA LEU G 85 -59.26 9.47 19.72
C LEU G 85 -58.44 10.51 18.96
N HIS G 86 -57.11 10.40 18.99
CA HIS G 86 -56.27 11.32 18.23
C HIS G 86 -56.38 11.08 16.74
N LEU G 87 -56.44 9.82 16.32
CA LEU G 87 -56.55 9.53 14.89
C LEU G 87 -57.89 10.01 14.38
N LEU G 88 -58.97 9.65 15.06
CA LEU G 88 -60.29 10.13 14.68
C LEU G 88 -60.32 11.66 14.64
N ASN G 89 -59.67 12.30 15.62
CA ASN G 89 -59.62 13.76 15.64
C ASN G 89 -58.83 14.32 14.48
N GLU G 90 -57.79 13.62 14.01
CA GLU G 90 -57.05 14.11 12.87
C GLU G 90 -57.88 14.02 11.60
N ALA G 91 -58.55 12.89 11.40
CA ALA G 91 -59.42 12.79 10.24
C ALA G 91 -60.48 13.89 10.28
N GLN G 92 -61.12 14.07 11.43
CA GLN G 92 -62.13 15.12 11.54
C GLN G 92 -61.54 16.49 11.25
N ASN G 93 -60.35 16.78 11.77
CA ASN G 93 -59.73 18.08 11.55
C ASN G 93 -59.46 18.32 10.07
N GLU G 94 -59.12 17.26 9.34
CA GLU G 94 -58.95 17.43 7.90
C GLU G 94 -60.29 17.55 7.20
N LEU G 95 -61.34 16.96 7.75
CA LEU G 95 -62.67 17.17 7.18
C LEU G 95 -63.12 18.61 7.38
N GLU G 96 -62.76 19.23 8.52
CA GLU G 96 -63.17 20.60 8.78
C GLU G 96 -62.34 21.60 7.99
N LEU G 97 -61.03 21.39 7.89
CA LEU G 97 -60.25 22.34 7.11
C LEU G 97 -60.55 22.25 5.62
N SER G 98 -61.03 21.13 5.14
CA SER G 98 -61.32 20.97 3.72
C SER G 98 -62.74 21.36 3.37
N GLU G 99 -63.50 21.89 4.32
CA GLU G 99 -64.90 22.22 4.07
C GLU G 99 -65.01 23.12 2.84
N GLY G 100 -65.84 22.69 1.90
CA GLY G 100 -66.01 23.38 0.65
C GLY G 100 -65.24 22.82 -0.53
N SER G 101 -64.46 21.77 -0.36
CA SER G 101 -63.74 21.19 -1.48
C SER G 101 -64.69 20.35 -2.32
N ASP G 102 -64.64 20.51 -3.63
CA ASP G 102 -65.39 19.65 -4.52
C ASP G 102 -64.65 18.36 -4.84
N ASP G 103 -63.35 18.31 -4.57
CA ASP G 103 -62.52 17.17 -4.90
C ASP G 103 -62.43 16.37 -3.62
N ASN G 104 -63.15 15.24 -3.58
CA ASN G 104 -63.12 14.33 -2.45
C ASN G 104 -61.87 13.47 -2.48
N GLU G 105 -61.48 12.97 -3.66
CA GLU G 105 -60.21 12.26 -3.75
C GLU G 105 -59.09 13.10 -3.17
N GLY G 106 -59.25 14.40 -3.12
CA GLY G 106 -58.32 15.23 -2.41
C GLY G 106 -58.39 14.96 -0.92
N ILE G 107 -59.56 15.17 -0.33
CA ILE G 107 -59.76 14.99 1.11
C ILE G 107 -59.15 13.69 1.60
N GLU G 109 -56.96 11.65 0.19
CA GLU G 109 -55.50 11.71 0.11
C GLU G 109 -54.98 12.48 1.29
N ARG G 110 -55.35 13.75 1.44
CA ARG G 110 -54.79 14.55 2.52
C ARG G 110 -54.98 13.85 3.85
N THR G 111 -56.10 13.13 4.02
CA THR G 111 -56.32 12.44 5.28
C THR G 111 -55.33 11.31 5.47
N SER G 112 -55.21 10.41 4.48
CA SER G 112 -54.30 9.28 4.62
C SER G 112 -52.91 9.76 4.95
N PHE G 113 -52.39 10.67 4.15
CA PHE G 113 -51.08 11.26 4.34
C PHE G 113 -50.89 11.69 5.80
N ARG G 114 -51.91 12.29 6.39
CA ARG G 114 -51.80 12.70 7.79
C ARG G 114 -51.67 11.48 8.70
N LEU G 115 -52.67 10.60 8.67
CA LEU G 115 -52.78 9.55 9.67
C LEU G 115 -51.53 8.69 9.73
N GLU G 116 -51.20 8.04 8.61
CA GLU G 116 -50.05 7.15 8.59
C GLU G 116 -48.82 7.84 9.13
N ARG G 117 -48.63 9.11 8.79
CA ARG G 117 -47.45 9.81 9.27
C ARG G 117 -47.37 9.76 10.79
N ARG G 118 -48.44 10.19 11.47
CA ARG G 118 -48.43 10.18 12.93
C ARG G 118 -48.23 8.78 13.48
N VAL G 119 -48.80 7.77 12.82
CA VAL G 119 -48.59 6.41 13.28
C VAL G 119 -47.10 6.11 13.35
N ALA G 120 -46.38 6.37 12.26
CA ALA G 120 -44.94 6.15 12.28
C ALA G 120 -44.32 6.87 13.46
N ALA G 121 -44.72 8.13 13.69
CA ALA G 121 -44.15 8.89 14.79
C ALA G 121 -44.36 8.20 16.12
N VAL G 122 -45.58 7.71 16.37
CA VAL G 122 -45.79 6.98 17.61
C VAL G 122 -44.90 5.76 17.66
N GLY G 123 -44.80 5.04 16.54
CA GLY G 123 -43.85 3.94 16.45
C GLY G 123 -42.46 4.38 16.84
N ARG G 124 -42.01 5.52 16.29
CA ARG G 124 -40.67 6.01 16.57
C ARG G 124 -40.50 6.41 18.03
N GLN G 125 -41.58 6.76 18.74
CA GLN G 125 -41.42 7.01 20.17
C GLN G 125 -41.38 5.72 20.98
N MET G 126 -41.94 4.64 20.44
CA MET G 126 -41.90 3.37 21.15
C MET G 126 -40.49 2.79 21.12
N GLY G 127 -39.78 2.99 20.03
CA GLY G 127 -38.44 2.46 19.92
C GLY G 127 -37.35 3.30 20.56
N ARG G 128 -37.67 4.45 21.14
CA ARG G 128 -36.65 5.24 21.80
C ARG G 128 -36.11 4.48 23.01
N GLY G 129 -34.78 4.37 23.09
CA GLY G 129 -34.14 3.61 24.13
C GLY G 129 -33.70 2.22 23.71
N ASN G 130 -34.25 1.68 22.62
CA ASN G 130 -33.82 0.38 22.13
C ASN G 130 -32.35 0.38 21.72
N GLY G 131 -31.82 1.55 21.37
CA GLY G 131 -30.40 1.63 21.08
C GLY G 131 -29.54 1.16 22.25
N TYR G 132 -29.93 1.51 23.47
CA TYR G 132 -29.15 1.08 24.62
C TYR G 132 -29.17 -0.44 24.74
N LEU G 133 -30.35 -1.05 24.69
CA LEU G 133 -30.40 -2.50 24.82
C LEU G 133 -29.60 -3.20 23.73
N ALA G 134 -29.82 -2.84 22.47
CA ALA G 134 -29.11 -3.51 21.39
C ALA G 134 -27.61 -3.31 21.52
N THR G 135 -27.19 -2.08 21.84
CA THR G 135 -25.77 -1.77 21.93
C THR G 135 -25.12 -2.51 23.08
N ILE G 136 -25.81 -2.62 24.21
CA ILE G 136 -25.26 -3.34 25.35
C ILE G 136 -25.13 -4.82 25.05
N GLY G 137 -26.17 -5.42 24.47
CA GLY G 137 -26.08 -6.83 24.14
C GLY G 137 -25.06 -7.17 23.06
N ALA G 138 -24.77 -6.23 22.16
CA ALA G 138 -23.75 -6.50 21.14
C ALA G 138 -22.34 -6.24 21.65
N ILE G 139 -22.17 -5.16 22.41
CA ILE G 139 -20.84 -4.69 22.82
C ILE G 139 -20.33 -5.37 24.09
N SER G 140 -21.17 -5.60 25.10
CA SER G 140 -20.69 -6.05 26.40
C SER G 140 -19.76 -7.26 26.37
N PRO G 141 -20.03 -8.33 25.62
CA PRO G 141 -19.03 -9.40 25.57
C PRO G 141 -17.70 -8.91 25.01
N PHE G 142 -17.71 -7.92 24.11
CA PHE G 142 -16.46 -7.40 23.55
C PHE G 142 -15.75 -6.44 24.50
N VAL G 143 -16.49 -5.63 25.28
CA VAL G 143 -15.81 -4.81 26.26
C VAL G 143 -15.23 -5.68 27.36
N GLY G 144 -15.98 -6.70 27.80
CA GLY G 144 -15.40 -7.67 28.71
C GLY G 144 -14.16 -8.33 28.14
N LEU G 145 -14.26 -8.79 26.89
CA LEU G 145 -13.12 -9.41 26.22
C LEU G 145 -11.91 -8.49 26.26
N PHE G 146 -12.15 -7.18 26.12
CA PHE G 146 -11.07 -6.22 26.32
C PHE G 146 -10.54 -6.28 27.76
N GLY G 147 -11.44 -6.41 28.73
CA GLY G 147 -10.99 -6.52 30.12
C GLY G 147 -10.03 -7.66 30.35
N THR G 148 -10.42 -8.86 29.94
CA THR G 148 -9.55 -10.00 30.20
C THR G 148 -8.28 -9.94 29.36
N VAL G 149 -8.38 -9.55 28.09
CA VAL G 149 -7.16 -9.51 27.27
C VAL G 149 -6.17 -8.51 27.83
N TRP G 150 -6.65 -7.37 28.31
CA TRP G 150 -5.74 -6.46 29.01
C TRP G 150 -5.17 -7.11 30.26
N GLY G 151 -6.00 -7.87 30.99
CA GLY G 151 -5.51 -8.53 32.18
C GLY G 151 -4.39 -9.52 31.93
N ILE G 152 -4.65 -10.52 31.08
CA ILE G 152 -3.62 -11.51 30.78
C ILE G 152 -2.44 -10.86 30.09
N MET G 153 -2.64 -9.76 29.38
CA MET G 153 -1.49 -9.05 28.84
C MET G 153 -0.61 -8.51 29.95
N ASN G 154 -1.21 -7.91 30.98
CA ASN G 154 -0.40 -7.49 32.12
C ASN G 154 0.22 -8.70 32.82
N SER G 155 -0.44 -9.86 32.77
CA SER G 155 0.14 -11.06 33.35
C SER G 155 1.39 -11.49 32.61
N PHE G 156 1.31 -11.61 31.28
CA PHE G 156 2.47 -12.03 30.50
C PHE G 156 3.57 -10.98 30.49
N ILE G 157 3.22 -9.71 30.56
CA ILE G 157 4.23 -8.68 30.82
C ILE G 157 4.86 -8.93 32.18
N GLY G 158 4.06 -9.35 33.15
CA GLY G 158 4.59 -9.66 34.46
C GLY G 158 5.54 -10.85 34.48
N ILE G 159 5.19 -11.93 33.78
CA ILE G 159 6.05 -13.10 33.80
C ILE G 159 7.31 -12.90 32.99
N ALA G 160 7.39 -11.91 32.12
CA ALA G 160 8.72 -11.38 31.81
C ALA G 160 8.70 -9.92 32.24
N GLN G 161 8.97 -9.72 33.51
CA GLN G 161 9.54 -8.55 34.13
C GLN G 161 10.08 -9.40 35.23
N THR G 162 11.30 -9.20 35.68
CA THR G 162 12.23 -10.28 35.39
C THR G 162 11.68 -11.70 35.61
N GLN G 163 11.46 -12.35 34.46
CA GLN G 163 11.62 -13.78 34.17
C GLN G 163 11.20 -14.74 35.27
N THR G 164 9.91 -14.87 35.55
CA THR G 164 9.43 -15.92 36.43
C THR G 164 8.85 -17.07 35.59
N THR G 165 8.29 -18.05 36.29
CA THR G 165 7.58 -19.19 35.69
C THR G 165 6.60 -19.72 36.73
N ASN G 166 6.09 -20.93 36.50
CA ASN G 166 5.17 -21.57 37.43
C ASN G 166 3.91 -20.74 37.61
N LEU G 167 2.99 -20.85 36.66
CA LEU G 167 1.85 -19.93 36.56
C LEU G 167 1.09 -19.76 37.87
N ALA G 168 1.29 -20.63 38.86
CA ALA G 168 0.65 -20.42 40.14
C ALA G 168 1.01 -19.09 40.78
N VAL G 169 2.04 -18.41 40.29
CA VAL G 169 2.26 -17.01 40.69
C VAL G 169 1.41 -16.06 39.84
N VAL G 170 1.29 -16.36 38.55
CA VAL G 170 0.47 -15.56 37.66
C VAL G 170 -1.01 -15.94 37.67
N ALA G 171 -1.35 -17.20 38.02
CA ALA G 171 -2.73 -17.67 37.91
C ALA G 171 -3.78 -16.79 38.59
N PRO G 172 -3.50 -16.11 39.70
CA PRO G 172 -4.46 -15.11 40.17
C PRO G 172 -4.77 -14.05 39.13
N GLY G 173 -3.74 -13.56 38.42
CA GLY G 173 -3.96 -12.55 37.40
C GLY G 173 -4.85 -13.03 36.28
N ILE G 174 -4.62 -14.25 35.80
CA ILE G 174 -5.46 -14.79 34.73
C ILE G 174 -6.88 -15.01 35.21
N ALA G 175 -7.05 -15.47 36.45
CA ALA G 175 -8.40 -15.59 36.99
C ALA G 175 -9.11 -14.25 37.01
N GLU G 176 -8.52 -13.28 37.71
CA GLU G 176 -9.10 -11.94 37.78
C GLU G 176 -9.35 -11.37 36.38
N ALA G 177 -8.59 -11.81 35.38
CA ALA G 177 -8.86 -11.38 34.02
C ALA G 177 -10.12 -12.03 33.47
N LEU G 178 -10.25 -13.35 33.58
CA LEU G 178 -11.43 -14.01 33.03
C LEU G 178 -12.73 -13.55 33.69
N LEU G 179 -12.63 -13.04 34.92
CA LEU G 179 -13.84 -12.51 35.56
C LEU G 179 -14.51 -11.46 34.69
N ALA G 180 -13.71 -10.63 34.01
CA ALA G 180 -14.26 -9.54 33.20
C ALA G 180 -15.12 -10.06 32.06
N THR G 181 -14.67 -11.09 31.34
CA THR G 181 -15.54 -11.65 30.30
C THR G 181 -16.80 -12.21 30.94
N ALA G 182 -16.67 -12.87 32.09
CA ALA G 182 -17.87 -13.39 32.76
C ALA G 182 -18.88 -12.27 33.01
N ILE G 183 -18.44 -11.15 33.58
CA ILE G 183 -19.34 -10.05 33.86
C ILE G 183 -19.91 -9.51 32.55
N GLY G 184 -19.09 -9.46 31.51
CA GLY G 184 -19.58 -9.03 30.23
C GLY G 184 -20.76 -9.85 29.75
N LEU G 185 -20.66 -11.17 29.87
CA LEU G 185 -21.76 -12.02 29.43
C LEU G 185 -22.97 -11.90 30.36
N VAL G 186 -22.75 -11.72 31.66
CA VAL G 186 -23.90 -11.59 32.57
C VAL G 186 -24.65 -10.29 32.31
N ALA G 187 -23.96 -9.23 31.90
CA ALA G 187 -24.68 -8.03 31.51
C ALA G 187 -25.25 -8.17 30.11
N ALA G 188 -24.57 -8.90 29.24
CA ALA G 188 -24.94 -8.93 27.83
C ALA G 188 -26.18 -9.77 27.55
N ILE G 189 -26.26 -10.97 28.11
CA ILE G 189 -27.34 -11.88 27.73
C ILE G 189 -28.72 -11.32 28.02
N PRO G 190 -29.03 -10.84 29.23
CA PRO G 190 -30.37 -10.28 29.46
C PRO G 190 -30.69 -9.13 28.52
N ALA G 191 -29.70 -8.31 28.17
CA ALA G 191 -29.94 -7.25 27.19
C ALA G 191 -30.46 -7.83 25.88
N VAL G 192 -29.90 -8.96 25.44
CA VAL G 192 -30.31 -9.53 24.17
C VAL G 192 -31.73 -10.08 24.25
N VAL G 193 -32.05 -10.80 25.33
CA VAL G 193 -33.41 -11.33 25.44
C VAL G 193 -34.43 -10.20 25.53
N ILE G 194 -34.17 -9.22 26.40
CA ILE G 194 -35.10 -8.10 26.55
C ILE G 194 -35.29 -7.41 25.21
N TYR G 195 -34.20 -7.15 24.50
CA TYR G 195 -34.32 -6.49 23.20
C TYR G 195 -35.17 -7.30 22.24
N ASN G 196 -35.02 -8.63 22.22
CA ASN G 196 -35.81 -9.37 21.23
C ASN G 196 -37.29 -9.35 21.56
N VAL G 197 -37.66 -9.48 22.84
CA VAL G 197 -39.09 -9.40 23.10
C VAL G 197 -39.61 -7.99 22.83
N PHE G 198 -38.79 -6.96 23.07
CA PHE G 198 -39.25 -5.61 22.78
C PHE G 198 -39.41 -5.38 21.29
N ALA G 199 -38.54 -5.96 20.47
CA ALA G 199 -38.72 -5.82 19.04
C ALA G 199 -40.03 -6.47 18.58
N ARG G 200 -40.27 -7.71 18.98
CA ARG G 200 -41.47 -8.39 18.50
C ARG G 200 -42.74 -7.69 19.00
N GLN G 201 -42.79 -7.36 20.30
CA GLN G 201 -44.00 -6.74 20.84
C GLN G 201 -44.21 -5.33 20.30
N ILE G 202 -43.17 -4.51 20.20
CA ILE G 202 -43.34 -3.19 19.61
C ILE G 202 -43.85 -3.31 18.19
N GLY G 203 -43.34 -4.29 17.45
CA GLY G 203 -43.87 -4.55 16.13
C GLY G 203 -45.36 -4.80 16.15
N GLY G 204 -45.80 -5.69 17.03
CA GLY G 204 -47.23 -5.96 17.13
C GLY G 204 -48.04 -4.74 17.49
N PHE G 205 -47.48 -3.86 18.33
CA PHE G 205 -48.19 -2.64 18.70
C PHE G 205 -48.37 -1.72 17.50
N LYS G 206 -47.28 -1.41 16.80
CA LYS G 206 -47.43 -0.62 15.58
C LYS G 206 -48.43 -1.26 14.63
N ALA G 207 -48.49 -2.59 14.57
CA ALA G 207 -49.46 -3.23 13.68
C ALA G 207 -50.89 -2.95 14.12
N MET G 208 -51.16 -3.10 15.42
CA MET G 208 -52.51 -2.85 15.91
C MET G 208 -52.93 -1.40 15.70
N LEU G 209 -52.06 -0.45 16.09
CA LEU G 209 -52.35 0.96 15.83
C LEU G 209 -52.62 1.18 14.35
N GLY G 210 -51.82 0.57 13.48
CA GLY G 210 -52.11 0.62 12.06
C GLY G 210 -53.49 0.09 11.73
N ASP G 211 -53.97 -0.90 12.46
CA ASP G 211 -55.30 -1.44 12.22
C ASP G 211 -56.38 -0.42 12.58
N VAL G 212 -56.22 0.27 13.71
CA VAL G 212 -57.20 1.29 14.07
C VAL G 212 -57.20 2.42 13.05
N ALA G 213 -56.02 2.95 12.73
CA ALA G 213 -55.94 3.98 11.70
C ALA G 213 -56.57 3.52 10.40
N ALA G 214 -56.35 2.28 10.01
CA ALA G 214 -56.99 1.77 8.79
C ALA G 214 -58.50 1.81 8.90
N GLN G 215 -59.05 1.53 10.09
CA GLN G 215 -60.50 1.66 10.21
C GLN G 215 -60.93 3.12 10.01
N VAL G 216 -60.20 4.07 10.59
CA VAL G 216 -60.57 5.48 10.41
C VAL G 216 -60.61 5.82 8.92
N LEU G 217 -59.55 5.47 8.20
CA LEU G 217 -59.48 5.79 6.78
C LEU G 217 -60.62 5.12 6.01
N LEU G 218 -60.90 3.86 6.30
CA LEU G 218 -62.00 3.19 5.62
C LEU G 218 -63.32 3.90 5.85
N LEU G 219 -63.66 4.18 7.11
CA LEU G 219 -64.93 4.84 7.37
C LEU G 219 -65.01 6.16 6.62
N GLN G 220 -63.96 6.95 6.66
CA GLN G 220 -63.98 8.24 5.98
C GLN G 220 -64.19 8.08 4.48
N SER G 221 -63.43 7.20 3.84
CA SER G 221 -63.58 6.98 2.40
C SER G 221 -65.00 6.56 2.05
N ARG G 222 -65.52 5.59 2.80
CA ARG G 222 -66.88 5.10 2.58
C ARG G 222 -67.90 6.21 2.76
N ASP G 223 -67.68 7.08 3.75
CA ASP G 223 -68.63 8.15 4.01
C ASP G 223 -68.64 9.16 2.87
N LEU G 224 -67.47 9.60 2.43
CA LEU G 224 -67.42 10.57 1.33
C LEU G 224 -68.03 9.99 0.07
N ASP G 225 -67.79 8.71 -0.19
CA ASP G 225 -68.38 8.10 -1.37
C ASP G 225 -69.88 8.06 -1.29
N LEU G 226 -70.41 7.65 -0.13
CA LEU G 226 -71.87 7.56 0.00
C LEU G 226 -72.52 8.94 0.01
N GLU G 227 -71.82 9.95 0.52
CA GLU G 227 -72.35 11.31 0.50
C GLU G 227 -72.45 11.84 -0.92
N ALA G 228 -71.35 11.77 -1.69
CA ALA G 228 -71.42 12.28 -3.07
C ALA G 228 -72.39 11.47 -3.92
N SER G 229 -72.41 10.15 -3.73
CA SER G 229 -73.32 9.34 -4.54
C SER G 229 -74.76 9.56 -4.12
N ALA G 230 -75.00 9.86 -2.85
CA ALA G 230 -76.36 10.09 -2.37
C ALA G 230 -76.89 11.47 -2.77
N ALA G 231 -76.01 12.47 -2.87
CA ALA G 231 -76.42 13.79 -3.31
C ALA G 231 -76.20 14.01 -4.80
N ALA G 232 -75.84 12.97 -5.55
CA ALA G 232 -75.83 13.09 -7.00
C ALA G 232 -77.20 12.79 -7.59
N HIS G 233 -77.92 11.81 -7.01
CA HIS G 233 -79.24 11.42 -7.49
C HIS G 233 -80.24 11.57 -6.35
N PRO G 234 -80.85 12.76 -6.19
CA PRO G 234 -81.81 13.02 -5.12
C PRO G 234 -83.11 12.24 -5.28
N SER H 11 1.94 2.06 32.50
CA SER H 11 3.15 1.98 31.71
C SER H 11 2.84 1.73 30.24
N VAL H 12 2.06 2.62 29.63
CA VAL H 12 1.71 2.46 28.23
C VAL H 12 2.83 2.99 27.31
N TRP H 13 3.52 4.07 27.69
CA TRP H 13 4.63 4.59 26.92
C TRP H 13 5.71 3.53 26.74
N GLY H 14 6.34 3.15 27.85
CA GLY H 14 7.39 2.14 27.79
C GLY H 14 6.95 0.92 27.01
N MET H 15 5.80 0.36 27.37
CA MET H 15 5.23 -0.76 26.62
C MET H 15 5.15 -0.47 25.13
N TYR H 16 4.88 0.78 24.76
CA TYR H 16 4.81 1.14 23.36
C TYR H 16 6.19 1.03 22.71
N GLN H 17 7.19 1.72 23.25
CA GLN H 17 8.50 1.59 22.64
C GLN H 17 9.21 0.31 23.05
N HIS H 18 8.67 -0.43 24.03
CA HIS H 18 9.27 -1.71 24.39
C HIS H 18 8.96 -2.81 23.39
N ALA H 19 8.07 -2.57 22.44
CA ALA H 19 7.57 -3.62 21.58
C ALA H 19 8.40 -3.72 20.31
N ASP H 20 7.92 -4.51 19.35
CA ASP H 20 8.59 -4.72 18.08
C ASP H 20 8.44 -3.47 17.23
N ILE H 21 8.88 -3.54 15.98
CA ILE H 21 8.64 -2.44 15.05
C ILE H 21 7.25 -2.53 14.46
N VAL H 22 6.79 -3.74 14.12
CA VAL H 22 5.48 -3.89 13.49
C VAL H 22 4.38 -3.48 14.44
N VAL H 23 4.43 -3.96 15.68
CA VAL H 23 3.40 -3.63 16.66
C VAL H 23 3.40 -2.14 16.98
N LYS H 24 4.52 -1.46 16.78
CA LYS H 24 4.49 0.00 16.82
C LYS H 24 3.63 0.56 15.71
N CYS H 25 3.74 -0.01 14.50
CA CYS H 25 2.90 0.43 13.39
C CYS H 25 1.43 0.18 13.70
N VAL H 26 1.11 -0.97 14.27
CA VAL H 26 -0.28 -1.25 14.63
C VAL H 26 -0.78 -0.27 15.67
N MET H 27 0.05 0.05 16.66
CA MET H 27 -0.38 0.98 17.69
C MET H 27 -0.65 2.36 17.10
N ILE H 28 0.26 2.84 16.26
CA ILE H 28 0.07 4.18 15.69
C ILE H 28 -1.14 4.21 14.75
N GLY H 29 -1.31 3.19 13.91
CA GLY H 29 -2.46 3.18 13.02
C GLY H 29 -3.78 3.16 13.76
N LEU H 30 -3.93 2.23 14.69
CA LEU H 30 -5.19 2.14 15.43
C LEU H 30 -5.41 3.36 16.30
N ILE H 31 -4.35 3.90 16.89
CA ILE H 31 -4.50 5.09 17.73
C ILE H 31 -5.00 6.25 16.90
N LEU H 32 -4.45 6.42 15.70
CA LEU H 32 -4.98 7.46 14.81
C LEU H 32 -6.45 7.21 14.48
N ALA H 33 -6.78 5.99 14.05
CA ALA H 33 -8.17 5.68 13.71
C ALA H 33 -9.13 5.98 14.86
N SER H 34 -8.74 5.70 16.08
CA SER H 34 -9.61 6.06 17.18
C SER H 34 -9.70 7.57 17.34
N VAL H 35 -8.59 8.29 17.18
CA VAL H 35 -8.62 9.75 17.32
C VAL H 35 -9.57 10.38 16.31
N VAL H 36 -9.46 10.00 15.03
CA VAL H 36 -10.41 10.54 14.04
C VAL H 36 -11.83 10.12 14.39
N THR H 37 -12.02 8.89 14.84
CA THR H 37 -13.36 8.45 15.23
C THR H 37 -13.97 9.40 16.24
N TRP H 38 -13.21 9.79 17.25
CA TRP H 38 -13.76 10.68 18.26
C TRP H 38 -13.93 12.11 17.74
N ALA H 39 -13.02 12.58 16.87
CA ALA H 39 -13.17 13.92 16.30
C ALA H 39 -14.46 14.02 15.49
N ILE H 40 -14.66 13.10 14.54
CA ILE H 40 -15.91 13.05 13.81
C ILE H 40 -17.07 13.05 14.79
N PHE H 41 -16.98 12.23 15.83
CA PHE H 41 -18.05 12.13 16.81
C PHE H 41 -18.40 13.50 17.38
N PHE H 42 -17.40 14.25 17.84
CA PHE H 42 -17.69 15.50 18.56
C PHE H 42 -18.22 16.58 17.63
N SER H 43 -17.55 16.82 16.51
CA SER H 43 -18.02 17.90 15.65
C SER H 43 -19.40 17.59 15.06
N LYS H 44 -19.59 16.37 14.56
CA LYS H 44 -20.90 16.10 13.99
C LYS H 44 -21.96 15.91 15.06
N SER H 45 -21.58 15.61 16.29
CA SER H 45 -22.55 15.56 17.37
C SER H 45 -23.10 16.96 17.67
N VAL H 46 -22.21 17.94 17.84
CA VAL H 46 -22.71 19.29 18.10
C VAL H 46 -23.57 19.74 16.91
N GLU H 47 -23.15 19.42 15.68
CA GLU H 47 -23.98 19.76 14.53
C GLU H 47 -25.40 19.19 14.69
N PHE H 48 -25.51 17.87 14.79
CA PHE H 48 -26.84 17.25 14.80
C PHE H 48 -27.70 17.79 15.93
N PHE H 49 -27.09 18.04 17.09
CA PHE H 49 -27.84 18.64 18.19
C PHE H 49 -28.41 20.00 17.80
N ASN H 50 -27.58 20.84 17.17
CA ASN H 50 -28.03 22.15 16.72
C ASN H 50 -29.22 22.04 15.76
N GLN H 51 -29.03 21.32 14.65
CA GLN H 51 -30.07 21.27 13.64
C GLN H 51 -31.36 20.68 14.17
N LYS H 52 -31.27 19.68 15.04
CA LYS H 52 -32.53 19.14 15.56
C LYS H 52 -33.23 20.20 16.40
N ARG H 53 -32.48 20.89 17.27
CA ARG H 53 -33.09 21.94 18.10
C ARG H 53 -33.81 22.96 17.23
N ARG H 54 -33.06 23.65 16.38
CA ARG H 54 -33.62 24.74 15.60
C ARG H 54 -34.76 24.26 14.72
N LEU H 55 -34.60 23.11 14.05
CA LEU H 55 -35.67 22.60 13.20
C LEU H 55 -36.94 22.34 13.99
N LYS H 56 -36.80 21.80 15.19
CA LYS H 56 -37.97 21.55 16.03
C LYS H 56 -38.67 22.86 16.37
N ARG H 57 -37.89 23.92 16.66
CA ARG H 57 -38.47 25.24 16.86
C ARG H 57 -39.28 25.70 15.64
N GLU H 58 -38.68 25.59 14.45
CA GLU H 58 -39.37 26.03 13.25
C GLU H 58 -40.64 25.22 13.01
N GLN H 59 -40.61 23.92 13.29
CA GLN H 59 -41.79 23.10 13.12
C GLN H 59 -42.90 23.57 14.05
N GLN H 60 -42.56 23.89 15.29
CA GLN H 60 -43.58 24.43 16.19
C GLN H 60 -44.16 25.73 15.66
N LEU H 61 -43.33 26.60 15.08
CA LEU H 61 -43.90 27.85 14.57
C LEU H 61 -44.81 27.59 13.38
N LEU H 62 -44.38 26.76 12.44
CA LEU H 62 -45.20 26.47 11.27
C LEU H 62 -46.42 25.63 11.59
N ALA H 63 -46.51 25.05 12.79
CA ALA H 63 -47.64 24.17 13.08
C ALA H 63 -48.99 24.87 13.15
N GLU H 64 -49.03 26.18 13.37
CA GLU H 64 -50.31 26.87 13.50
C GLU H 64 -50.82 27.45 12.18
N ALA H 65 -50.08 27.30 11.09
CA ALA H 65 -50.41 27.92 9.82
C ALA H 65 -51.52 27.12 9.13
N ARG H 66 -52.71 27.70 9.02
CA ARG H 66 -53.78 27.06 8.24
C ARG H 66 -53.69 27.29 6.74
N SER H 67 -52.72 28.08 6.26
CA SER H 67 -52.61 28.34 4.83
C SER H 67 -51.15 28.54 4.45
N LEU H 68 -50.79 28.07 3.25
CA LEU H 68 -49.41 28.19 2.77
C LEU H 68 -48.83 29.59 2.94
N ASN H 69 -49.65 30.62 2.72
CA ASN H 69 -49.18 31.98 2.92
C ASN H 69 -48.83 32.23 4.39
N GLN H 70 -49.64 31.69 5.31
CA GLN H 70 -49.30 31.80 6.72
C GLN H 70 -47.96 31.16 7.00
N ALA H 71 -47.63 30.08 6.29
CA ALA H 71 -46.34 29.46 6.50
C ALA H 71 -45.23 30.38 6.01
N ASN H 72 -45.37 30.92 4.80
CA ASN H 72 -44.35 31.84 4.30
C ASN H 72 -44.18 33.05 5.19
N ASP H 73 -45.24 33.50 5.85
CA ASP H 73 -45.13 34.66 6.73
C ASP H 73 -44.51 34.31 8.07
N ILE H 74 -44.90 33.16 8.64
CA ILE H 74 -44.29 32.71 9.89
C ILE H 74 -42.83 32.42 9.65
N ALA H 75 -42.49 31.97 8.46
CA ALA H 75 -41.16 31.57 8.06
C ALA H 75 -40.37 32.73 7.45
N ALA H 76 -40.85 33.96 7.59
CA ALA H 76 -40.23 35.09 6.91
C ALA H 76 -38.73 35.17 7.16
N ASP H 77 -38.33 35.53 8.37
CA ASP H 77 -36.93 35.74 8.69
C ASP H 77 -36.28 34.54 9.40
N PHE H 78 -36.88 33.33 9.33
CA PHE H 78 -36.32 32.14 9.98
C PHE H 78 -34.80 32.16 9.88
N GLY H 79 -34.30 32.11 8.67
CA GLY H 79 -32.88 32.23 8.48
C GLY H 79 -32.63 31.93 7.03
N SER H 80 -31.52 32.42 6.47
CA SER H 80 -31.33 32.15 5.06
C SER H 80 -30.94 30.70 4.86
N LYS H 81 -30.45 30.07 5.91
CA LYS H 81 -29.99 28.70 5.87
C LYS H 81 -31.02 27.71 6.41
N SER H 82 -32.20 28.18 6.81
CA SER H 82 -33.19 27.30 7.39
C SER H 82 -33.69 26.28 6.38
N LEU H 83 -34.08 25.11 6.90
CA LEU H 83 -34.61 24.04 6.06
C LEU H 83 -36.08 24.26 5.71
N SER H 84 -36.88 24.73 6.67
CA SER H 84 -38.28 24.97 6.38
C SER H 84 -38.45 26.07 5.34
N LEU H 85 -37.60 27.10 5.39
CA LEU H 85 -37.60 28.12 4.36
C LEU H 85 -37.27 27.55 2.99
N HIS H 86 -36.42 26.53 2.94
CA HIS H 86 -36.08 25.92 1.67
C HIS H 86 -37.23 25.09 1.12
N LEU H 87 -37.94 24.36 1.99
CA LEU H 87 -39.10 23.61 1.49
C LEU H 87 -40.21 24.54 1.03
N LEU H 88 -40.58 25.52 1.87
CA LEU H 88 -41.59 26.49 1.47
C LEU H 88 -41.19 27.21 0.19
N ASN H 89 -39.91 27.58 0.07
CA ASN H 89 -39.43 28.24 -1.14
C ASN H 89 -39.53 27.33 -2.34
N GLU H 90 -39.35 26.03 -2.15
CA GLU H 90 -39.50 25.10 -3.26
C GLU H 90 -40.95 25.00 -3.70
N ALA H 91 -41.88 24.93 -2.76
CA ALA H 91 -43.28 24.92 -3.13
C ALA H 91 -43.64 26.18 -3.90
N GLN H 92 -43.23 27.34 -3.39
CA GLN H 92 -43.52 28.59 -4.09
C GLN H 92 -42.97 28.55 -5.51
N ASN H 93 -41.76 28.01 -5.67
CA ASN H 93 -41.15 27.95 -7.00
C ASN H 93 -41.92 27.03 -7.94
N GLU H 94 -42.47 25.92 -7.44
CA GLU H 94 -43.27 25.07 -8.32
C GLU H 94 -44.63 25.69 -8.63
N LEU H 95 -45.17 26.49 -7.71
CA LEU H 95 -46.40 27.20 -8.04
C LEU H 95 -46.15 28.23 -9.12
N GLU H 96 -44.99 28.89 -9.08
CA GLU H 96 -44.70 29.92 -10.06
C GLU H 96 -44.39 29.32 -11.43
N LEU H 97 -43.68 28.20 -11.47
CA LEU H 97 -43.40 27.61 -12.78
C LEU H 97 -44.67 27.08 -13.43
N SER H 98 -45.69 26.76 -12.64
CA SER H 98 -46.93 26.21 -13.15
C SER H 98 -48.00 27.25 -13.39
N GLU H 99 -47.68 28.55 -13.26
CA GLU H 99 -48.68 29.60 -13.37
C GLU H 99 -49.50 29.48 -14.62
N GLY H 100 -50.81 29.50 -14.47
CA GLY H 100 -51.71 29.39 -15.59
C GLY H 100 -52.18 27.99 -15.90
N SER H 101 -51.72 26.99 -15.16
CA SER H 101 -52.11 25.62 -15.44
C SER H 101 -53.50 25.33 -14.91
N ASP H 102 -54.31 24.67 -15.72
CA ASP H 102 -55.63 24.27 -15.26
C ASP H 102 -55.62 22.97 -14.48
N ASP H 103 -54.55 22.19 -14.54
CA ASP H 103 -54.52 20.90 -13.87
C ASP H 103 -53.83 21.09 -12.52
N ASN H 104 -54.65 21.08 -11.46
CA ASN H 104 -54.11 21.11 -10.11
C ASN H 104 -53.61 19.73 -9.71
N GLU H 105 -54.35 18.68 -10.06
CA GLU H 105 -53.86 17.33 -9.81
C GLU H 105 -52.43 17.21 -10.30
N GLY H 106 -52.10 17.88 -11.40
CA GLY H 106 -50.74 17.91 -11.84
C GLY H 106 -49.82 18.60 -10.87
N ILE H 107 -50.06 19.88 -10.57
CA ILE H 107 -49.16 20.64 -9.69
C ILE H 107 -48.79 19.87 -8.44
N GLU H 109 -48.78 16.66 -7.76
CA GLU H 109 -47.81 15.64 -8.10
C GLU H 109 -46.41 16.24 -8.19
N ARG H 110 -46.19 17.19 -9.10
CA ARG H 110 -44.83 17.71 -9.28
C ARG H 110 -44.27 18.24 -7.99
N THR H 111 -45.13 18.79 -7.13
CA THR H 111 -44.63 19.32 -5.87
C THR H 111 -44.07 18.21 -5.00
N SER H 112 -44.84 17.13 -4.81
CA SER H 112 -44.37 16.02 -3.97
C SER H 112 -43.01 15.54 -4.42
N PHE H 113 -42.92 15.20 -5.71
CA PHE H 113 -41.67 14.73 -6.30
C PHE H 113 -40.50 15.61 -5.93
N ARG H 114 -40.66 16.93 -5.98
CA ARG H 114 -39.52 17.76 -5.60
C ARG H 114 -39.28 17.70 -4.09
N LEU H 115 -40.31 17.99 -3.29
CA LEU H 115 -40.11 18.18 -1.86
C LEU H 115 -39.43 16.99 -1.22
N GLU H 116 -40.07 15.84 -1.22
CA GLU H 116 -39.49 14.70 -0.55
C GLU H 116 -38.11 14.38 -1.12
N ARG H 117 -37.92 14.57 -2.43
CA ARG H 117 -36.66 14.14 -3.00
C ARG H 117 -35.54 15.09 -2.61
N ARG H 118 -35.85 16.29 -2.13
CA ARG H 118 -34.84 17.11 -1.46
C ARG H 118 -34.48 16.52 -0.11
N VAL H 119 -35.50 16.13 0.66
CA VAL H 119 -35.28 15.54 1.98
C VAL H 119 -34.27 14.40 1.89
N ALA H 120 -34.51 13.47 0.98
CA ALA H 120 -33.58 12.36 0.80
C ALA H 120 -32.17 12.88 0.61
N ALA H 121 -32.01 13.88 -0.26
CA ALA H 121 -30.69 14.44 -0.50
C ALA H 121 -30.09 14.98 0.78
N VAL H 122 -30.88 15.69 1.58
CA VAL H 122 -30.37 16.19 2.85
C VAL H 122 -29.88 15.05 3.71
N GLY H 123 -30.62 13.95 3.74
CA GLY H 123 -30.15 12.77 4.44
C GLY H 123 -28.76 12.36 3.97
N ARG H 124 -28.58 12.26 2.66
CA ARG H 124 -27.30 11.85 2.11
C ARG H 124 -26.21 12.85 2.40
N GLN H 125 -26.57 14.12 2.64
CA GLN H 125 -25.52 15.06 2.98
C GLN H 125 -25.11 14.93 4.44
N MET H 126 -26.01 14.46 5.31
CA MET H 126 -25.62 14.23 6.70
C MET H 126 -24.90 12.89 6.85
N GLY H 127 -25.39 11.87 6.16
CA GLY H 127 -24.85 10.52 6.24
C GLY H 127 -23.67 10.19 5.38
N ARG H 128 -23.08 11.15 4.67
CA ARG H 128 -21.89 10.88 3.88
C ARG H 128 -20.71 11.58 4.55
N GLY H 129 -19.62 10.83 4.68
CA GLY H 129 -18.70 10.98 5.78
C GLY H 129 -18.85 9.89 6.82
N ASN H 130 -20.02 9.23 6.85
CA ASN H 130 -20.20 8.03 7.65
C ASN H 130 -19.30 6.90 7.16
N GLY H 131 -18.88 6.95 5.90
CA GLY H 131 -17.96 5.96 5.38
C GLY H 131 -16.71 5.81 6.21
N TYR H 132 -16.20 6.92 6.76
CA TYR H 132 -15.00 6.82 7.57
C TYR H 132 -15.24 5.97 8.81
N LEU H 133 -16.26 6.28 9.59
CA LEU H 133 -16.56 5.48 10.77
C LEU H 133 -16.86 4.03 10.40
N ALA H 134 -17.66 3.83 9.36
CA ALA H 134 -18.02 2.47 8.96
C ALA H 134 -16.79 1.67 8.57
N THR H 135 -15.89 2.29 7.81
CA THR H 135 -14.70 1.60 7.33
C THR H 135 -13.70 1.36 8.47
N ILE H 136 -13.59 2.31 9.41
CA ILE H 136 -12.69 2.10 10.55
C ILE H 136 -13.17 0.93 11.38
N GLY H 137 -14.46 0.88 11.65
CA GLY H 137 -15.02 -0.27 12.33
C GLY H 137 -14.93 -1.56 11.53
N ALA H 138 -14.79 -1.46 10.21
CA ALA H 138 -14.66 -2.66 9.39
C ALA H 138 -13.25 -3.21 9.43
N ILE H 139 -12.24 -2.35 9.27
CA ILE H 139 -10.86 -2.84 9.18
C ILE H 139 -10.10 -2.81 10.50
N SER H 140 -10.65 -2.23 11.55
CA SER H 140 -9.92 -2.22 12.82
C SER H 140 -9.70 -3.62 13.38
N PRO H 141 -10.71 -4.51 13.45
CA PRO H 141 -10.41 -5.87 13.90
C PRO H 141 -9.43 -6.61 13.01
N PHE H 142 -9.37 -6.30 11.71
CA PHE H 142 -8.42 -7.02 10.87
C PHE H 142 -6.99 -6.56 11.14
N VAL H 143 -6.81 -5.26 11.35
CA VAL H 143 -5.49 -4.74 11.66
C VAL H 143 -5.04 -5.22 13.03
N GLY H 144 -5.94 -5.18 14.01
CA GLY H 144 -5.61 -5.72 15.32
C GLY H 144 -5.22 -7.18 15.26
N LEU H 145 -6.05 -8.00 14.61
CA LEU H 145 -5.74 -9.42 14.47
C LEU H 145 -4.40 -9.63 13.81
N PHE H 146 -4.06 -8.82 12.81
CA PHE H 146 -2.74 -8.92 12.19
C PHE H 146 -1.65 -8.64 13.21
N GLY H 147 -1.86 -7.63 14.05
CA GLY H 147 -0.91 -7.37 15.12
C GLY H 147 -0.71 -8.58 16.01
N THR H 148 -1.79 -9.20 16.46
CA THR H 148 -1.65 -10.32 17.38
C THR H 148 -0.98 -11.50 16.72
N VAL H 149 -1.36 -11.82 15.48
CA VAL H 149 -0.70 -12.93 14.82
C VAL H 149 0.77 -12.62 14.69
N TRP H 150 1.12 -11.35 14.49
CA TRP H 150 2.53 -10.97 14.52
C TRP H 150 3.13 -11.28 15.89
N GLY H 151 2.38 -11.05 16.96
CA GLY H 151 2.86 -11.35 18.29
C GLY H 151 3.17 -12.81 18.48
N ILE H 152 2.21 -13.68 18.22
CA ILE H 152 2.46 -15.12 18.41
C ILE H 152 3.51 -15.62 17.43
N MET H 153 3.62 -15.02 16.25
CA MET H 153 4.71 -15.40 15.38
C MET H 153 6.06 -15.01 15.98
N ASN H 154 6.17 -13.80 16.54
CA ASN H 154 7.40 -13.43 17.24
C ASN H 154 7.66 -14.35 18.42
N SER H 155 6.60 -14.89 19.02
CA SER H 155 6.77 -15.87 20.08
C SER H 155 7.44 -17.13 19.56
N PHE H 156 6.93 -17.68 18.46
CA PHE H 156 7.50 -18.91 17.93
C PHE H 156 8.88 -18.70 17.30
N ILE H 157 9.15 -17.52 16.72
CA ILE H 157 10.53 -17.20 16.36
C ILE H 157 11.39 -17.18 17.61
N GLY H 158 10.83 -16.67 18.70
CA GLY H 158 11.56 -16.68 19.95
C GLY H 158 11.91 -18.08 20.39
N ILE H 159 10.97 -19.02 20.29
CA ILE H 159 11.23 -20.41 20.65
C ILE H 159 12.09 -21.10 19.60
N ALA H 160 12.18 -20.55 18.39
CA ALA H 160 13.02 -21.20 17.39
C ALA H 160 14.48 -20.79 17.53
N GLN H 161 14.75 -19.56 18.00
CA GLN H 161 16.13 -19.24 18.37
C GLN H 161 16.49 -19.74 19.76
N THR H 162 15.55 -19.64 20.71
CA THR H 162 15.88 -19.92 22.10
C THR H 162 15.88 -21.41 22.43
N GLN H 163 15.09 -22.21 21.71
CA GLN H 163 15.04 -23.66 21.91
C GLN H 163 14.67 -24.06 23.34
N THR H 164 13.88 -23.23 24.04
CA THR H 164 13.58 -23.47 25.45
C THR H 164 12.20 -24.11 25.65
N THR H 165 11.13 -23.41 25.28
CA THR H 165 9.72 -23.73 25.47
C THR H 165 9.19 -23.26 26.84
N ASN H 166 9.99 -22.59 27.66
CA ASN H 166 9.46 -22.03 28.89
C ASN H 166 8.51 -20.87 28.56
N LEU H 167 7.96 -20.24 29.60
CA LEU H 167 6.95 -19.20 29.40
C LEU H 167 7.53 -17.84 29.04
N ALA H 168 8.76 -17.54 29.45
CA ALA H 168 9.27 -16.17 29.37
C ALA H 168 9.94 -15.84 28.05
N VAL H 169 10.16 -16.81 27.17
CA VAL H 169 10.53 -16.47 25.81
C VAL H 169 9.28 -16.19 24.97
N VAL H 170 8.21 -16.94 25.21
CA VAL H 170 6.95 -16.66 24.54
C VAL H 170 6.37 -15.35 25.05
N ALA H 171 6.68 -15.00 26.30
CA ALA H 171 6.04 -13.87 26.97
C ALA H 171 6.13 -12.56 26.20
N PRO H 172 7.29 -12.15 25.64
CA PRO H 172 7.27 -10.93 24.82
C PRO H 172 6.33 -11.04 23.64
N GLY H 173 6.36 -12.16 22.92
CA GLY H 173 5.50 -12.30 21.77
C GLY H 173 4.02 -12.32 22.12
N ILE H 174 3.65 -13.09 23.16
CA ILE H 174 2.25 -13.14 23.56
C ILE H 174 1.80 -11.79 24.11
N ALA H 175 2.64 -11.11 24.89
CA ALA H 175 2.27 -9.78 25.34
C ALA H 175 2.04 -8.86 24.16
N GLU H 176 2.85 -9.00 23.11
CA GLU H 176 2.60 -8.22 21.90
C GLU H 176 1.25 -8.55 21.29
N ALA H 177 1.01 -9.84 21.04
CA ALA H 177 -0.27 -10.24 20.46
C ALA H 177 -1.43 -9.66 21.23
N LEU H 178 -1.42 -9.80 22.55
CA LEU H 178 -2.51 -9.27 23.35
C LEU H 178 -2.59 -7.76 23.27
N LEU H 179 -1.46 -7.07 23.15
CA LEU H 179 -1.50 -5.61 23.00
C LEU H 179 -2.21 -5.22 21.72
N ALA H 180 -1.83 -5.84 20.61
CA ALA H 180 -2.51 -5.60 19.34
C ALA H 180 -4.00 -5.87 19.48
N THR H 181 -4.39 -6.96 20.13
CA THR H 181 -5.81 -7.24 20.31
C THR H 181 -6.51 -6.16 21.15
N ALA H 182 -5.90 -5.75 22.27
CA ALA H 182 -6.52 -4.75 23.11
C ALA H 182 -6.77 -3.45 22.35
N ILE H 183 -5.74 -2.94 21.68
CA ILE H 183 -5.90 -1.69 20.92
C ILE H 183 -6.87 -1.89 19.76
N GLY H 184 -6.82 -3.05 19.11
CA GLY H 184 -7.77 -3.33 18.04
C GLY H 184 -9.20 -3.20 18.51
N LEU H 185 -9.50 -3.71 19.70
CA LEU H 185 -10.85 -3.56 20.22
C LEU H 185 -11.14 -2.11 20.60
N VAL H 186 -10.15 -1.40 21.14
CA VAL H 186 -10.43 -0.03 21.56
C VAL H 186 -10.72 0.87 20.39
N ALA H 187 -10.10 0.62 19.24
CA ALA H 187 -10.48 1.40 18.07
C ALA H 187 -11.74 0.86 17.41
N ALA H 188 -11.95 -0.46 17.45
CA ALA H 188 -13.03 -1.06 16.67
C ALA H 188 -14.39 -0.78 17.29
N ILE H 189 -14.54 -0.95 18.60
CA ILE H 189 -15.87 -0.84 19.19
C ILE H 189 -16.46 0.55 18.99
N PRO H 190 -15.80 1.64 19.43
CA PRO H 190 -16.43 2.96 19.28
C PRO H 190 -16.77 3.33 17.84
N ALA H 191 -15.96 2.93 16.87
CA ALA H 191 -16.30 3.18 15.48
C ALA H 191 -17.64 2.54 15.14
N VAL H 192 -17.86 1.30 15.56
CA VAL H 192 -19.08 0.62 15.16
C VAL H 192 -20.29 1.15 15.92
N VAL H 193 -20.18 1.35 17.24
CA VAL H 193 -21.34 1.89 17.96
C VAL H 193 -21.68 3.28 17.46
N ILE H 194 -20.67 4.14 17.34
CA ILE H 194 -20.93 5.48 16.85
C ILE H 194 -21.57 5.45 15.47
N TYR H 195 -21.11 4.55 14.60
CA TYR H 195 -21.73 4.45 13.28
C TYR H 195 -23.21 4.10 13.39
N ASN H 196 -23.56 3.15 14.25
CA ASN H 196 -24.96 2.77 14.34
C ASN H 196 -25.78 3.88 15.00
N VAL H 197 -25.22 4.57 15.99
CA VAL H 197 -25.93 5.68 16.61
C VAL H 197 -26.18 6.79 15.61
N PHE H 198 -25.23 7.02 14.70
CA PHE H 198 -25.44 8.04 13.68
C PHE H 198 -26.50 7.62 12.68
N ALA H 199 -26.58 6.33 12.36
CA ALA H 199 -27.69 5.89 11.51
C ALA H 199 -29.02 6.15 12.21
N ARG H 200 -29.13 5.82 13.49
CA ARG H 200 -30.38 6.02 14.22
C ARG H 200 -30.78 7.50 14.26
N GLN H 201 -29.86 8.37 14.65
CA GLN H 201 -30.21 9.79 14.74
C GLN H 201 -30.51 10.40 13.39
N ILE H 202 -29.70 10.08 12.37
CA ILE H 202 -29.97 10.60 11.02
C ILE H 202 -31.32 10.12 10.52
N GLY H 203 -31.69 8.89 10.84
CA GLY H 203 -33.02 8.42 10.53
C GLY H 203 -34.10 9.31 11.13
N GLY H 204 -33.97 9.62 12.42
CA GLY H 204 -34.93 10.50 13.06
C GLY H 204 -34.99 11.87 12.43
N PHE H 205 -33.86 12.38 11.97
CA PHE H 205 -33.81 13.70 11.33
C PHE H 205 -34.54 13.69 9.99
N LYS H 206 -34.23 12.73 9.13
CA LYS H 206 -34.98 12.57 7.89
C LYS H 206 -36.48 12.44 8.16
N ALA H 207 -36.84 11.78 9.27
CA ALA H 207 -38.26 11.64 9.58
C ALA H 207 -38.89 12.98 9.94
N MET H 208 -38.24 13.75 10.82
CA MET H 208 -38.79 15.05 11.20
C MET H 208 -38.90 15.98 10.00
N LEU H 209 -37.79 16.14 9.27
CA LEU H 209 -37.83 16.98 8.09
C LEU H 209 -38.92 16.54 7.14
N GLY H 210 -39.06 15.23 6.96
CA GLY H 210 -40.17 14.72 6.18
C GLY H 210 -41.51 15.16 6.73
N ASP H 211 -41.64 15.30 8.04
CA ASP H 211 -42.90 15.76 8.61
C ASP H 211 -43.18 17.20 8.23
N VAL H 212 -42.15 18.06 8.26
CA VAL H 212 -42.35 19.44 7.82
C VAL H 212 -42.76 19.47 6.36
N ALA H 213 -42.06 18.70 5.52
CA ALA H 213 -42.47 18.57 4.13
C ALA H 213 -43.92 18.14 4.03
N ALA H 214 -44.37 17.25 4.90
CA ALA H 214 -45.77 16.84 4.89
C ALA H 214 -46.69 18.01 5.19
N GLN H 215 -46.30 18.88 6.11
CA GLN H 215 -47.13 20.06 6.36
C GLN H 215 -47.23 20.91 5.09
N VAL H 216 -46.10 21.14 4.43
CA VAL H 216 -46.11 21.96 3.21
C VAL H 216 -47.01 21.33 2.14
N LEU H 217 -46.83 20.04 1.90
CA LEU H 217 -47.63 19.35 0.88
C LEU H 217 -49.12 19.42 1.20
N LEU H 218 -49.47 19.19 2.46
CA LEU H 218 -50.87 19.30 2.85
C LEU H 218 -51.43 20.69 2.58
N LEU H 219 -50.74 21.73 3.05
CA LEU H 219 -51.23 23.08 2.84
C LEU H 219 -51.44 23.35 1.36
N GLN H 220 -50.46 22.98 0.54
CA GLN H 220 -50.57 23.24 -0.88
C GLN H 220 -51.76 22.50 -1.50
N SER H 221 -51.90 21.20 -1.21
CA SER H 221 -53.01 20.42 -1.78
C SER H 221 -54.35 20.97 -1.34
N ARG H 222 -54.47 21.28 -0.05
CA ARG H 222 -55.72 21.85 0.47
C ARG H 222 -56.05 23.16 -0.23
N ASP H 223 -55.05 24.02 -0.39
CA ASP H 223 -55.31 25.33 -0.97
C ASP H 223 -55.68 25.23 -2.44
N LEU H 224 -54.94 24.45 -3.22
CA LEU H 224 -55.30 24.30 -4.62
C LEU H 224 -56.69 23.70 -4.76
N ASP H 225 -57.07 22.80 -3.85
CA ASP H 225 -58.42 22.25 -3.89
C ASP H 225 -59.47 23.31 -3.57
N LEU H 226 -59.20 24.17 -2.59
CA LEU H 226 -60.14 25.22 -2.24
C LEU H 226 -60.26 26.27 -3.35
N GLU H 227 -59.17 26.55 -4.06
CA GLU H 227 -59.25 27.47 -5.20
C GLU H 227 -60.04 26.84 -6.33
N ALA H 228 -59.74 25.59 -6.67
CA ALA H 228 -60.44 24.94 -7.77
C ALA H 228 -61.93 24.82 -7.48
N SER H 229 -62.31 24.53 -6.24
CA SER H 229 -63.72 24.46 -5.90
C SER H 229 -64.36 25.84 -5.79
N ALA H 230 -63.57 26.85 -5.40
CA ALA H 230 -64.11 28.19 -5.18
C ALA H 230 -64.46 28.91 -6.48
N ALA H 231 -63.82 28.56 -7.60
CA ALA H 231 -64.10 29.21 -8.87
C ALA H 231 -65.19 28.50 -9.68
N ALA H 232 -65.95 27.61 -9.06
CA ALA H 232 -67.12 27.04 -9.72
C ALA H 232 -68.39 27.70 -9.18
N ALA I 19 7.50 -23.98 2.96
CA ALA I 19 7.48 -25.43 2.83
C ALA I 19 6.08 -25.95 2.58
N ASP I 20 5.93 -27.25 2.75
CA ASP I 20 4.73 -28.03 2.45
C ASP I 20 4.31 -27.75 0.99
N ILE I 21 3.01 -27.74 0.72
CA ILE I 21 2.48 -27.47 -0.61
C ILE I 21 1.32 -26.50 -0.50
N VAL I 22 0.30 -26.91 0.26
CA VAL I 22 -0.96 -26.16 0.36
C VAL I 22 -0.70 -24.71 0.80
N VAL I 23 0.15 -24.52 1.80
CA VAL I 23 0.34 -23.18 2.37
C VAL I 23 0.86 -22.21 1.31
N LYS I 24 1.87 -22.61 0.55
CA LYS I 24 2.40 -21.73 -0.48
C LYS I 24 1.32 -21.40 -1.52
N CYS I 25 0.47 -22.38 -1.85
CA CYS I 25 -0.56 -22.14 -2.85
C CYS I 25 -1.62 -21.17 -2.32
N VAL I 26 -1.97 -21.29 -1.05
CA VAL I 26 -2.90 -20.33 -0.45
C VAL I 26 -2.31 -18.92 -0.48
N MET I 27 -1.01 -18.81 -0.17
CA MET I 27 -0.39 -17.48 -0.17
C MET I 27 -0.37 -16.89 -1.57
N ILE I 28 0.03 -17.67 -2.57
CA ILE I 28 0.06 -17.13 -3.93
C ILE I 28 -1.34 -16.77 -4.38
N GLY I 29 -2.33 -17.57 -4.00
CA GLY I 29 -3.71 -17.22 -4.30
C GLY I 29 -4.07 -15.86 -3.73
N LEU I 30 -3.69 -15.60 -2.48
CA LEU I 30 -4.00 -14.32 -1.87
C LEU I 30 -3.31 -13.17 -2.60
N ILE I 31 -2.06 -13.35 -3.04
CA ILE I 31 -1.41 -12.28 -3.77
C ILE I 31 -2.08 -12.05 -5.12
N LEU I 32 -2.50 -13.11 -5.81
CA LEU I 32 -3.27 -12.91 -7.02
C LEU I 32 -4.53 -12.10 -6.74
N ALA I 33 -5.26 -12.46 -5.68
CA ALA I 33 -6.42 -11.68 -5.29
C ALA I 33 -6.05 -10.22 -5.06
N SER I 34 -4.86 -9.95 -4.52
CA SER I 34 -4.43 -8.57 -4.40
C SER I 34 -4.28 -7.93 -5.78
N VAL I 35 -3.78 -8.69 -6.75
CA VAL I 35 -3.68 -8.16 -8.11
C VAL I 35 -5.07 -7.79 -8.65
N VAL I 36 -6.05 -8.67 -8.51
CA VAL I 36 -7.38 -8.32 -8.98
C VAL I 36 -7.89 -7.09 -8.25
N THR I 37 -7.60 -6.97 -6.95
CA THR I 37 -7.99 -5.77 -6.21
C THR I 37 -7.44 -4.52 -6.89
N TRP I 38 -6.17 -4.54 -7.26
CA TRP I 38 -5.62 -3.32 -7.85
C TRP I 38 -6.06 -3.10 -9.29
N ALA I 39 -6.24 -4.17 -10.06
CA ALA I 39 -6.74 -4.00 -11.42
C ALA I 39 -8.12 -3.35 -11.41
N ILE I 40 -9.06 -3.91 -10.65
CA ILE I 40 -10.36 -3.27 -10.47
C ILE I 40 -10.19 -1.83 -10.03
N PHE I 41 -9.29 -1.59 -9.08
CA PHE I 41 -9.07 -0.25 -8.56
C PHE I 41 -8.79 0.73 -9.68
N PHE I 42 -7.86 0.40 -10.56
CA PHE I 42 -7.47 1.37 -11.59
C PHE I 42 -8.56 1.51 -12.65
N SER I 43 -9.04 0.40 -13.22
CA SER I 43 -9.99 0.56 -14.32
C SER I 43 -11.27 1.23 -13.84
N LYS I 44 -11.85 0.72 -12.76
CA LYS I 44 -13.06 1.36 -12.25
C LYS I 44 -12.78 2.78 -11.79
N SER I 45 -11.54 3.08 -11.37
CA SER I 45 -11.22 4.46 -11.05
C SER I 45 -11.42 5.35 -12.26
N VAL I 46 -10.86 4.95 -13.40
CA VAL I 46 -10.99 5.78 -14.59
C VAL I 46 -12.45 5.93 -15.00
N GLU I 47 -13.20 4.83 -15.01
CA GLU I 47 -14.60 4.93 -15.38
C GLU I 47 -15.36 5.88 -14.47
N PHE I 48 -15.21 5.71 -13.16
CA PHE I 48 -16.01 6.53 -12.23
C PHE I 48 -15.67 8.00 -12.36
N PHE I 49 -14.38 8.35 -12.41
CA PHE I 49 -14.05 9.76 -12.51
C PHE I 49 -14.54 10.36 -13.82
N ASN I 50 -14.29 9.69 -14.93
CA ASN I 50 -14.74 10.23 -16.21
C ASN I 50 -16.24 10.46 -16.18
N GLN I 51 -17.02 9.41 -15.94
CA GLN I 51 -18.47 9.56 -16.04
C GLN I 51 -19.01 10.53 -15.01
N LYS I 52 -18.45 10.57 -13.80
CA LYS I 52 -18.96 11.54 -12.83
C LYS I 52 -18.65 12.96 -13.27
N ARG I 53 -17.49 13.20 -13.88
CA ARG I 53 -17.19 14.55 -14.37
C ARG I 53 -18.13 14.92 -15.51
N ARG I 54 -18.26 14.05 -16.49
CA ARG I 54 -19.17 14.29 -17.61
C ARG I 54 -20.58 14.61 -17.11
N LEU I 55 -21.09 13.82 -16.16
CA LEU I 55 -22.45 14.03 -15.65
C LEU I 55 -22.58 15.36 -14.93
N LYS I 56 -21.61 15.73 -14.08
CA LYS I 56 -21.72 17.02 -13.40
C LYS I 56 -21.76 18.15 -14.42
N ARG I 57 -20.92 18.06 -15.44
CA ARG I 57 -20.97 18.99 -16.56
C ARG I 57 -22.37 19.06 -17.13
N GLU I 58 -22.93 17.92 -17.50
CA GLU I 58 -24.22 17.90 -18.18
C GLU I 58 -25.32 18.48 -17.30
N GLN I 59 -25.29 18.22 -16.00
CA GLN I 59 -26.31 18.80 -15.13
C GLN I 59 -26.19 20.31 -15.05
N GLN I 60 -24.99 20.84 -14.86
CA GLN I 60 -24.84 22.29 -14.83
C GLN I 60 -25.31 22.92 -16.14
N LEU I 61 -25.08 22.25 -17.27
CA LEU I 61 -25.57 22.78 -18.54
C LEU I 61 -27.09 22.74 -18.60
N LEU I 62 -27.70 21.62 -18.22
CA LEU I 62 -29.16 21.49 -18.28
C LEU I 62 -29.88 22.35 -17.25
N ALA I 63 -29.17 23.01 -16.35
CA ALA I 63 -29.85 23.91 -15.43
C ALA I 63 -30.49 25.10 -16.14
N GLU I 64 -30.17 25.33 -17.41
CA GLU I 64 -30.66 26.47 -18.17
C GLU I 64 -31.97 26.19 -18.88
N ALA I 65 -32.49 24.98 -18.77
CA ALA I 65 -33.67 24.59 -19.50
C ALA I 65 -34.92 25.08 -18.82
N ARG I 66 -35.69 25.92 -19.50
CA ARG I 66 -37.08 26.16 -19.11
C ARG I 66 -37.93 25.76 -20.32
N SER I 67 -38.08 24.45 -20.51
CA SER I 67 -38.82 23.85 -21.60
C SER I 67 -38.28 22.44 -21.74
N LEU I 68 -38.98 21.54 -22.44
CA LEU I 68 -38.34 20.27 -22.76
C LEU I 68 -37.53 20.41 -24.03
N ASN I 69 -38.02 21.19 -25.01
CA ASN I 69 -37.28 21.36 -26.25
C ASN I 69 -35.94 22.04 -26.01
N GLN I 70 -35.89 23.02 -25.11
CA GLN I 70 -34.61 23.63 -24.84
C GLN I 70 -33.65 22.63 -24.21
N ALA I 71 -34.16 21.68 -23.43
CA ALA I 71 -33.28 20.65 -22.90
C ALA I 71 -32.78 19.73 -24.01
N ASN I 72 -33.68 19.24 -24.87
CA ASN I 72 -33.22 18.42 -25.99
C ASN I 72 -32.22 19.16 -26.86
N ASP I 73 -32.31 20.48 -26.91
CA ASP I 73 -31.39 21.25 -27.74
C ASP I 73 -30.05 21.47 -27.04
N ILE I 74 -30.07 21.77 -25.75
CA ILE I 74 -28.82 21.98 -25.05
C ILE I 74 -27.98 20.70 -25.06
N ALA I 75 -28.63 19.55 -24.96
CA ALA I 75 -27.97 18.26 -24.87
C ALA I 75 -27.83 17.55 -26.22
N ALA I 76 -28.11 18.22 -27.33
CA ALA I 76 -28.02 17.53 -28.61
C ALA I 76 -26.60 17.06 -28.89
N ASP I 77 -25.59 17.90 -28.61
CA ASP I 77 -24.20 17.59 -28.97
C ASP I 77 -23.38 17.00 -27.83
N PHE I 78 -24.03 16.61 -26.73
CA PHE I 78 -23.31 16.03 -25.60
C PHE I 78 -22.44 14.85 -26.04
N GLY I 79 -22.83 14.18 -27.10
CA GLY I 79 -22.20 13.02 -27.71
C GLY I 79 -23.15 11.87 -27.53
N SER I 80 -23.09 10.90 -28.45
CA SER I 80 -24.15 9.90 -28.48
C SER I 80 -24.02 8.84 -27.39
N LYS I 81 -22.94 8.81 -26.65
CA LYS I 81 -22.85 7.84 -25.56
C LYS I 81 -23.21 8.45 -24.23
N SER I 82 -23.53 9.74 -24.20
CA SER I 82 -23.86 10.40 -22.95
C SER I 82 -25.12 9.81 -22.35
N LEU I 83 -25.22 9.90 -21.04
CA LEU I 83 -26.39 9.40 -20.34
C LEU I 83 -27.56 10.38 -20.46
N SER I 84 -27.30 11.68 -20.30
CA SER I 84 -28.39 12.65 -20.35
C SER I 84 -29.06 12.64 -21.71
N LEU I 85 -28.29 12.46 -22.77
CA LEU I 85 -28.90 12.29 -24.07
C LEU I 85 -29.75 11.03 -24.12
N HIS I 86 -29.40 10.00 -23.36
CA HIS I 86 -30.24 8.80 -23.39
C HIS I 86 -31.56 9.04 -22.67
N LEU I 87 -31.54 9.77 -21.55
CA LEU I 87 -32.79 10.05 -20.86
C LEU I 87 -33.69 10.98 -21.68
N LEU I 88 -33.13 12.11 -22.11
CA LEU I 88 -33.89 13.04 -22.96
C LEU I 88 -34.39 12.36 -24.23
N ASN I 89 -33.54 11.55 -24.87
CA ASN I 89 -33.99 10.84 -26.06
C ASN I 89 -35.09 9.85 -25.72
N GLU I 90 -35.07 9.28 -24.53
CA GLU I 90 -36.13 8.35 -24.19
C GLU I 90 -37.45 9.09 -24.00
N ALA I 91 -37.42 10.22 -23.28
CA ALA I 91 -38.64 10.99 -23.12
C ALA I 91 -39.18 11.45 -24.47
N GLN I 92 -38.33 12.06 -25.28
CA GLN I 92 -38.77 12.51 -26.61
C GLN I 92 -39.30 11.36 -27.44
N ASN I 93 -38.64 10.19 -27.38
CA ASN I 93 -39.15 9.05 -28.13
C ASN I 93 -40.52 8.65 -27.63
N GLU I 94 -40.79 8.84 -26.33
CA GLU I 94 -42.11 8.54 -25.84
C GLU I 94 -43.13 9.56 -26.31
N LEU I 95 -42.71 10.81 -26.51
CA LEU I 95 -43.63 11.79 -27.10
C LEU I 95 -43.89 11.47 -28.56
N GLU I 96 -42.89 10.99 -29.28
CA GLU I 96 -43.07 10.73 -30.70
C GLU I 96 -43.92 9.50 -30.94
N LEU I 97 -43.74 8.45 -30.13
CA LEU I 97 -44.56 7.26 -30.31
C LEU I 97 -46.02 7.46 -29.88
N SER I 98 -46.29 8.41 -28.99
CA SER I 98 -47.63 8.63 -28.43
C SER I 98 -48.46 9.68 -29.15
N GLU I 99 -47.99 10.21 -30.27
CA GLU I 99 -48.73 11.26 -30.98
C GLU I 99 -50.16 10.85 -31.26
N GLY I 100 -51.09 11.75 -30.94
CA GLY I 100 -52.51 11.53 -31.12
C GLY I 100 -53.28 11.17 -29.88
N SER I 101 -52.64 11.05 -28.73
CA SER I 101 -53.35 10.75 -27.49
C SER I 101 -53.95 12.00 -26.88
N ASP I 102 -55.19 11.90 -26.43
CA ASP I 102 -55.85 12.98 -25.71
C ASP I 102 -55.51 12.99 -24.23
N ASP I 103 -54.95 11.90 -23.70
CA ASP I 103 -54.70 11.74 -22.27
C ASP I 103 -53.24 12.06 -21.98
N ASN I 104 -53.00 13.21 -21.35
CA ASN I 104 -51.64 13.52 -20.90
C ASN I 104 -51.31 12.77 -19.61
N GLU I 105 -52.30 12.61 -18.73
CA GLU I 105 -52.10 11.86 -17.50
C GLU I 105 -51.52 10.49 -17.78
N GLY I 106 -51.80 9.94 -18.96
CA GLY I 106 -51.15 8.74 -19.42
C GLY I 106 -49.69 8.87 -19.81
N ILE I 107 -49.39 9.70 -20.79
CA ILE I 107 -48.02 9.85 -21.29
C ILE I 107 -47.01 10.02 -20.16
N GLU I 109 -47.09 9.12 -17.06
CA GLU I 109 -46.86 7.81 -16.46
C GLU I 109 -45.78 7.06 -17.21
N ARG I 110 -46.03 6.76 -18.48
CA ARG I 110 -45.10 5.91 -19.22
C ARG I 110 -43.69 6.49 -19.20
N THR I 111 -43.57 7.81 -19.32
CA THR I 111 -42.24 8.38 -19.36
C THR I 111 -41.50 8.10 -18.08
N SER I 112 -42.14 8.36 -16.94
CA SER I 112 -41.50 8.06 -15.67
C SER I 112 -41.08 6.61 -15.65
N PHE I 113 -42.00 5.71 -15.99
CA PHE I 113 -41.66 4.30 -15.97
C PHE I 113 -40.38 4.05 -16.75
N ARG I 114 -40.32 4.62 -17.96
CA ARG I 114 -39.15 4.45 -18.79
C ARG I 114 -37.93 4.97 -18.07
N LEU I 115 -37.96 6.23 -17.66
CA LEU I 115 -36.79 6.80 -17.02
C LEU I 115 -36.44 6.01 -15.76
N GLU I 116 -37.46 5.54 -15.04
CA GLU I 116 -37.18 4.85 -13.79
C GLU I 116 -36.38 3.58 -14.03
N ARG I 117 -36.53 2.96 -15.19
CA ARG I 117 -35.74 1.78 -15.43
C ARG I 117 -34.49 2.05 -16.23
N ARG I 118 -34.36 3.24 -16.83
CA ARG I 118 -33.08 3.51 -17.50
C ARG I 118 -32.05 3.94 -16.48
N VAL I 119 -32.49 4.56 -15.39
CA VAL I 119 -31.58 4.88 -14.32
C VAL I 119 -31.14 3.63 -13.60
N ALA I 120 -32.10 2.83 -13.12
CA ALA I 120 -31.77 1.61 -12.40
C ALA I 120 -30.82 0.75 -13.21
N ALA I 121 -31.11 0.55 -14.50
CA ALA I 121 -30.23 -0.29 -15.32
C ALA I 121 -28.80 0.24 -15.28
N VAL I 122 -28.63 1.54 -15.47
CA VAL I 122 -27.29 2.10 -15.42
C VAL I 122 -26.66 1.83 -14.06
N GLY I 123 -27.45 2.00 -12.99
CA GLY I 123 -26.95 1.67 -11.67
C GLY I 123 -26.39 0.27 -11.60
N ARG I 124 -27.14 -0.70 -12.12
CA ARG I 124 -26.69 -2.09 -12.04
C ARG I 124 -25.42 -2.32 -12.85
N GLN I 125 -25.19 -1.53 -13.89
CA GLN I 125 -23.95 -1.68 -14.63
C GLN I 125 -22.78 -0.97 -13.98
N MET I 126 -23.02 0.03 -13.14
CA MET I 126 -21.91 0.67 -12.46
C MET I 126 -21.40 -0.20 -11.32
N GLY I 127 -22.28 -0.90 -10.66
CA GLY I 127 -21.88 -1.75 -9.57
C GLY I 127 -21.38 -3.10 -9.99
N ARG I 128 -21.27 -3.33 -11.29
CA ARG I 128 -20.69 -4.56 -11.80
C ARG I 128 -19.28 -4.74 -11.26
N GLY I 129 -18.99 -5.91 -10.70
CA GLY I 129 -17.66 -6.23 -10.28
C GLY I 129 -17.28 -5.79 -8.88
N ASN I 130 -18.01 -4.86 -8.28
CA ASN I 130 -17.71 -4.47 -6.90
C ASN I 130 -17.84 -5.66 -5.96
N GLY I 131 -18.62 -6.67 -6.36
CA GLY I 131 -18.71 -7.88 -5.56
C GLY I 131 -17.35 -8.52 -5.35
N TYR I 132 -16.48 -8.50 -6.36
CA TYR I 132 -15.18 -9.13 -6.22
C TYR I 132 -14.41 -8.53 -5.06
N LEU I 133 -14.27 -7.21 -5.04
CA LEU I 133 -13.61 -6.58 -3.90
C LEU I 133 -14.33 -6.92 -2.59
N ALA I 134 -15.66 -6.90 -2.60
CA ALA I 134 -16.37 -7.15 -1.34
C ALA I 134 -16.03 -8.52 -0.77
N THR I 135 -16.12 -9.57 -1.59
CA THR I 135 -15.86 -10.91 -1.08
C THR I 135 -14.39 -11.13 -0.79
N ILE I 136 -13.49 -10.60 -1.62
CA ILE I 136 -12.07 -10.78 -1.36
C ILE I 136 -11.71 -10.18 -0.01
N GLY I 137 -12.20 -8.97 0.25
CA GLY I 137 -11.96 -8.37 1.55
C GLY I 137 -12.66 -9.07 2.69
N ALA I 138 -13.77 -9.74 2.42
CA ALA I 138 -14.47 -10.41 3.52
C ALA I 138 -13.84 -11.75 3.86
N ILE I 139 -13.62 -12.60 2.85
CA ILE I 139 -13.18 -13.97 3.07
C ILE I 139 -11.67 -14.16 2.95
N SER I 140 -10.92 -13.16 2.52
CA SER I 140 -9.46 -13.31 2.49
C SER I 140 -8.88 -13.74 3.82
N PRO I 141 -9.23 -13.14 4.96
CA PRO I 141 -8.67 -13.67 6.22
C PRO I 141 -9.04 -15.10 6.48
N PHE I 142 -10.19 -15.57 5.99
CA PHE I 142 -10.59 -16.95 6.27
C PHE I 142 -9.81 -17.95 5.42
N VAL I 143 -9.52 -17.64 4.17
CA VAL I 143 -8.68 -18.56 3.40
C VAL I 143 -7.26 -18.56 3.94
N GLY I 144 -6.75 -17.39 4.34
CA GLY I 144 -5.47 -17.38 5.03
C GLY I 144 -5.47 -18.23 6.29
N LEU I 145 -6.51 -18.08 7.10
CA LEU I 145 -6.66 -18.89 8.30
C LEU I 145 -6.66 -20.37 7.96
N PHE I 146 -7.30 -20.76 6.85
CA PHE I 146 -7.22 -22.15 6.42
C PHE I 146 -5.80 -22.55 6.11
N GLY I 147 -5.04 -21.68 5.47
CA GLY I 147 -3.64 -22.00 5.19
C GLY I 147 -2.87 -22.32 6.46
N THR I 148 -2.94 -21.42 7.45
CA THR I 148 -2.17 -21.67 8.66
C THR I 148 -2.70 -22.88 9.42
N VAL I 149 -4.01 -23.07 9.45
CA VAL I 149 -4.55 -24.21 10.16
C VAL I 149 -4.09 -25.52 9.54
N TRP I 150 -4.04 -25.60 8.21
CA TRP I 150 -3.49 -26.79 7.58
C TRP I 150 -2.02 -26.96 7.90
N GLY I 151 -1.28 -25.86 7.94
CA GLY I 151 0.12 -25.95 8.27
C GLY I 151 0.33 -26.53 9.65
N ILE I 152 -0.29 -25.92 10.65
CA ILE I 152 -0.13 -26.40 12.02
C ILE I 152 -0.67 -27.81 12.19
N MET I 153 -1.69 -28.18 11.42
CA MET I 153 -2.13 -29.57 11.46
C MET I 153 -1.07 -30.51 10.94
N ASN I 154 -0.43 -30.18 9.82
CA ASN I 154 0.63 -31.06 9.33
C ASN I 154 1.81 -31.10 10.29
N SER I 155 2.08 -30.02 11.00
CA SER I 155 3.15 -30.05 12.00
C SER I 155 2.80 -30.99 13.16
N PHE I 156 1.60 -30.85 13.71
CA PHE I 156 1.24 -31.72 14.83
C PHE I 156 1.10 -33.18 14.40
N ILE I 157 0.63 -33.43 13.18
CA ILE I 157 0.65 -34.79 12.65
C ILE I 157 2.08 -35.30 12.52
N GLY I 158 3.00 -34.43 12.10
CA GLY I 158 4.39 -34.85 11.99
C GLY I 158 4.98 -35.23 13.32
N ILE I 159 4.73 -34.45 14.36
CA ILE I 159 5.22 -34.77 15.69
C ILE I 159 4.43 -35.90 16.34
N ALA I 160 3.30 -36.29 15.77
CA ALA I 160 2.61 -37.46 16.30
C ALA I 160 3.11 -38.77 15.70
N GLN I 161 4.04 -38.70 14.75
CA GLN I 161 4.83 -39.86 14.33
C GLN I 161 6.05 -39.97 15.25
N THR I 162 6.79 -41.07 15.10
CA THR I 162 7.94 -41.36 15.94
C THR I 162 7.60 -41.09 17.40
N GLN I 163 8.49 -40.41 18.12
CA GLN I 163 8.20 -39.86 19.44
C GLN I 163 9.02 -38.59 19.58
N THR I 164 8.44 -37.54 20.17
CA THR I 164 9.13 -36.26 20.26
C THR I 164 8.59 -35.44 21.42
N THR I 165 9.15 -34.24 21.56
CA THR I 165 8.89 -33.25 22.61
C THR I 165 9.75 -32.03 22.26
N ASN I 166 9.67 -30.95 23.04
CA ASN I 166 10.45 -29.74 22.78
C ASN I 166 10.13 -29.12 21.41
N LEU I 167 9.01 -28.41 21.33
CA LEU I 167 8.43 -27.91 20.08
C LEU I 167 9.39 -27.05 19.26
N ALA I 168 10.54 -26.66 19.82
CA ALA I 168 11.47 -25.84 19.06
C ALA I 168 11.89 -26.49 17.75
N VAL I 169 11.58 -27.77 17.55
CA VAL I 169 11.78 -28.38 16.25
C VAL I 169 10.70 -27.95 15.28
N VAL I 170 9.45 -27.84 15.75
CA VAL I 170 8.31 -27.53 14.88
C VAL I 170 7.91 -26.05 14.91
N ALA I 171 8.56 -25.23 15.74
CA ALA I 171 8.19 -23.82 15.78
C ALA I 171 8.37 -23.11 14.43
N PRO I 172 9.47 -23.28 13.69
CA PRO I 172 9.53 -22.63 12.37
C PRO I 172 8.38 -22.99 11.46
N GLY I 173 8.03 -24.28 11.36
CA GLY I 173 6.89 -24.65 10.53
C GLY I 173 5.63 -23.90 10.90
N ILE I 174 5.38 -23.76 12.21
CA ILE I 174 4.18 -23.06 12.65
C ILE I 174 4.25 -21.57 12.28
N ALA I 175 5.42 -20.94 12.45
CA ALA I 175 5.55 -19.55 12.00
C ALA I 175 5.24 -19.43 10.52
N GLU I 176 5.81 -20.34 9.73
CA GLU I 176 5.49 -20.42 8.32
C GLU I 176 4.02 -20.66 8.08
N ALA I 177 3.28 -21.14 9.08
CA ALA I 177 1.83 -21.20 8.94
C ALA I 177 1.17 -19.85 9.22
N LEU I 178 1.54 -19.19 10.32
CA LEU I 178 0.93 -17.92 10.68
C LEU I 178 1.17 -16.83 9.63
N LEU I 179 2.24 -16.95 8.84
CA LEU I 179 2.38 -16.02 7.72
C LEU I 179 1.15 -16.05 6.81
N ALA I 180 0.56 -17.23 6.61
CA ALA I 180 -0.59 -17.33 5.73
C ALA I 180 -1.71 -16.41 6.20
N THR I 181 -2.03 -16.42 7.49
CA THR I 181 -3.04 -15.47 7.97
C THR I 181 -2.57 -14.03 7.79
N ALA I 182 -1.29 -13.76 8.05
CA ALA I 182 -0.81 -12.39 7.86
C ALA I 182 -1.11 -11.92 6.44
N ILE I 183 -0.80 -12.76 5.45
CA ILE I 183 -1.05 -12.42 4.05
C ILE I 183 -2.54 -12.31 3.79
N GLY I 184 -3.35 -13.18 4.39
CA GLY I 184 -4.79 -13.07 4.22
C GLY I 184 -5.34 -11.72 4.64
N LEU I 185 -4.90 -11.24 5.80
CA LEU I 185 -5.37 -9.94 6.27
C LEU I 185 -4.83 -8.81 5.40
N VAL I 186 -3.59 -8.92 4.95
CA VAL I 186 -3.02 -7.86 4.13
C VAL I 186 -3.68 -7.83 2.75
N ALA I 187 -4.12 -8.97 2.23
CA ALA I 187 -4.86 -8.94 0.99
C ALA I 187 -6.28 -8.42 1.22
N ALA I 188 -6.81 -8.63 2.41
CA ALA I 188 -8.19 -8.22 2.68
C ALA I 188 -8.31 -6.72 2.84
N ILE I 189 -7.35 -6.08 3.51
CA ILE I 189 -7.55 -4.67 3.89
C ILE I 189 -7.80 -3.75 2.69
N PRO I 190 -6.91 -3.63 1.70
CA PRO I 190 -7.21 -2.72 0.59
C PRO I 190 -8.48 -3.11 -0.15
N ALA I 191 -8.79 -4.40 -0.25
CA ALA I 191 -10.05 -4.79 -0.86
C ALA I 191 -11.22 -4.13 -0.14
N VAL I 192 -11.18 -4.11 1.19
CA VAL I 192 -12.31 -3.58 1.92
C VAL I 192 -12.37 -2.06 1.80
N VAL I 193 -11.24 -1.36 1.93
CA VAL I 193 -11.29 0.10 1.79
C VAL I 193 -11.77 0.49 0.40
N ILE I 194 -11.18 -0.11 -0.64
CA ILE I 194 -11.58 0.20 -2.00
C ILE I 194 -13.05 -0.08 -2.21
N TYR I 195 -13.55 -1.19 -1.65
CA TYR I 195 -14.97 -1.45 -1.74
C TYR I 195 -15.79 -0.33 -1.12
N ASN I 196 -15.34 0.21 0.01
CA ASN I 196 -16.15 1.25 0.62
C ASN I 196 -16.13 2.53 -0.20
N VAL I 197 -14.96 2.92 -0.73
CA VAL I 197 -14.93 4.14 -1.54
C VAL I 197 -15.74 3.96 -2.82
N PHE I 198 -15.73 2.78 -3.41
CA PHE I 198 -16.53 2.60 -4.61
C PHE I 198 -18.02 2.58 -4.27
N ALA I 199 -18.38 2.09 -3.08
CA ALA I 199 -19.78 2.20 -2.67
C ALA I 199 -20.20 3.66 -2.57
N ARG I 200 -19.41 4.49 -1.89
CA ARG I 200 -19.79 5.90 -1.76
C ARG I 200 -19.83 6.59 -3.12
N GLN I 201 -18.84 6.36 -3.98
CA GLN I 201 -18.85 7.02 -5.29
C GLN I 201 -20.04 6.58 -6.13
N ILE I 202 -20.35 5.28 -6.12
CA ILE I 202 -21.53 4.81 -6.84
C ILE I 202 -22.78 5.45 -6.27
N GLY I 203 -22.85 5.61 -4.95
CA GLY I 203 -23.99 6.30 -4.37
C GLY I 203 -24.15 7.71 -4.93
N GLY I 204 -23.09 8.50 -4.89
CA GLY I 204 -23.18 9.85 -5.42
C GLY I 204 -23.56 9.88 -6.89
N PHE I 205 -23.07 8.90 -7.66
CA PHE I 205 -23.40 8.85 -9.07
C PHE I 205 -24.86 8.50 -9.31
N LYS I 206 -25.35 7.42 -8.70
CA LYS I 206 -26.77 7.11 -8.83
C LYS I 206 -27.62 8.29 -8.43
N ALA I 207 -27.17 9.06 -7.44
CA ALA I 207 -27.92 10.25 -7.07
C ALA I 207 -27.93 11.27 -8.21
N MET I 208 -26.77 11.51 -8.83
CA MET I 208 -26.70 12.49 -9.92
C MET I 208 -27.55 12.05 -11.11
N LEU I 209 -27.40 10.82 -11.57
CA LEU I 209 -28.23 10.32 -12.67
C LEU I 209 -29.70 10.46 -12.32
N GLY I 210 -30.08 10.10 -11.10
CA GLY I 210 -31.45 10.31 -10.67
C GLY I 210 -31.88 11.76 -10.74
N ASP I 211 -30.98 12.69 -10.49
CA ASP I 211 -31.33 14.11 -10.56
C ASP I 211 -31.62 14.53 -12.00
N VAL I 212 -30.79 14.09 -12.96
CA VAL I 212 -31.08 14.44 -14.35
C VAL I 212 -32.40 13.82 -14.77
N ALA I 213 -32.63 12.56 -14.43
CA ALA I 213 -33.93 11.97 -14.72
C ALA I 213 -35.06 12.81 -14.15
N ALA I 214 -34.92 13.29 -12.92
CA ALA I 214 -35.98 14.10 -12.32
C ALA I 214 -36.21 15.38 -13.10
N GLN I 215 -35.15 16.01 -13.58
CA GLN I 215 -35.34 17.21 -14.40
C GLN I 215 -36.13 16.88 -15.66
N VAL I 216 -35.78 15.80 -16.36
CA VAL I 216 -36.51 15.48 -17.58
C VAL I 216 -37.98 15.25 -17.29
N LEU I 217 -38.28 14.49 -16.24
CA LEU I 217 -39.68 14.23 -15.91
C LEU I 217 -40.42 15.52 -15.56
N LEU I 218 -39.83 16.36 -14.72
CA LEU I 218 -40.50 17.61 -14.35
C LEU I 218 -40.79 18.45 -15.58
N LEU I 219 -39.78 18.74 -16.39
CA LEU I 219 -39.99 19.60 -17.54
C LEU I 219 -41.09 19.03 -18.42
N GLN I 220 -41.07 17.74 -18.68
CA GLN I 220 -42.10 17.15 -19.53
C GLN I 220 -43.49 17.36 -18.92
N SER I 221 -43.64 17.04 -17.64
CA SER I 221 -44.96 17.17 -17.03
C SER I 221 -45.46 18.60 -17.10
N ARG I 222 -44.62 19.55 -16.71
CA ARG I 222 -45.03 20.94 -16.71
C ARG I 222 -45.42 21.40 -18.10
N ASP I 223 -44.66 21.00 -19.12
CA ASP I 223 -45.00 21.44 -20.46
C ASP I 223 -46.30 20.84 -20.94
N LEU I 224 -46.53 19.56 -20.68
CA LEU I 224 -47.81 18.97 -21.09
C LEU I 224 -48.98 19.65 -20.39
N ASP I 225 -48.82 20.02 -19.13
CA ASP I 225 -49.90 20.70 -18.41
C ASP I 225 -50.16 22.10 -18.97
N LEU I 226 -49.11 22.87 -19.22
CA LEU I 226 -49.32 24.21 -19.74
C LEU I 226 -49.89 24.17 -21.15
N GLU I 227 -49.50 23.19 -21.94
CA GLU I 227 -50.06 23.09 -23.28
C GLU I 227 -51.53 22.69 -23.22
N ALA I 228 -51.85 21.68 -22.42
CA ALA I 228 -53.25 21.24 -22.29
C ALA I 228 -54.13 22.37 -21.77
N SER I 229 -53.61 23.19 -20.86
CA SER I 229 -54.40 24.33 -20.41
C SER I 229 -54.50 25.38 -21.51
N ALA I 230 -53.50 25.46 -22.40
CA ALA I 230 -53.55 26.44 -23.48
C ALA I 230 -54.52 26.08 -24.59
N ALA I 231 -54.72 24.78 -24.84
CA ALA I 231 -55.67 24.34 -25.86
C ALA I 231 -57.04 24.02 -25.30
N ALA I 232 -57.30 24.31 -24.04
CA ALA I 232 -58.64 24.24 -23.46
C ALA I 232 -59.29 25.61 -23.37
N HIS I 233 -58.58 26.67 -23.78
CA HIS I 233 -59.09 28.03 -23.80
C HIS I 233 -59.09 28.48 -25.26
N PRO I 234 -60.29 28.69 -25.80
CA PRO I 234 -60.55 29.14 -27.19
C PRO I 234 -59.33 29.19 -28.12
N TYR J 16 -5.49 -43.28 11.57
CA TYR J 16 -5.81 -42.24 10.61
C TYR J 16 -7.31 -42.04 10.55
N GLN J 17 -8.06 -43.05 10.99
CA GLN J 17 -9.52 -42.97 11.07
C GLN J 17 -10.06 -42.77 12.48
N HIS J 18 -9.20 -42.63 13.48
CA HIS J 18 -9.66 -42.43 14.87
C HIS J 18 -9.09 -41.14 15.50
N ALA J 19 -9.90 -40.08 15.64
CA ALA J 19 -11.24 -39.88 15.05
C ALA J 19 -12.35 -40.86 15.47
N ASP J 20 -12.78 -40.78 16.73
CA ASP J 20 -13.79 -41.68 17.27
C ASP J 20 -15.17 -41.06 17.13
N ILE J 21 -16.04 -41.68 16.33
CA ILE J 21 -17.45 -41.30 16.19
C ILE J 21 -17.60 -39.78 15.96
N VAL J 22 -17.99 -39.02 16.99
CA VAL J 22 -18.47 -37.64 16.89
C VAL J 22 -17.65 -36.80 15.91
N VAL J 23 -16.32 -36.82 16.05
CA VAL J 23 -15.51 -36.02 15.14
C VAL J 23 -15.60 -36.55 13.71
N LYS J 24 -15.50 -37.87 13.54
CA LYS J 24 -15.67 -38.45 12.21
C LYS J 24 -17.02 -38.07 11.61
N CYS J 25 -18.04 -37.95 12.46
CA CYS J 25 -19.37 -37.63 11.96
C CYS J 25 -19.48 -36.16 11.55
N VAL J 26 -18.88 -35.24 12.31
CA VAL J 26 -18.86 -33.87 11.82
C VAL J 26 -18.09 -33.81 10.52
N MET J 27 -17.05 -34.63 10.37
CA MET J 27 -16.27 -34.61 9.14
C MET J 27 -17.13 -35.04 7.95
N ILE J 28 -17.84 -36.16 8.08
CA ILE J 28 -18.65 -36.60 6.95
C ILE J 28 -19.79 -35.63 6.70
N GLY J 29 -20.36 -35.06 7.76
CA GLY J 29 -21.42 -34.07 7.57
C GLY J 29 -20.95 -32.86 6.79
N LEU J 30 -19.84 -32.26 7.22
CA LEU J 30 -19.35 -31.07 6.53
C LEU J 30 -18.95 -31.37 5.10
N ILE J 31 -18.32 -32.50 4.84
CA ILE J 31 -17.98 -32.81 3.45
C ILE J 31 -19.24 -33.03 2.62
N LEU J 32 -20.27 -33.65 3.21
CA LEU J 32 -21.55 -33.75 2.52
C LEU J 32 -22.10 -32.37 2.17
N ALA J 33 -22.08 -31.45 3.14
CA ALA J 33 -22.53 -30.09 2.88
C ALA J 33 -21.75 -29.47 1.73
N SER J 34 -20.44 -29.70 1.67
CA SER J 34 -19.67 -29.16 0.56
C SER J 34 -20.13 -29.77 -0.77
N VAL J 35 -20.44 -31.07 -0.76
CA VAL J 35 -20.98 -31.70 -1.96
C VAL J 35 -22.28 -31.02 -2.38
N VAL J 36 -23.16 -30.76 -1.41
CA VAL J 36 -24.42 -30.10 -1.74
C VAL J 36 -24.17 -28.72 -2.37
N THR J 37 -23.26 -27.94 -1.77
CA THR J 37 -22.95 -26.64 -2.34
C THR J 37 -22.47 -26.75 -3.79
N TRP J 38 -21.57 -27.69 -4.08
CA TRP J 38 -21.04 -27.76 -5.44
C TRP J 38 -22.02 -28.35 -6.45
N ALA J 39 -22.83 -29.33 -6.04
CA ALA J 39 -23.88 -29.84 -6.94
C ALA J 39 -24.87 -28.74 -7.29
N ILE J 40 -25.37 -28.05 -6.26
CA ILE J 40 -26.21 -26.88 -6.46
C ILE J 40 -25.56 -25.94 -7.45
N PHE J 41 -24.27 -25.65 -7.21
CA PHE J 41 -23.54 -24.71 -8.04
C PHE J 41 -23.60 -25.10 -9.51
N PHE J 42 -23.31 -26.35 -9.82
CA PHE J 42 -23.21 -26.70 -11.23
C PHE J 42 -24.58 -26.68 -11.90
N SER J 43 -25.58 -27.30 -11.29
CA SER J 43 -26.88 -27.35 -11.95
C SER J 43 -27.47 -25.95 -12.14
N LYS J 44 -27.56 -25.18 -11.05
CA LYS J 44 -28.13 -23.85 -11.20
C LYS J 44 -27.26 -22.94 -12.05
N SER J 45 -25.96 -23.21 -12.15
CA SER J 45 -25.13 -22.41 -13.04
C SER J 45 -25.56 -22.59 -14.50
N VAL J 46 -25.67 -23.85 -14.96
CA VAL J 46 -26.07 -24.02 -16.36
C VAL J 46 -27.45 -23.42 -16.59
N GLU J 47 -28.38 -23.62 -15.63
CA GLU J 47 -29.70 -23.04 -15.81
C GLU J 47 -29.62 -21.53 -16.00
N PHE J 48 -28.98 -20.82 -15.06
CA PHE J 48 -28.97 -19.37 -15.10
C PHE J 48 -28.30 -18.84 -16.36
N PHE J 49 -27.22 -19.49 -16.82
CA PHE J 49 -26.58 -18.97 -18.03
C PHE J 49 -27.47 -19.13 -19.24
N ASN J 50 -28.09 -20.31 -19.41
CA ASN J 50 -29.00 -20.49 -20.54
C ASN J 50 -30.11 -19.46 -20.51
N GLN J 51 -30.82 -19.37 -19.38
CA GLN J 51 -31.97 -18.48 -19.31
C GLN J 51 -31.57 -17.02 -19.51
N LYS J 52 -30.44 -16.60 -18.96
CA LYS J 52 -30.05 -15.21 -19.14
C LYS J 52 -29.70 -14.90 -20.59
N ARG J 53 -28.96 -15.78 -21.26
CA ARG J 53 -28.65 -15.52 -22.67
C ARG J 53 -29.93 -15.43 -23.50
N ARG J 54 -30.86 -16.35 -23.26
CA ARG J 54 -32.13 -16.34 -23.98
C ARG J 54 -32.90 -15.04 -23.74
N LEU J 55 -33.00 -14.64 -22.47
CA LEU J 55 -33.76 -13.44 -22.13
C LEU J 55 -33.12 -12.19 -22.76
N LYS J 56 -31.79 -12.11 -22.74
CA LYS J 56 -31.16 -10.95 -23.36
C LYS J 56 -31.48 -10.88 -24.85
N ARG J 57 -31.46 -12.02 -25.54
CA ARG J 57 -31.85 -11.97 -26.95
C ARG J 57 -33.30 -11.54 -27.11
N GLU J 58 -34.21 -12.08 -26.29
CA GLU J 58 -35.62 -11.72 -26.45
C GLU J 58 -35.85 -10.25 -26.16
N GLN J 59 -35.18 -9.69 -25.15
CA GLN J 59 -35.34 -8.27 -24.87
C GLN J 59 -34.85 -7.43 -26.04
N GLN J 60 -33.70 -7.80 -26.61
CA GLN J 60 -33.20 -7.07 -27.78
C GLN J 60 -34.18 -7.13 -28.94
N LEU J 61 -34.84 -8.29 -29.15
CA LEU J 61 -35.80 -8.39 -30.25
C LEU J 61 -37.06 -7.57 -29.99
N LEU J 62 -37.62 -7.67 -28.79
CA LEU J 62 -38.86 -6.94 -28.52
C LEU J 62 -38.64 -5.44 -28.42
N ALA J 63 -37.41 -4.96 -28.31
CA ALA J 63 -37.25 -3.50 -28.28
C ALA J 63 -37.65 -2.86 -29.59
N GLU J 64 -37.79 -3.64 -30.66
CA GLU J 64 -38.12 -3.10 -31.97
C GLU J 64 -39.62 -3.05 -32.26
N ALA J 65 -40.45 -3.57 -31.38
CA ALA J 65 -41.89 -3.62 -31.65
C ALA J 65 -42.50 -2.26 -31.39
N ARG J 66 -43.25 -1.74 -32.35
CA ARG J 66 -43.96 -0.49 -32.12
C ARG J 66 -45.37 -0.66 -31.54
N SER J 67 -45.91 -1.87 -31.43
CA SER J 67 -47.25 -2.04 -30.90
C SER J 67 -47.31 -3.34 -30.11
N LEU J 68 -48.52 -3.78 -29.78
CA LEU J 68 -48.61 -5.07 -29.13
C LEU J 68 -48.77 -6.20 -30.14
N ASN J 69 -49.52 -5.98 -31.22
CA ASN J 69 -49.62 -6.99 -32.27
C ASN J 69 -48.26 -7.26 -32.86
N GLN J 70 -47.47 -6.22 -33.04
CA GLN J 70 -46.11 -6.39 -33.55
C GLN J 70 -45.26 -7.21 -32.58
N ALA J 71 -45.48 -7.04 -31.28
CA ALA J 71 -44.72 -7.85 -30.33
C ALA J 71 -45.13 -9.31 -30.40
N ASN J 72 -46.43 -9.60 -30.34
CA ASN J 72 -46.85 -10.99 -30.47
C ASN J 72 -46.41 -11.60 -31.80
N ASP J 73 -46.28 -10.79 -32.84
CA ASP J 73 -45.86 -11.34 -34.13
C ASP J 73 -44.37 -11.63 -34.15
N ILE J 74 -43.56 -10.73 -33.59
CA ILE J 74 -42.13 -10.99 -33.52
C ILE J 74 -41.85 -12.15 -32.58
N ALA J 75 -42.58 -12.24 -31.49
CA ALA J 75 -42.42 -13.23 -30.44
C ALA J 75 -43.25 -14.45 -30.66
N ALA J 76 -43.85 -14.58 -31.84
CA ALA J 76 -44.70 -15.74 -32.09
C ALA J 76 -43.93 -17.03 -31.86
N ASP J 77 -42.73 -17.13 -32.40
CA ASP J 77 -41.96 -18.36 -32.35
C ASP J 77 -41.02 -18.46 -31.14
N PHE J 78 -41.12 -17.53 -30.19
CA PHE J 78 -40.18 -17.54 -29.06
C PHE J 78 -40.06 -18.90 -28.40
N GLY J 79 -41.09 -19.71 -28.44
CA GLY J 79 -41.04 -21.01 -27.81
C GLY J 79 -41.91 -20.97 -26.56
N SER J 80 -42.47 -22.12 -26.19
CA SER J 80 -43.50 -22.13 -25.16
C SER J 80 -42.93 -21.94 -23.76
N LYS J 81 -41.69 -22.36 -23.49
CA LYS J 81 -41.14 -22.25 -22.15
C LYS J 81 -40.53 -20.89 -21.88
N SER J 82 -40.53 -20.00 -22.87
CA SER J 82 -39.91 -18.69 -22.71
C SER J 82 -40.68 -17.84 -21.71
N LEU J 83 -39.96 -16.93 -21.05
CA LEU J 83 -40.59 -16.05 -20.08
C LEU J 83 -41.34 -14.90 -20.75
N SER J 84 -40.75 -14.29 -21.78
CA SER J 84 -41.41 -13.19 -22.44
C SER J 84 -42.71 -13.64 -23.10
N LEU J 85 -42.74 -14.84 -23.65
CA LEU J 85 -44.01 -15.34 -24.16
C LEU J 85 -45.01 -15.47 -23.04
N HIS J 86 -44.55 -15.73 -21.82
CA HIS J 86 -45.46 -15.83 -20.69
C HIS J 86 -46.02 -14.46 -20.32
N LEU J 87 -45.19 -13.42 -20.33
CA LEU J 87 -45.67 -12.09 -20.02
C LEU J 87 -46.63 -11.59 -21.09
N LEU J 88 -46.24 -11.70 -22.37
CA LEU J 88 -47.12 -11.31 -23.46
C LEU J 88 -48.45 -12.05 -23.42
N ASN J 89 -48.44 -13.37 -23.17
CA ASN J 89 -49.70 -14.08 -23.07
C ASN J 89 -50.52 -13.61 -21.89
N GLU J 90 -49.86 -13.15 -20.83
CA GLU J 90 -50.62 -12.63 -19.70
C GLU J 90 -51.33 -11.33 -20.06
N ALA J 91 -50.61 -10.39 -20.69
CA ALA J 91 -51.23 -9.12 -21.08
C ALA J 91 -52.36 -9.34 -22.08
N GLN J 92 -52.08 -10.08 -23.15
CA GLN J 92 -53.11 -10.34 -24.15
C GLN J 92 -54.32 -10.97 -23.49
N ASN J 93 -54.11 -11.90 -22.55
CA ASN J 93 -55.24 -12.54 -21.87
C ASN J 93 -56.04 -11.54 -21.06
N GLU J 94 -55.39 -10.52 -20.50
CA GLU J 94 -56.15 -9.49 -19.80
C GLU J 94 -56.94 -8.64 -20.77
N LEU J 95 -56.44 -8.47 -22.00
CA LEU J 95 -57.26 -7.80 -22.99
C LEU J 95 -58.47 -8.65 -23.38
N GLU J 96 -58.30 -9.97 -23.44
CA GLU J 96 -59.41 -10.81 -23.89
C GLU J 96 -60.49 -10.94 -22.80
N LEU J 97 -60.10 -11.09 -21.54
CA LEU J 97 -61.12 -11.20 -20.50
C LEU J 97 -61.88 -9.91 -20.28
N SER J 98 -61.28 -8.77 -20.60
CA SER J 98 -61.87 -7.46 -20.39
C SER J 98 -62.63 -6.95 -21.61
N GLU J 99 -62.79 -7.78 -22.63
CA GLU J 99 -63.45 -7.37 -23.86
C GLU J 99 -64.78 -6.72 -23.53
N GLY J 100 -64.99 -5.51 -24.06
CA GLY J 100 -66.23 -4.81 -23.81
C GLY J 100 -66.22 -3.80 -22.68
N SER J 101 -65.11 -3.65 -21.97
CA SER J 101 -65.07 -2.67 -20.89
C SER J 101 -64.86 -1.27 -21.43
N ASP J 102 -65.62 -0.31 -20.90
CA ASP J 102 -65.45 1.08 -21.29
C ASP J 102 -64.35 1.79 -20.52
N ASP J 103 -63.87 1.20 -19.42
CA ASP J 103 -62.88 1.86 -18.57
C ASP J 103 -61.52 1.30 -18.93
N ASN J 104 -60.72 2.11 -19.65
CA ASN J 104 -59.37 1.72 -20.00
C ASN J 104 -58.40 1.96 -18.85
N GLU J 105 -58.58 3.06 -18.10
CA GLU J 105 -57.71 3.31 -16.96
C GLU J 105 -57.70 2.14 -16.00
N GLY J 106 -58.75 1.32 -16.03
CA GLY J 106 -58.78 0.07 -15.31
C GLY J 106 -57.88 -1.01 -15.85
N ILE J 107 -58.06 -1.39 -17.11
CA ILE J 107 -57.30 -2.46 -17.73
C ILE J 107 -55.84 -2.34 -17.39
N GLU J 109 -54.20 -0.82 -14.93
CA GLU J 109 -53.95 -1.25 -13.56
C GLU J 109 -53.88 -2.76 -13.48
N ARG J 110 -54.98 -3.43 -13.83
CA ARG J 110 -55.04 -4.88 -13.65
C ARG J 110 -53.90 -5.58 -14.34
N THR J 111 -53.44 -5.08 -15.47
CA THR J 111 -52.33 -5.74 -16.14
C THR J 111 -51.05 -5.65 -15.32
N SER J 112 -50.68 -4.46 -14.87
CA SER J 112 -49.45 -4.35 -14.09
C SER J 112 -49.48 -5.30 -12.91
N PHE J 113 -50.58 -5.28 -12.15
CA PHE J 113 -50.72 -6.18 -11.01
C PHE J 113 -50.38 -7.60 -11.41
N ARG J 114 -50.86 -8.06 -12.55
CA ARG J 114 -50.50 -9.39 -13.00
C ARG J 114 -49.02 -9.47 -13.27
N LEU J 115 -48.53 -8.64 -14.18
CA LEU J 115 -47.15 -8.78 -14.64
C LEU J 115 -46.17 -8.64 -13.49
N GLU J 116 -46.25 -7.54 -12.75
CA GLU J 116 -45.27 -7.34 -11.69
C GLU J 116 -45.36 -8.41 -10.62
N ARG J 117 -46.46 -9.15 -10.56
CA ARG J 117 -46.45 -10.32 -9.66
C ARG J 117 -45.86 -11.55 -10.33
N ARG J 118 -46.20 -11.79 -11.61
CA ARG J 118 -45.60 -12.90 -12.35
C ARG J 118 -44.08 -12.85 -12.22
N VAL J 119 -43.48 -11.71 -12.57
CA VAL J 119 -42.06 -11.51 -12.36
C VAL J 119 -41.67 -11.83 -10.94
N ALA J 120 -42.37 -11.23 -9.97
CA ALA J 120 -42.07 -11.51 -8.57
C ALA J 120 -42.07 -13.02 -8.31
N ALA J 121 -43.06 -13.73 -8.84
CA ALA J 121 -43.12 -15.18 -8.63
C ALA J 121 -41.88 -15.86 -9.18
N VAL J 122 -41.46 -15.48 -10.38
CA VAL J 122 -40.26 -16.08 -10.95
C VAL J 122 -39.06 -15.82 -10.05
N GLY J 123 -39.02 -14.64 -9.42
CA GLY J 123 -37.97 -14.39 -8.46
C GLY J 123 -37.87 -15.48 -7.41
N ARG J 124 -39.02 -15.86 -6.83
CA ARG J 124 -38.98 -16.90 -5.80
C ARG J 124 -38.56 -18.26 -6.37
N GLN J 125 -38.77 -18.51 -7.66
CA GLN J 125 -38.30 -19.76 -8.21
C GLN J 125 -36.80 -19.75 -8.46
N MET J 126 -36.21 -18.57 -8.58
CA MET J 126 -34.76 -18.53 -8.73
C MET J 126 -34.07 -18.76 -7.40
N GLY J 127 -34.63 -18.21 -6.33
CA GLY J 127 -34.06 -18.32 -5.01
C GLY J 127 -34.40 -19.59 -4.29
N ARG J 128 -35.09 -20.51 -4.97
CA ARG J 128 -35.25 -21.85 -4.45
C ARG J 128 -33.90 -22.52 -4.34
N GLY J 129 -33.60 -23.08 -3.18
CA GLY J 129 -32.31 -23.64 -2.91
C GLY J 129 -31.29 -22.68 -2.36
N ASN J 130 -31.51 -21.37 -2.53
CA ASN J 130 -30.60 -20.41 -1.91
C ASN J 130 -30.65 -20.52 -0.39
N GLY J 131 -31.75 -21.02 0.16
CA GLY J 131 -31.80 -21.27 1.59
C GLY J 131 -30.70 -22.24 2.03
N TYR J 132 -30.46 -23.29 1.23
CA TYR J 132 -29.43 -24.25 1.59
C TYR J 132 -28.05 -23.62 1.63
N LEU J 133 -27.65 -22.95 0.55
CA LEU J 133 -26.34 -22.30 0.53
C LEU J 133 -26.22 -21.30 1.66
N ALA J 134 -27.27 -20.50 1.90
CA ALA J 134 -27.21 -19.51 2.98
C ALA J 134 -27.02 -20.17 4.33
N THR J 135 -27.76 -21.24 4.61
CA THR J 135 -27.65 -21.90 5.90
C THR J 135 -26.32 -22.62 6.05
N ILE J 136 -25.85 -23.28 4.99
CA ILE J 136 -24.58 -24.00 5.04
C ILE J 136 -23.43 -23.04 5.29
N GLY J 137 -23.38 -21.95 4.53
CA GLY J 137 -22.36 -20.95 4.79
C GLY J 137 -22.52 -20.26 6.12
N ALA J 138 -23.72 -20.23 6.67
CA ALA J 138 -23.93 -19.53 7.94
C ALA J 138 -23.48 -20.38 9.12
N ILE J 139 -23.88 -21.65 9.16
CA ILE J 139 -23.58 -22.50 10.31
C ILE J 139 -22.32 -23.35 10.15
N SER J 140 -21.74 -23.44 8.95
CA SER J 140 -20.56 -24.28 8.77
C SER J 140 -19.38 -23.85 9.61
N PRO J 141 -18.99 -22.58 9.67
CA PRO J 141 -17.88 -22.23 10.57
C PRO J 141 -18.20 -22.53 12.04
N PHE J 142 -19.46 -22.45 12.44
CA PHE J 142 -19.80 -22.74 13.83
C PHE J 142 -19.78 -24.23 14.12
N VAL J 143 -20.21 -25.06 13.17
CA VAL J 143 -20.09 -26.50 13.37
C VAL J 143 -18.62 -26.89 13.39
N GLY J 144 -17.81 -26.26 12.52
CA GLY J 144 -16.37 -26.47 12.61
C GLY J 144 -15.83 -26.11 13.98
N LEU J 145 -16.22 -24.95 14.50
CA LEU J 145 -15.79 -24.56 15.84
C LEU J 145 -16.18 -25.60 16.88
N PHE J 146 -17.37 -26.18 16.75
CA PHE J 146 -17.76 -27.25 17.66
C PHE J 146 -16.82 -28.43 17.54
N GLY J 147 -16.44 -28.78 16.30
CA GLY J 147 -15.45 -29.83 16.10
C GLY J 147 -14.16 -29.57 16.85
N THR J 148 -13.63 -28.34 16.73
CA THR J 148 -12.36 -28.08 17.39
C THR J 148 -12.53 -28.11 18.91
N VAL J 149 -13.63 -27.57 19.43
CA VAL J 149 -13.82 -27.57 20.87
C VAL J 149 -13.93 -28.99 21.40
N TRP J 150 -14.62 -29.87 20.66
CA TRP J 150 -14.65 -31.27 21.05
C TRP J 150 -13.26 -31.88 21.02
N GLY J 151 -12.48 -31.54 20.01
CA GLY J 151 -11.14 -32.08 19.92
C GLY J 151 -10.25 -31.71 21.08
N ILE J 152 -10.05 -30.42 21.34
CA ILE J 152 -9.17 -30.08 22.45
C ILE J 152 -9.76 -30.54 23.77
N MET J 153 -11.08 -30.69 23.84
CA MET J 153 -11.66 -31.31 25.04
C MET J 153 -11.17 -32.75 25.20
N ASN J 154 -11.17 -33.53 24.11
CA ASN J 154 -10.62 -34.88 24.19
C ASN J 154 -9.14 -34.85 24.53
N SER J 155 -8.43 -33.79 24.15
CA SER J 155 -7.04 -33.67 24.57
C SER J 155 -6.93 -33.52 26.08
N PHE J 156 -7.71 -32.62 26.67
CA PHE J 156 -7.66 -32.48 28.13
C PHE J 156 -8.12 -33.74 28.84
N ILE J 157 -9.04 -34.49 28.23
CA ILE J 157 -9.36 -35.81 28.74
C ILE J 157 -8.14 -36.73 28.67
N GLY J 158 -7.33 -36.56 27.61
CA GLY J 158 -6.16 -37.41 27.42
C GLY J 158 -5.11 -37.32 28.52
N ILE J 159 -4.82 -36.12 28.99
CA ILE J 159 -3.84 -35.90 30.05
C ILE J 159 -4.37 -36.29 31.43
N ALA J 160 -5.62 -36.75 31.52
CA ALA J 160 -6.31 -36.73 32.82
C ALA J 160 -6.01 -37.81 33.91
N GLN J 161 -6.20 -39.13 33.75
CA GLN J 161 -5.95 -40.03 32.61
C GLN J 161 -4.47 -40.02 32.20
N THR J 162 -3.64 -40.66 33.02
CA THR J 162 -2.21 -40.91 32.86
C THR J 162 -1.35 -39.74 33.30
N GLN J 163 -1.90 -38.56 33.53
CA GLN J 163 -1.20 -37.44 34.15
C GLN J 163 0.07 -37.04 33.39
N THR J 164 0.15 -37.40 32.11
CA THR J 164 1.19 -36.90 31.24
C THR J 164 0.92 -35.46 30.86
N THR J 165 1.95 -34.63 30.81
CA THR J 165 1.89 -33.39 30.07
C THR J 165 3.14 -33.23 29.21
N ASN J 166 2.96 -33.51 27.93
CA ASN J 166 3.87 -33.21 26.83
C ASN J 166 3.24 -33.99 25.72
N LEU J 167 3.74 -33.79 24.55
CA LEU J 167 2.97 -33.93 23.33
C LEU J 167 2.24 -35.26 23.06
N ALA J 168 2.89 -36.42 23.33
CA ALA J 168 2.41 -37.70 22.76
C ALA J 168 0.92 -37.98 23.00
N VAL J 169 0.26 -37.21 23.88
CA VAL J 169 -1.16 -37.35 24.20
C VAL J 169 -1.96 -36.25 23.53
N VAL J 170 -1.63 -34.99 23.85
CA VAL J 170 -2.32 -33.84 23.28
C VAL J 170 -2.30 -33.86 21.76
N ALA J 171 -1.33 -34.55 21.14
CA ALA J 171 -1.10 -34.35 19.71
C ALA J 171 -2.24 -34.86 18.84
N PRO J 172 -2.71 -36.10 18.98
CA PRO J 172 -3.85 -36.52 18.14
C PRO J 172 -5.08 -35.65 18.30
N GLY J 173 -5.40 -35.26 19.54
CA GLY J 173 -6.56 -34.41 19.76
C GLY J 173 -6.42 -33.06 19.08
N ILE J 174 -5.26 -32.42 19.20
CA ILE J 174 -5.07 -31.13 18.55
C ILE J 174 -5.12 -31.31 17.04
N ALA J 175 -4.58 -32.41 16.52
CA ALA J 175 -4.69 -32.69 15.10
C ALA J 175 -6.15 -32.76 14.66
N GLU J 176 -7.00 -33.42 15.45
CA GLU J 176 -8.40 -33.51 15.06
C GLU J 176 -9.12 -32.18 15.22
N ALA J 177 -8.67 -31.32 16.13
CA ALA J 177 -9.28 -29.99 16.22
C ALA J 177 -8.93 -29.13 15.02
N LEU J 178 -7.63 -29.04 14.69
CA LEU J 178 -7.27 -28.24 13.52
C LEU J 178 -7.88 -28.82 12.26
N LEU J 179 -8.09 -30.14 12.20
CA LEU J 179 -8.85 -30.68 11.09
C LEU J 179 -10.28 -30.19 11.11
N ALA J 180 -10.88 -30.07 12.30
CA ALA J 180 -12.26 -29.61 12.37
C ALA J 180 -12.39 -28.18 11.85
N THR J 181 -11.50 -27.29 12.30
CA THR J 181 -11.54 -25.92 11.77
C THR J 181 -11.29 -25.90 10.27
N ALA J 182 -10.32 -26.68 9.80
CA ALA J 182 -10.01 -26.71 8.37
C ALA J 182 -11.24 -27.12 7.54
N ILE J 183 -11.88 -28.23 7.90
CA ILE J 183 -13.03 -28.65 7.13
C ILE J 183 -14.17 -27.65 7.27
N GLY J 184 -14.33 -27.06 8.46
CA GLY J 184 -15.33 -26.02 8.62
C GLY J 184 -15.13 -24.90 7.62
N LEU J 185 -13.89 -24.47 7.43
CA LEU J 185 -13.63 -23.40 6.47
C LEU J 185 -13.85 -23.87 5.04
N VAL J 186 -13.47 -25.10 4.71
CA VAL J 186 -13.63 -25.56 3.32
C VAL J 186 -15.10 -25.75 2.96
N ALA J 187 -15.94 -26.13 3.91
CA ALA J 187 -17.35 -26.15 3.58
C ALA J 187 -17.97 -24.76 3.64
N ALA J 188 -17.46 -23.89 4.51
CA ALA J 188 -18.12 -22.61 4.74
C ALA J 188 -17.87 -21.62 3.60
N ILE J 189 -16.62 -21.45 3.19
CA ILE J 189 -16.28 -20.36 2.26
C ILE J 189 -16.99 -20.51 0.91
N PRO J 190 -16.87 -21.62 0.18
CA PRO J 190 -17.60 -21.70 -1.09
C PRO J 190 -19.10 -21.54 -0.92
N ALA J 191 -19.67 -21.99 0.19
CA ALA J 191 -21.09 -21.77 0.41
C ALA J 191 -21.44 -20.29 0.46
N VAL J 192 -20.69 -19.49 1.21
CA VAL J 192 -21.06 -18.08 1.31
C VAL J 192 -20.77 -17.35 0.00
N VAL J 193 -19.62 -17.63 -0.62
CA VAL J 193 -19.30 -16.94 -1.87
C VAL J 193 -20.36 -17.25 -2.92
N ILE J 194 -20.69 -18.52 -3.09
CA ILE J 194 -21.73 -18.89 -4.05
C ILE J 194 -23.06 -18.24 -3.70
N TYR J 195 -23.38 -18.18 -2.40
CA TYR J 195 -24.64 -17.53 -2.02
C TYR J 195 -24.69 -16.07 -2.46
N ASN J 196 -23.59 -15.34 -2.26
CA ASN J 196 -23.60 -13.93 -2.67
C ASN J 196 -23.66 -13.79 -4.18
N VAL J 197 -22.95 -14.65 -4.91
CA VAL J 197 -23.05 -14.54 -6.36
C VAL J 197 -24.47 -14.86 -6.83
N PHE J 198 -25.16 -15.77 -6.15
CA PHE J 198 -26.54 -16.07 -6.53
C PHE J 198 -27.50 -14.94 -6.17
N ALA J 199 -27.27 -14.25 -5.04
CA ALA J 199 -28.08 -13.08 -4.75
C ALA J 199 -27.87 -11.99 -5.79
N ARG J 200 -26.61 -11.67 -6.10
CA ARG J 200 -26.33 -10.60 -7.06
C ARG J 200 -26.88 -10.95 -8.44
N GLN J 201 -26.61 -12.16 -8.92
CA GLN J 201 -27.06 -12.53 -10.25
C GLN J 201 -28.58 -12.67 -10.32
N ILE J 202 -29.20 -13.24 -9.29
CA ILE J 202 -30.66 -13.30 -9.26
C ILE J 202 -31.23 -11.89 -9.28
N GLY J 203 -30.58 -10.96 -8.60
CA GLY J 203 -30.99 -9.56 -8.70
C GLY J 203 -30.94 -9.05 -10.14
N GLY J 204 -29.81 -9.28 -10.82
CA GLY J 204 -29.70 -8.80 -12.19
C GLY J 204 -30.70 -9.42 -13.15
N PHE J 205 -30.97 -10.71 -12.98
CA PHE J 205 -31.94 -11.37 -13.86
C PHE J 205 -33.35 -10.92 -13.57
N LYS J 206 -33.76 -11.00 -12.30
CA LYS J 206 -35.09 -10.52 -11.96
C LYS J 206 -35.28 -9.09 -12.45
N ALA J 207 -34.22 -8.28 -12.39
CA ALA J 207 -34.31 -6.92 -12.92
C ALA J 207 -34.52 -6.94 -14.42
N MET J 208 -33.76 -7.75 -15.15
CA MET J 208 -33.92 -7.83 -16.60
C MET J 208 -35.35 -8.23 -16.96
N LEU J 209 -35.88 -9.25 -16.30
CA LEU J 209 -37.28 -9.60 -16.48
C LEU J 209 -38.17 -8.40 -16.20
N GLY J 210 -37.88 -7.64 -15.15
CA GLY J 210 -38.63 -6.41 -14.90
C GLY J 210 -38.60 -5.46 -16.08
N ASP J 211 -37.48 -5.41 -16.79
CA ASP J 211 -37.38 -4.53 -17.94
C ASP J 211 -38.27 -5.01 -19.09
N VAL J 212 -38.29 -6.31 -19.36
CA VAL J 212 -39.17 -6.82 -20.41
C VAL J 212 -40.63 -6.62 -20.02
N ALA J 213 -40.99 -6.95 -18.79
CA ALA J 213 -42.35 -6.70 -18.32
C ALA J 213 -42.72 -5.24 -18.52
N ALA J 214 -41.81 -4.32 -18.18
CA ALA J 214 -42.10 -2.90 -18.38
C ALA J 214 -42.34 -2.59 -19.84
N GLN J 215 -41.61 -3.25 -20.74
CA GLN J 215 -41.87 -3.06 -22.17
C GLN J 215 -43.29 -3.46 -22.53
N VAL J 216 -43.75 -4.60 -22.03
CA VAL J 216 -45.12 -5.01 -22.32
C VAL J 216 -46.12 -3.99 -21.78
N LEU J 217 -45.95 -3.55 -20.53
CA LEU J 217 -46.89 -2.59 -19.99
C LEU J 217 -46.94 -1.33 -20.84
N LEU J 218 -45.77 -0.82 -21.23
CA LEU J 218 -45.73 0.38 -22.06
C LEU J 218 -46.51 0.17 -23.35
N LEU J 219 -46.19 -0.88 -24.10
CA LEU J 219 -46.87 -1.08 -25.38
C LEU J 219 -48.37 -1.19 -25.21
N GLN J 220 -48.83 -1.97 -24.22
CA GLN J 220 -50.26 -2.12 -24.04
C GLN J 220 -50.92 -0.78 -23.74
N SER J 221 -50.34 -0.04 -22.79
CA SER J 221 -50.91 1.26 -22.43
C SER J 221 -50.99 2.16 -23.63
N ARG J 222 -49.89 2.27 -24.38
CA ARG J 222 -49.87 3.16 -25.53
C ARG J 222 -50.93 2.78 -26.55
N ASP J 223 -51.11 1.48 -26.82
CA ASP J 223 -52.15 1.14 -27.80
C ASP J 223 -53.55 1.45 -27.28
N LEU J 224 -53.82 1.19 -26.00
CA LEU J 224 -55.15 1.54 -25.50
C LEU J 224 -55.41 3.04 -25.58
N ASP J 225 -54.40 3.85 -25.29
CA ASP J 225 -54.59 5.30 -25.41
C ASP J 225 -54.82 5.70 -26.86
N LEU J 226 -54.05 5.11 -27.78
CA LEU J 226 -54.23 5.48 -29.17
C LEU J 226 -55.59 5.05 -29.71
N GLU J 227 -56.13 3.94 -29.23
CA GLU J 227 -57.47 3.55 -29.65
C GLU J 227 -58.51 4.50 -29.08
N ALA J 228 -58.44 4.79 -27.78
CA ALA J 228 -59.43 5.68 -27.19
C ALA J 228 -59.37 7.08 -27.80
N SER J 229 -58.17 7.59 -28.08
CA SER J 229 -58.06 8.90 -28.69
C SER J 229 -58.46 8.90 -30.16
N ALA J 230 -58.28 7.79 -30.86
CA ALA J 230 -58.64 7.77 -32.27
C ALA J 230 -60.16 7.71 -32.48
N ALA J 231 -60.90 7.11 -31.55
CA ALA J 231 -62.35 7.05 -31.67
C ALA J 231 -63.06 8.16 -30.89
N ALA J 232 -62.32 9.12 -30.35
CA ALA J 232 -62.94 10.33 -29.80
C ALA J 232 -63.01 11.46 -30.82
N HIS J 233 -61.94 11.65 -31.58
CA HIS J 233 -61.85 12.69 -32.60
C HIS J 233 -61.46 12.02 -33.91
N PRO J 234 -62.43 11.40 -34.61
CA PRO J 234 -62.18 10.69 -35.86
C PRO J 234 -61.69 11.61 -36.98
N PRO K 22 15.68 11.21 -11.06
CA PRO K 22 16.64 11.99 -10.27
C PRO K 22 17.73 12.70 -11.09
N PHE K 23 17.88 12.37 -12.37
CA PHE K 23 18.69 13.25 -13.22
C PHE K 23 17.92 13.62 -14.47
N ILE K 24 17.58 12.64 -15.31
CA ILE K 24 16.83 12.95 -16.52
C ILE K 24 15.55 13.67 -16.16
N ASP K 25 15.04 13.51 -14.93
CA ASP K 25 13.80 14.16 -14.51
C ASP K 25 13.77 15.64 -14.90
N VAL K 26 14.92 16.31 -14.90
CA VAL K 26 15.00 17.65 -15.48
C VAL K 26 14.57 17.62 -16.95
N MET K 27 15.25 16.78 -17.75
CA MET K 27 14.94 16.68 -19.17
C MET K 27 13.50 16.20 -19.41
N LEU K 28 13.07 15.21 -18.63
CA LEU K 28 11.71 14.68 -18.71
C LEU K 28 10.68 15.75 -18.46
N VAL K 29 10.83 16.51 -17.38
CA VAL K 29 9.81 17.50 -17.03
C VAL K 29 9.87 18.68 -17.97
N LEU K 30 11.03 19.01 -18.52
CA LEU K 30 11.08 20.10 -19.48
C LEU K 30 10.43 19.68 -20.80
N LEU K 31 10.67 18.45 -21.25
CA LEU K 31 9.99 17.97 -22.45
C LEU K 31 8.49 17.86 -22.23
N ILE K 32 8.08 17.34 -21.07
CA ILE K 32 6.66 17.33 -20.73
C ILE K 32 6.09 18.73 -20.76
N ILE K 33 6.81 19.69 -20.18
CA ILE K 33 6.30 21.06 -20.10
C ILE K 33 6.21 21.69 -21.49
N PHE K 34 7.02 21.23 -22.44
CA PHE K 34 6.81 21.72 -23.80
C PHE K 34 5.67 20.98 -24.49
N MET K 35 5.37 19.74 -24.09
CA MET K 35 4.16 19.07 -24.60
C MET K 35 2.89 19.63 -23.98
N VAL K 36 2.98 20.25 -22.81
CA VAL K 36 1.85 20.95 -22.21
C VAL K 36 1.70 22.35 -22.77
N ALA K 37 2.82 23.03 -22.99
CA ALA K 37 2.80 24.43 -23.44
C ALA K 37 2.54 24.56 -24.93
N ALA K 38 2.93 23.57 -25.74
CA ALA K 38 2.71 23.65 -27.18
C ALA K 38 1.21 23.56 -27.51
N PRO K 39 0.43 22.71 -26.84
CA PRO K 39 -1.04 22.85 -26.93
C PRO K 39 -1.57 24.12 -26.27
N LEU K 40 -0.95 24.61 -25.19
CA LEU K 40 -1.33 25.92 -24.68
C LEU K 40 -1.15 27.01 -25.74
N ALA K 41 -0.31 26.75 -26.74
CA ALA K 41 0.00 27.75 -27.75
C ALA K 41 -1.24 28.11 -28.58
N THR K 42 -1.91 27.10 -29.13
CA THR K 42 -3.12 27.32 -29.91
C THR K 42 -4.33 27.51 -28.97
N VAL K 43 -5.41 28.18 -29.40
CA VAL K 43 -5.52 28.82 -30.71
C VAL K 43 -5.80 30.35 -30.58
N ASP K 44 -6.93 30.81 -30.02
CA ASP K 44 -8.10 30.05 -29.59
C ASP K 44 -9.15 30.16 -30.69
N PRO L 22 -21.49 -13.05 16.90
CA PRO L 22 -21.37 -14.24 16.04
C PRO L 22 -20.05 -14.30 15.27
N PHE L 23 -19.33 -13.19 15.24
CA PHE L 23 -17.93 -13.24 14.89
C PHE L 23 -17.05 -13.36 16.13
N ILE L 24 -17.68 -13.62 17.26
CA ILE L 24 -17.00 -14.09 18.47
C ILE L 24 -16.13 -15.28 18.13
N ASP L 25 -16.42 -15.96 17.02
CA ASP L 25 -15.52 -17.00 16.51
C ASP L 25 -14.07 -16.52 16.47
N VAL L 26 -13.85 -15.26 16.06
CA VAL L 26 -12.52 -14.67 16.11
C VAL L 26 -12.02 -14.56 17.54
N MET L 27 -12.90 -14.15 18.46
CA MET L 27 -12.53 -14.07 19.86
C MET L 27 -12.14 -15.44 20.41
N LEU L 28 -12.87 -16.49 20.01
CA LEU L 28 -12.51 -17.85 20.39
C LEU L 28 -11.21 -18.27 19.73
N VAL L 29 -10.88 -17.69 18.59
CA VAL L 29 -9.56 -17.92 18.01
C VAL L 29 -8.48 -17.36 18.91
N LEU L 30 -8.70 -16.16 19.46
CA LEU L 30 -7.66 -15.57 20.31
C LEU L 30 -7.61 -16.20 21.70
N LEU L 31 -8.75 -16.58 22.28
CA LEU L 31 -8.72 -17.20 23.61
C LEU L 31 -8.34 -18.67 23.55
N ILE L 32 -8.74 -19.38 22.50
CA ILE L 32 -8.29 -20.76 22.32
C ILE L 32 -6.80 -20.79 21.97
N ILE L 33 -6.38 -19.94 21.04
CA ILE L 33 -4.96 -19.75 20.80
C ILE L 33 -4.27 -19.14 22.02
N PHE L 34 -5.03 -18.64 22.99
CA PHE L 34 -4.44 -18.37 24.28
C PHE L 34 -4.29 -19.63 25.10
N MET L 35 -5.20 -20.60 24.92
CA MET L 35 -4.94 -21.94 25.44
C MET L 35 -3.75 -22.59 24.78
N VAL L 36 -3.36 -22.11 23.59
CA VAL L 36 -2.10 -22.58 23.01
C VAL L 36 -0.94 -22.24 23.93
N ALA L 37 -1.08 -21.20 24.76
CA ALA L 37 0.03 -20.76 25.60
C ALA L 37 0.25 -21.68 26.80
N ALA L 38 -0.82 -22.11 27.47
CA ALA L 38 -0.65 -22.76 28.76
C ALA L 38 -0.04 -24.16 28.67
N PRO L 39 -0.58 -25.11 27.88
CA PRO L 39 0.10 -26.42 27.79
C PRO L 39 1.42 -26.41 27.04
N LEU L 40 1.59 -25.59 26.00
CA LEU L 40 2.85 -25.61 25.26
C LEU L 40 4.03 -25.30 26.18
N ALA L 41 3.85 -24.44 27.15
CA ALA L 41 4.91 -24.15 28.12
C ALA L 41 4.93 -25.28 29.16
N THR L 42 5.66 -25.05 30.25
CA THR L 42 5.80 -26.02 31.34
C THR L 42 6.25 -27.38 30.80
N VAL L 43 7.48 -27.39 30.28
CA VAL L 43 8.13 -28.62 29.85
C VAL L 43 9.58 -28.61 30.31
#